data_5I9K
# 
_entry.id   5I9K 
# 
_audit_conform.dict_name       mmcif_pdbx.dic 
_audit_conform.dict_version    5.403 
_audit_conform.dict_location   http://mmcif.pdb.org/dictionaries/ascii/mmcif_pdbx.dic 
# 
loop_
_database_2.database_id 
_database_2.database_code 
_database_2.pdbx_database_accession 
_database_2.pdbx_DOI 
PDB   5I9K         pdb_00005i9k 10.2210/pdb5i9k/pdb 
WWPDB D_1000218194 ?            ?                   
EMDB  EMD-8076     ?            ?                   
# 
loop_
_pdbx_audit_revision_history.ordinal 
_pdbx_audit_revision_history.data_content_type 
_pdbx_audit_revision_history.major_revision 
_pdbx_audit_revision_history.minor_revision 
_pdbx_audit_revision_history.revision_date 
_pdbx_audit_revision_history.part_number 
1  'Structure model' 1 0 2017-07-12 ? 
2  'EM metadata'     1 0 2017-07-12 ? 
3  Image             1 0 2017-07-12 ? 
4  'Primary map'     1 0 2017-07-12 ? 
5  'Structure model' 1 1 2017-08-23 ? 
6  'EM metadata'     1 0 2017-07-12 ? 
7  Image             1 0 2017-07-12 ? 
8  'Primary map'     1 0 2017-07-12 ? 
9  'Structure model' 1 2 2025-05-07 ? 
10 'EM metadata'     1 1 2025-05-07 ? 
# 
loop_
_pdbx_audit_revision_details.ordinal 
_pdbx_audit_revision_details.revision_ordinal 
_pdbx_audit_revision_details.data_content_type 
_pdbx_audit_revision_details.provider 
_pdbx_audit_revision_details.type 
_pdbx_audit_revision_details.description 
_pdbx_audit_revision_details.details 
1 1 'Structure model' repository 'Initial release' ? ? 
2 2 'EM metadata'     repository 'Initial release' ? ? 
3 3 Image             repository 'Initial release' ? ? 
4 4 'Primary map'     repository 'Initial release' ? ? 
5 6 'EM metadata'     repository 'Initial release' ? ? 
6 7 Image             repository 'Initial release' ? ? 
7 8 'Primary map'     repository 'Initial release' ? ? 
# 
loop_
_pdbx_audit_revision_group.ordinal 
_pdbx_audit_revision_group.revision_ordinal 
_pdbx_audit_revision_group.data_content_type 
_pdbx_audit_revision_group.group 
1 5  'Structure model' 'Data collection'      
2 5  'Structure model' 'Database references'  
3 9  'Structure model' 'Data collection'      
4 9  'Structure model' 'Database references'  
5 9  'Structure model' 'Structure summary'    
6 10 'EM metadata'     'Database references'  
7 10 'EM metadata'     'Experimental summary' 
# 
loop_
_pdbx_audit_revision_category.ordinal 
_pdbx_audit_revision_category.revision_ordinal 
_pdbx_audit_revision_category.data_content_type 
_pdbx_audit_revision_category.category 
1  5  'Structure model' citation           
2  5  'Structure model' citation_author    
3  5  'Structure model' em_image_scans     
4  9  'Structure model' chem_comp_atom     
5  9  'Structure model' chem_comp_bond     
6  9  'Structure model' database_2         
7  9  'Structure model' em_admin           
8  9  'Structure model' em_author_list     
9  9  'Structure model' pdbx_entry_details 
10 10 'EM metadata'     database_2         
11 10 'EM metadata'     em_admin           
12 10 'EM metadata'     em_author_list     
# 
loop_
_pdbx_audit_revision_item.ordinal 
_pdbx_audit_revision_item.revision_ordinal 
_pdbx_audit_revision_item.data_content_type 
_pdbx_audit_revision_item.item 
1  5  'Structure model' '_citation.country'                   
2  5  'Structure model' '_citation.journal_abbrev'            
3  5  'Structure model' '_citation.journal_id_CSD'            
4  5  'Structure model' '_citation.journal_id_ISSN'           
5  5  'Structure model' '_citation.journal_volume'            
6  5  'Structure model' '_citation.page_first'                
7  5  'Structure model' '_citation.page_last'                 
8  5  'Structure model' '_citation.pdbx_database_id_DOI'      
9  5  'Structure model' '_citation.pdbx_database_id_PubMed'   
10 5  'Structure model' '_citation.title'                     
11 5  'Structure model' '_citation.year'                      
12 5  'Structure model' '_citation_author.name'               
13 9  'Structure model' '_database_2.pdbx_DOI'                
14 9  'Structure model' '_database_2.pdbx_database_accession' 
15 9  'Structure model' '_em_admin.last_update'               
16 10 'EM metadata'     '_database_2.pdbx_DOI'                
17 10 'EM metadata'     '_database_2.pdbx_database_accession' 
18 10 'EM metadata'     '_em_admin.last_update'               
# 
loop_
_database_PDB_caveat.id 
_database_PDB_caveat.text 
1 'PC1 A 202 HAS WRONG CHIRALITY AT ATOM C2' 
2 'PC1 A 203 HAS WRONG CHIRALITY AT ATOM C2' 
# 
_pdbx_database_status.status_code                     REL 
_pdbx_database_status.status_code_sf                  REL 
_pdbx_database_status.status_code_mr                  ? 
_pdbx_database_status.entry_id                        5I9K 
_pdbx_database_status.recvd_initial_deposition_date   2016-02-20 
_pdbx_database_status.SG_entry                        N 
_pdbx_database_status.deposit_site                    RCSB 
_pdbx_database_status.process_site                    PDBE 
_pdbx_database_status.status_code_cs                  ? 
_pdbx_database_status.methods_development_category    ? 
_pdbx_database_status.pdb_format_compatible           Y 
_pdbx_database_status.status_code_nmr_data            ? 
# 
_pdbx_database_related.db_name        EMDB 
_pdbx_database_related.details        . 
_pdbx_database_related.db_id          EMD-8076 
_pdbx_database_related.content_type   'associated EM volume' 
# 
loop_
_audit_author.name 
_audit_author.pdbx_ordinal 
_audit_author.identifier_ORCID 
'Kuang, Q.'       1 ? 
'Purhonen, P.'    2 ? 
'Jegerschold, C.' 3 ? 
'Morgenstern, R.' 4 ? 
'Hebert, H.'      5 ? 
# 
_citation.abstract                  ? 
_citation.abstract_id_CAS           ? 
_citation.book_id_ISBN              ? 
_citation.book_publisher            ? 
_citation.book_publisher_city       ? 
_citation.book_title                ? 
_citation.coordinate_linkage        ? 
_citation.country                   UK 
_citation.database_id_Medline       ? 
_citation.details                   ? 
_citation.id                        primary 
_citation.journal_abbrev            'Sci Rep' 
_citation.journal_id_ASTM           ? 
_citation.journal_id_CSD            ? 
_citation.journal_id_ISSN           2045-2322 
_citation.journal_full              ? 
_citation.journal_issue             ? 
_citation.journal_volume            7 
_citation.language                  ? 
_citation.page_first                7897 
_citation.page_last                 7897 
_citation.title                     
;Dead-end complex, lipid interactions and catalytic mechanism of microsomal glutathione transferase 1, an electron crystallography and mutagenesis investigation.
;
_citation.year                      2017 
_citation.database_id_CSD           ? 
_citation.pdbx_database_id_DOI      10.1038/s41598-017-07912-3 
_citation.pdbx_database_id_PubMed   28801553 
_citation.unpublished_flag          ? 
# 
loop_
_citation_author.citation_id 
_citation_author.name 
_citation_author.ordinal 
_citation_author.identifier_ORCID 
primary 'Kuang, Q.'            1  ? 
primary 'Purhonen, P.'         2  ? 
primary 'Alander, J.'          3  ? 
primary 'Svensson, R.'         4  ? 
primary 'Hoogland, V.'         5  ? 
primary 'Winerdal, J.'         6  ? 
primary 'Spahiu, L.'           7  ? 
primary 'Ottosson-Wadlund, A.' 8  ? 
primary 'Jegerschold, C.'      9  ? 
primary 'Morgenstern, R.'      10 ? 
primary 'Hebert, H.'           11 ? 
# 
loop_
_entity.id 
_entity.type 
_entity.src_method 
_entity.pdbx_description 
_entity.formula_weight 
_entity.pdbx_number_of_molecules 
_entity.pdbx_ec 
_entity.pdbx_mutation 
_entity.pdbx_fragment 
_entity.details 
1 polymer     man 'Microsomal glutathione S-transferase 1' 17492.488 1 2.5.1.18 ? ? ? 
2 non-polymer syn GLUTATHIONE                              307.323   1 ?        ? ? ? 
3 non-polymer syn 1,2-DIACYL-SN-GLYCERO-3-PHOSPHOCHOLINE   790.145   2 ?        ? ? ? 
4 non-polymer syn 'PALMITIC ACID'                          256.424   2 ?        ? ? ? 
# 
_entity_name_com.entity_id   1 
_entity_name_com.name        'Microsomal GST-1,Microsomal GST-I' 
# 
_entity_poly.entity_id                      1 
_entity_poly.type                           'polypeptide(L)' 
_entity_poly.nstd_linkage                   no 
_entity_poly.nstd_monomer                   no 
_entity_poly.pdbx_seq_one_letter_code       
;MADLKQLMDNEVLMAFTSYATIILAKMMFLSSATAFQRLTNKVFANPEDCAGFGKGENAKKFLRTDEKVERVRRAHLNDL
ENIVPFLGIGLLYSLSGPDLSTALIHFRIFVGARIYHTIAYLTPLPQPNRGLAFFVGYGVTLSMAYRLLRSRLYL
;
_entity_poly.pdbx_seq_one_letter_code_can   
;MADLKQLMDNEVLMAFTSYATIILAKMMFLSSATAFQRLTNKVFANPEDCAGFGKGENAKKFLRTDEKVERVRRAHLNDL
ENIVPFLGIGLLYSLSGPDLSTALIHFRIFVGARIYHTIAYLTPLPQPNRGLAFFVGYGVTLSMAYRLLRSRLYL
;
_entity_poly.pdbx_strand_id                 A 
_entity_poly.pdbx_target_identifier         ? 
# 
loop_
_pdbx_entity_nonpoly.entity_id 
_pdbx_entity_nonpoly.name 
_pdbx_entity_nonpoly.comp_id 
2 GLUTATHIONE                            GSH 
3 1,2-DIACYL-SN-GLYCERO-3-PHOSPHOCHOLINE PC1 
4 'PALMITIC ACID'                        PLM 
# 
loop_
_entity_poly_seq.entity_id 
_entity_poly_seq.num 
_entity_poly_seq.mon_id 
_entity_poly_seq.hetero 
1 1   MET n 
1 2   ALA n 
1 3   ASP n 
1 4   LEU n 
1 5   LYS n 
1 6   GLN n 
1 7   LEU n 
1 8   MET n 
1 9   ASP n 
1 10  ASN n 
1 11  GLU n 
1 12  VAL n 
1 13  LEU n 
1 14  MET n 
1 15  ALA n 
1 16  PHE n 
1 17  THR n 
1 18  SER n 
1 19  TYR n 
1 20  ALA n 
1 21  THR n 
1 22  ILE n 
1 23  ILE n 
1 24  LEU n 
1 25  ALA n 
1 26  LYS n 
1 27  MET n 
1 28  MET n 
1 29  PHE n 
1 30  LEU n 
1 31  SER n 
1 32  SER n 
1 33  ALA n 
1 34  THR n 
1 35  ALA n 
1 36  PHE n 
1 37  GLN n 
1 38  ARG n 
1 39  LEU n 
1 40  THR n 
1 41  ASN n 
1 42  LYS n 
1 43  VAL n 
1 44  PHE n 
1 45  ALA n 
1 46  ASN n 
1 47  PRO n 
1 48  GLU n 
1 49  ASP n 
1 50  CYS n 
1 51  ALA n 
1 52  GLY n 
1 53  PHE n 
1 54  GLY n 
1 55  LYS n 
1 56  GLY n 
1 57  GLU n 
1 58  ASN n 
1 59  ALA n 
1 60  LYS n 
1 61  LYS n 
1 62  PHE n 
1 63  LEU n 
1 64  ARG n 
1 65  THR n 
1 66  ASP n 
1 67  GLU n 
1 68  LYS n 
1 69  VAL n 
1 70  GLU n 
1 71  ARG n 
1 72  VAL n 
1 73  ARG n 
1 74  ARG n 
1 75  ALA n 
1 76  HIS n 
1 77  LEU n 
1 78  ASN n 
1 79  ASP n 
1 80  LEU n 
1 81  GLU n 
1 82  ASN n 
1 83  ILE n 
1 84  VAL n 
1 85  PRO n 
1 86  PHE n 
1 87  LEU n 
1 88  GLY n 
1 89  ILE n 
1 90  GLY n 
1 91  LEU n 
1 92  LEU n 
1 93  TYR n 
1 94  SER n 
1 95  LEU n 
1 96  SER n 
1 97  GLY n 
1 98  PRO n 
1 99  ASP n 
1 100 LEU n 
1 101 SER n 
1 102 THR n 
1 103 ALA n 
1 104 LEU n 
1 105 ILE n 
1 106 HIS n 
1 107 PHE n 
1 108 ARG n 
1 109 ILE n 
1 110 PHE n 
1 111 VAL n 
1 112 GLY n 
1 113 ALA n 
1 114 ARG n 
1 115 ILE n 
1 116 TYR n 
1 117 HIS n 
1 118 THR n 
1 119 ILE n 
1 120 ALA n 
1 121 TYR n 
1 122 LEU n 
1 123 THR n 
1 124 PRO n 
1 125 LEU n 
1 126 PRO n 
1 127 GLN n 
1 128 PRO n 
1 129 ASN n 
1 130 ARG n 
1 131 GLY n 
1 132 LEU n 
1 133 ALA n 
1 134 PHE n 
1 135 PHE n 
1 136 VAL n 
1 137 GLY n 
1 138 TYR n 
1 139 GLY n 
1 140 VAL n 
1 141 THR n 
1 142 LEU n 
1 143 SER n 
1 144 MET n 
1 145 ALA n 
1 146 TYR n 
1 147 ARG n 
1 148 LEU n 
1 149 LEU n 
1 150 ARG n 
1 151 SER n 
1 152 ARG n 
1 153 LEU n 
1 154 TYR n 
1 155 LEU n 
# 
_entity_src_gen.entity_id                          1 
_entity_src_gen.pdbx_src_id                        1 
_entity_src_gen.pdbx_alt_source_flag               sample 
_entity_src_gen.pdbx_seq_type                      'Biological sequence' 
_entity_src_gen.pdbx_beg_seq_num                   1 
_entity_src_gen.pdbx_end_seq_num                   155 
_entity_src_gen.gene_src_common_name               'Norway Rat' 
_entity_src_gen.gene_src_genus                     ? 
_entity_src_gen.pdbx_gene_src_gene                 'Mgst1, Gst12' 
_entity_src_gen.gene_src_species                   ? 
_entity_src_gen.gene_src_strain                    ? 
_entity_src_gen.gene_src_tissue                    ? 
_entity_src_gen.gene_src_tissue_fraction           ? 
_entity_src_gen.gene_src_details                   ? 
_entity_src_gen.pdbx_gene_src_fragment             ? 
_entity_src_gen.pdbx_gene_src_scientific_name      'Rattus norvegicus' 
_entity_src_gen.pdbx_gene_src_ncbi_taxonomy_id     10116 
_entity_src_gen.pdbx_gene_src_variant              ? 
_entity_src_gen.pdbx_gene_src_cell_line            ? 
_entity_src_gen.pdbx_gene_src_atcc                 ? 
_entity_src_gen.pdbx_gene_src_organ                ? 
_entity_src_gen.pdbx_gene_src_organelle            ? 
_entity_src_gen.pdbx_gene_src_cell                 ? 
_entity_src_gen.pdbx_gene_src_cellular_location    ? 
_entity_src_gen.host_org_common_name               ? 
_entity_src_gen.pdbx_host_org_scientific_name      'Escherichia coli' 
_entity_src_gen.pdbx_host_org_ncbi_taxonomy_id     562 
_entity_src_gen.host_org_genus                     ? 
_entity_src_gen.pdbx_host_org_gene                 ? 
_entity_src_gen.pdbx_host_org_organ                ? 
_entity_src_gen.host_org_species                   ? 
_entity_src_gen.pdbx_host_org_tissue               ? 
_entity_src_gen.pdbx_host_org_tissue_fraction      ? 
_entity_src_gen.pdbx_host_org_strain               ? 
_entity_src_gen.pdbx_host_org_variant              ? 
_entity_src_gen.pdbx_host_org_cell_line            ? 
_entity_src_gen.pdbx_host_org_atcc                 ? 
_entity_src_gen.pdbx_host_org_culture_collection   ? 
_entity_src_gen.pdbx_host_org_cell                 ? 
_entity_src_gen.pdbx_host_org_organelle            ? 
_entity_src_gen.pdbx_host_org_cellular_location    ? 
_entity_src_gen.pdbx_host_org_vector_type          Plasmid 
_entity_src_gen.pdbx_host_org_vector               ? 
_entity_src_gen.host_org_details                   ? 
_entity_src_gen.expression_system_id               ? 
_entity_src_gen.plasmid_name                       pSP19T7LT 
_entity_src_gen.plasmid_details                    ? 
_entity_src_gen.pdbx_description                   ? 
# 
loop_
_chem_comp.id 
_chem_comp.type 
_chem_comp.mon_nstd_flag 
_chem_comp.name 
_chem_comp.pdbx_synonyms 
_chem_comp.formula 
_chem_comp.formula_weight 
ALA 'L-peptide linking' y ALANINE                                ?                        'C3 H7 N O2'      89.093  
ARG 'L-peptide linking' y ARGININE                               ?                        'C6 H15 N4 O2 1'  175.209 
ASN 'L-peptide linking' y ASPARAGINE                             ?                        'C4 H8 N2 O3'     132.118 
ASP 'L-peptide linking' y 'ASPARTIC ACID'                        ?                        'C4 H7 N O4'      133.103 
CYS 'L-peptide linking' y CYSTEINE                               ?                        'C3 H7 N O2 S'    121.158 
GLN 'L-peptide linking' y GLUTAMINE                              ?                        'C5 H10 N2 O3'    146.144 
GLU 'L-peptide linking' y 'GLUTAMIC ACID'                        ?                        'C5 H9 N O4'      147.129 
GLY 'peptide linking'   y GLYCINE                                ?                        'C2 H5 N O2'      75.067  
GSH non-polymer         . GLUTATHIONE                            ?                        'C10 H17 N3 O6 S' 307.323 
HIS 'L-peptide linking' y HISTIDINE                              ?                        'C6 H10 N3 O2 1'  156.162 
ILE 'L-peptide linking' y ISOLEUCINE                             ?                        'C6 H13 N O2'     131.173 
LEU 'L-peptide linking' y LEUCINE                                ?                        'C6 H13 N O2'     131.173 
LYS 'L-peptide linking' y LYSINE                                 ?                        'C6 H15 N2 O2 1'  147.195 
MET 'L-peptide linking' y METHIONINE                             ?                        'C5 H11 N O2 S'   149.211 
PC1 non-polymer         . 1,2-DIACYL-SN-GLYCERO-3-PHOSPHOCHOLINE 3-SN-PHOSPHATIDYLCHOLINE 'C44 H88 N O8 P'  790.145 
PHE 'L-peptide linking' y PHENYLALANINE                          ?                        'C9 H11 N O2'     165.189 
PLM non-polymer         . 'PALMITIC ACID'                        ?                        'C16 H32 O2'      256.424 
PRO 'L-peptide linking' y PROLINE                                ?                        'C5 H9 N O2'      115.130 
SER 'L-peptide linking' y SERINE                                 ?                        'C3 H7 N O3'      105.093 
THR 'L-peptide linking' y THREONINE                              ?                        'C4 H9 N O3'      119.119 
TYR 'L-peptide linking' y TYROSINE                               ?                        'C9 H11 N O3'     181.189 
VAL 'L-peptide linking' y VALINE                                 ?                        'C5 H11 N O2'     117.146 
# 
loop_
_pdbx_poly_seq_scheme.asym_id 
_pdbx_poly_seq_scheme.entity_id 
_pdbx_poly_seq_scheme.seq_id 
_pdbx_poly_seq_scheme.mon_id 
_pdbx_poly_seq_scheme.ndb_seq_num 
_pdbx_poly_seq_scheme.pdb_seq_num 
_pdbx_poly_seq_scheme.auth_seq_num 
_pdbx_poly_seq_scheme.pdb_mon_id 
_pdbx_poly_seq_scheme.auth_mon_id 
_pdbx_poly_seq_scheme.pdb_strand_id 
_pdbx_poly_seq_scheme.pdb_ins_code 
_pdbx_poly_seq_scheme.hetero 
A 1 1   MET 1   1   ?   ?   ?   A . n 
A 1 2   ALA 2   2   ?   ?   ?   A . n 
A 1 3   ASP 3   3   ?   ?   ?   A . n 
A 1 4   LEU 4   4   ?   ?   ?   A . n 
A 1 5   LYS 5   5   ?   ?   ?   A . n 
A 1 6   GLN 6   6   ?   ?   ?   A . n 
A 1 7   LEU 7   7   ?   ?   ?   A . n 
A 1 8   MET 8   8   ?   ?   ?   A . n 
A 1 9   ASP 9   9   ?   ?   ?   A . n 
A 1 10  ASN 10  10  10  ASN ASN A . n 
A 1 11  GLU 11  11  11  GLU GLU A . n 
A 1 12  VAL 12  12  12  VAL VAL A . n 
A 1 13  LEU 13  13  13  LEU LEU A . n 
A 1 14  MET 14  14  14  MET MET A . n 
A 1 15  ALA 15  15  15  ALA ALA A . n 
A 1 16  PHE 16  16  16  PHE PHE A . n 
A 1 17  THR 17  17  17  THR THR A . n 
A 1 18  SER 18  18  18  SER SER A . n 
A 1 19  TYR 19  19  19  TYR TYR A . n 
A 1 20  ALA 20  20  20  ALA ALA A . n 
A 1 21  THR 21  21  21  THR THR A . n 
A 1 22  ILE 22  22  22  ILE ILE A . n 
A 1 23  ILE 23  23  23  ILE ILE A . n 
A 1 24  LEU 24  24  24  LEU LEU A . n 
A 1 25  ALA 25  25  25  ALA ALA A . n 
A 1 26  LYS 26  26  26  LYS LYS A . n 
A 1 27  MET 27  27  27  MET MET A . n 
A 1 28  MET 28  28  28  MET MET A . n 
A 1 29  PHE 29  29  29  PHE PHE A . n 
A 1 30  LEU 30  30  30  LEU LEU A . n 
A 1 31  SER 31  31  31  SER SER A . n 
A 1 32  SER 32  32  32  SER SER A . n 
A 1 33  ALA 33  33  33  ALA ALA A . n 
A 1 34  THR 34  34  34  THR THR A . n 
A 1 35  ALA 35  35  35  ALA ALA A . n 
A 1 36  PHE 36  36  36  PHE PHE A . n 
A 1 37  GLN 37  37  37  GLN GLN A . n 
A 1 38  ARG 38  38  38  ARG ARG A . n 
A 1 39  LEU 39  39  39  LEU LEU A . n 
A 1 40  THR 40  40  40  THR THR A . n 
A 1 41  ASN 41  41  41  ASN ASN A . n 
A 1 42  LYS 42  42  42  LYS LYS A . n 
A 1 43  VAL 43  43  ?   ?   ?   A . n 
A 1 44  PHE 44  44  ?   ?   ?   A . n 
A 1 45  ALA 45  45  ?   ?   ?   A . n 
A 1 46  ASN 46  46  ?   ?   ?   A . n 
A 1 47  PRO 47  47  ?   ?   ?   A . n 
A 1 48  GLU 48  48  ?   ?   ?   A . n 
A 1 49  ASP 49  49  ?   ?   ?   A . n 
A 1 50  CYS 50  50  ?   ?   ?   A . n 
A 1 51  ALA 51  51  ?   ?   ?   A . n 
A 1 52  GLY 52  52  ?   ?   ?   A . n 
A 1 53  PHE 53  53  ?   ?   ?   A . n 
A 1 54  GLY 54  54  ?   ?   ?   A . n 
A 1 55  LYS 55  55  ?   ?   ?   A . n 
A 1 56  GLY 56  56  ?   ?   ?   A . n 
A 1 57  GLU 57  57  ?   ?   ?   A . n 
A 1 58  ASN 58  58  ?   ?   ?   A . n 
A 1 59  ALA 59  59  ?   ?   ?   A . n 
A 1 60  LYS 60  60  ?   ?   ?   A . n 
A 1 61  LYS 61  61  ?   ?   ?   A . n 
A 1 62  PHE 62  62  ?   ?   ?   A . n 
A 1 63  LEU 63  63  ?   ?   ?   A . n 
A 1 64  ARG 64  64  ?   ?   ?   A . n 
A 1 65  THR 65  65  ?   ?   ?   A . n 
A 1 66  ASP 66  66  66  ASP ASP A . n 
A 1 67  GLU 67  67  67  GLU GLU A . n 
A 1 68  LYS 68  68  68  LYS LYS A . n 
A 1 69  VAL 69  69  69  VAL VAL A . n 
A 1 70  GLU 70  70  70  GLU GLU A . n 
A 1 71  ARG 71  71  71  ARG ARG A . n 
A 1 72  VAL 72  72  72  VAL VAL A . n 
A 1 73  ARG 73  73  73  ARG ARG A . n 
A 1 74  ARG 74  74  74  ARG ARG A . n 
A 1 75  ALA 75  75  75  ALA ALA A . n 
A 1 76  HIS 76  76  76  HIS HIS A . n 
A 1 77  LEU 77  77  77  LEU LEU A . n 
A 1 78  ASN 78  78  78  ASN ASN A . n 
A 1 79  ASP 79  79  79  ASP ASP A . n 
A 1 80  LEU 80  80  80  LEU LEU A . n 
A 1 81  GLU 81  81  81  GLU GLU A . n 
A 1 82  ASN 82  82  82  ASN ASN A . n 
A 1 83  ILE 83  83  83  ILE ILE A . n 
A 1 84  VAL 84  84  84  VAL VAL A . n 
A 1 85  PRO 85  85  85  PRO PRO A . n 
A 1 86  PHE 86  86  86  PHE PHE A . n 
A 1 87  LEU 87  87  87  LEU LEU A . n 
A 1 88  GLY 88  88  88  GLY GLY A . n 
A 1 89  ILE 89  89  89  ILE ILE A . n 
A 1 90  GLY 90  90  90  GLY GLY A . n 
A 1 91  LEU 91  91  91  LEU LEU A . n 
A 1 92  LEU 92  92  92  LEU LEU A . n 
A 1 93  TYR 93  93  93  TYR TYR A . n 
A 1 94  SER 94  94  94  SER SER A . n 
A 1 95  LEU 95  95  95  LEU LEU A . n 
A 1 96  SER 96  96  96  SER SER A . n 
A 1 97  GLY 97  97  97  GLY GLY A . n 
A 1 98  PRO 98  98  98  PRO PRO A . n 
A 1 99  ASP 99  99  99  ASP ASP A . n 
A 1 100 LEU 100 100 100 LEU LEU A . n 
A 1 101 SER 101 101 101 SER SER A . n 
A 1 102 THR 102 102 102 THR THR A . n 
A 1 103 ALA 103 103 103 ALA ALA A . n 
A 1 104 LEU 104 104 104 LEU LEU A . n 
A 1 105 ILE 105 105 105 ILE ILE A . n 
A 1 106 HIS 106 106 106 HIS HIS A . n 
A 1 107 PHE 107 107 107 PHE PHE A . n 
A 1 108 ARG 108 108 108 ARG ARG A . n 
A 1 109 ILE 109 109 109 ILE ILE A . n 
A 1 110 PHE 110 110 110 PHE PHE A . n 
A 1 111 VAL 111 111 111 VAL VAL A . n 
A 1 112 GLY 112 112 112 GLY GLY A . n 
A 1 113 ALA 113 113 113 ALA ALA A . n 
A 1 114 ARG 114 114 114 ARG ARG A . n 
A 1 115 ILE 115 115 115 ILE ILE A . n 
A 1 116 TYR 116 116 116 TYR TYR A . n 
A 1 117 HIS 117 117 117 HIS HIS A . n 
A 1 118 THR 118 118 118 THR THR A . n 
A 1 119 ILE 119 119 119 ILE ILE A . n 
A 1 120 ALA 120 120 120 ALA ALA A . n 
A 1 121 TYR 121 121 121 TYR TYR A . n 
A 1 122 LEU 122 122 122 LEU LEU A . n 
A 1 123 THR 123 123 123 THR THR A . n 
A 1 124 PRO 124 124 124 PRO PRO A . n 
A 1 125 LEU 125 125 125 LEU LEU A . n 
A 1 126 PRO 126 126 126 PRO PRO A . n 
A 1 127 GLN 127 127 127 GLN GLN A . n 
A 1 128 PRO 128 128 128 PRO PRO A . n 
A 1 129 ASN 129 129 129 ASN ASN A . n 
A 1 130 ARG 130 130 130 ARG ARG A . n 
A 1 131 GLY 131 131 131 GLY GLY A . n 
A 1 132 LEU 132 132 132 LEU LEU A . n 
A 1 133 ALA 133 133 133 ALA ALA A . n 
A 1 134 PHE 134 134 134 PHE PHE A . n 
A 1 135 PHE 135 135 135 PHE PHE A . n 
A 1 136 VAL 136 136 136 VAL VAL A . n 
A 1 137 GLY 137 137 137 GLY GLY A . n 
A 1 138 TYR 138 138 138 TYR TYR A . n 
A 1 139 GLY 139 139 139 GLY GLY A . n 
A 1 140 VAL 140 140 140 VAL VAL A . n 
A 1 141 THR 141 141 141 THR THR A . n 
A 1 142 LEU 142 142 142 LEU LEU A . n 
A 1 143 SER 143 143 143 SER SER A . n 
A 1 144 MET 144 144 144 MET MET A . n 
A 1 145 ALA 145 145 145 ALA ALA A . n 
A 1 146 TYR 146 146 146 TYR TYR A . n 
A 1 147 ARG 147 147 147 ARG ARG A . n 
A 1 148 LEU 148 148 148 LEU LEU A . n 
A 1 149 LEU 149 149 149 LEU LEU A . n 
A 1 150 ARG 150 150 150 ARG ARG A . n 
A 1 151 SER 151 151 151 SER SER A . n 
A 1 152 ARG 152 152 152 ARG ARG A . n 
A 1 153 LEU 153 153 153 LEU LEU A . n 
A 1 154 TYR 154 154 154 TYR TYR A . n 
A 1 155 LEU 155 155 155 LEU LEU A . n 
# 
loop_
_pdbx_nonpoly_scheme.asym_id 
_pdbx_nonpoly_scheme.entity_id 
_pdbx_nonpoly_scheme.mon_id 
_pdbx_nonpoly_scheme.ndb_seq_num 
_pdbx_nonpoly_scheme.pdb_seq_num 
_pdbx_nonpoly_scheme.auth_seq_num 
_pdbx_nonpoly_scheme.pdb_mon_id 
_pdbx_nonpoly_scheme.auth_mon_id 
_pdbx_nonpoly_scheme.pdb_strand_id 
_pdbx_nonpoly_scheme.pdb_ins_code 
B 2 GSH 1 201 200 GSH GTT A . 
C 3 PC1 1 202 300 PC1 PC2 A . 
D 3 PC1 1 203 400 PC1 PC2 A . 
E 4 PLM 1 204 500 PLM PLM A . 
F 4 PLM 1 205 700 PLM PLM A . 
# 
loop_
_pdbx_unobs_or_zero_occ_atoms.id 
_pdbx_unobs_or_zero_occ_atoms.PDB_model_num 
_pdbx_unobs_or_zero_occ_atoms.polymer_flag 
_pdbx_unobs_or_zero_occ_atoms.occupancy_flag 
_pdbx_unobs_or_zero_occ_atoms.auth_asym_id 
_pdbx_unobs_or_zero_occ_atoms.auth_comp_id 
_pdbx_unobs_or_zero_occ_atoms.auth_seq_id 
_pdbx_unobs_or_zero_occ_atoms.PDB_ins_code 
_pdbx_unobs_or_zero_occ_atoms.auth_atom_id 
_pdbx_unobs_or_zero_occ_atoms.label_alt_id 
_pdbx_unobs_or_zero_occ_atoms.label_asym_id 
_pdbx_unobs_or_zero_occ_atoms.label_comp_id 
_pdbx_unobs_or_zero_occ_atoms.label_seq_id 
_pdbx_unobs_or_zero_occ_atoms.label_atom_id 
1  1 N 1 A PLM 204 ? O1 ? E PLM 1 O1 
2  1 N 1 A PLM 204 ? O2 ? E PLM 1 O2 
3  1 N 1 A PLM 204 ? CB ? E PLM 1 CB 
4  1 N 1 A PLM 204 ? CC ? E PLM 1 CC 
5  1 N 1 A PLM 204 ? CD ? E PLM 1 CD 
6  1 N 1 A PLM 204 ? CE ? E PLM 1 CE 
7  1 N 1 A PLM 204 ? CF ? E PLM 1 CF 
8  1 N 1 A PLM 204 ? CG ? E PLM 1 CG 
9  1 N 1 A PLM 205 ? O1 ? F PLM 1 O1 
10 1 N 1 A PLM 205 ? O2 ? F PLM 1 O2 
11 1 N 1 A PLM 205 ? CB ? F PLM 1 CB 
12 1 N 1 A PLM 205 ? CC ? F PLM 1 CC 
13 1 N 1 A PLM 205 ? CD ? F PLM 1 CD 
14 1 N 1 A PLM 205 ? CE ? F PLM 1 CE 
15 1 N 1 A PLM 205 ? CF ? F PLM 1 CF 
16 1 N 1 A PLM 205 ? CG ? F PLM 1 CG 
# 
_software.citation_id            ? 
_software.classification         refinement 
_software.compiler_name          ? 
_software.compiler_version       ? 
_software.contact_author         ? 
_software.contact_author_email   ? 
_software.date                   ? 
_software.description            ? 
_software.dependencies           ? 
_software.hardware               ? 
_software.language               ? 
_software.location               ? 
_software.mods                   ? 
_software.name                   REFMAC 
_software.os                     ? 
_software.os_version             ? 
_software.type                   ? 
_software.version                5.5.0110 
_software.pdbx_ordinal           1 
# 
_cell.angle_alpha                  90.00 
_cell.angle_alpha_esd              ? 
_cell.angle_beta                   90.00 
_cell.angle_beta_esd               ? 
_cell.angle_gamma                  120.00 
_cell.angle_gamma_esd              ? 
_cell.entry_id                     5I9K 
_cell.details                      ? 
_cell.formula_units_Z              ? 
_cell.length_a                     81.800 
_cell.length_a_esd                 ? 
_cell.length_b                     81.800 
_cell.length_b_esd                 ? 
_cell.length_c                     100.000 
_cell.length_c_esd                 ? 
_cell.volume                       ? 
_cell.volume_esd                   ? 
_cell.Z_PDB                        6 
_cell.reciprocal_angle_alpha       ? 
_cell.reciprocal_angle_beta        ? 
_cell.reciprocal_angle_gamma       ? 
_cell.reciprocal_angle_alpha_esd   ? 
_cell.reciprocal_angle_beta_esd    ? 
_cell.reciprocal_angle_gamma_esd   ? 
_cell.reciprocal_length_a          ? 
_cell.reciprocal_length_b          ? 
_cell.reciprocal_length_c          ? 
_cell.reciprocal_length_a_esd      ? 
_cell.reciprocal_length_b_esd      ? 
_cell.reciprocal_length_c_esd      ? 
_cell.pdbx_unique_axis             ? 
# 
_symmetry.entry_id                         5I9K 
_symmetry.cell_setting                     ? 
_symmetry.Int_Tables_number                168 
_symmetry.space_group_name_Hall            ? 
_symmetry.space_group_name_H-M             'P 6' 
_symmetry.pdbx_full_space_group_name_H-M   ? 
# 
_exptl.absorpt_coefficient_mu     ? 
_exptl.absorpt_correction_T_max   ? 
_exptl.absorpt_correction_T_min   ? 
_exptl.absorpt_correction_type    ? 
_exptl.absorpt_process_details    ? 
_exptl.entry_id                   5I9K 
_exptl.crystals_number            ? 
_exptl.details                    ? 
_exptl.method                     'ELECTRON CRYSTALLOGRAPHY' 
_exptl.method_details             ? 
# 
_exptl_crystal.id                    1 
_exptl_crystal.density_meas          ? 
_exptl_crystal.density_Matthews      ? 
_exptl_crystal.density_percent_sol   ? 
_exptl_crystal.description           ? 
_exptl_crystal.preparation           ? 
# 
_diffrn.id                               1 
_diffrn.ambient_temp                     ? 
_diffrn.ambient_temp_details             ? 
_diffrn.crystal_id                       1 
_diffrn.pdbx_serial_crystal_experiment   ? 
# 
_refine.aniso_B[1][1]                            -27.37 
_refine.aniso_B[1][2]                            0.00 
_refine.aniso_B[1][3]                            0.00 
_refine.aniso_B[2][2]                            -27.37 
_refine.aniso_B[2][3]                            0.00 
_refine.aniso_B[3][3]                            54.75 
_refine.B_iso_max                                ? 
_refine.B_iso_mean                               19.361 
_refine.B_iso_min                                ? 
_refine.correlation_coeff_Fo_to_Fc               0.714 
_refine.correlation_coeff_Fo_to_Fc_free          0.618 
_refine.details                                  'HYDROGENS HAVE BEEN ADDED IN THE RIDING POSITIONS' 
_refine.diff_density_max                         ? 
_refine.diff_density_max_esd                     ? 
_refine.diff_density_min                         ? 
_refine.diff_density_min_esd                     ? 
_refine.diff_density_rms                         ? 
_refine.diff_density_rms_esd                     ? 
_refine.entry_id                                 5I9K 
_refine.pdbx_refine_id                           'ELECTRON CRYSTALLOGRAPHY' 
_refine.ls_abs_structure_details                 ? 
_refine.ls_abs_structure_Flack                   ? 
_refine.ls_abs_structure_Flack_esd               ? 
_refine.ls_abs_structure_Rogers                  ? 
_refine.ls_abs_structure_Rogers_esd              ? 
_refine.ls_d_res_high                            3.50 
_refine.ls_d_res_low                             10.00 
_refine.ls_extinction_coef                       ? 
_refine.ls_extinction_coef_esd                   ? 
_refine.ls_extinction_expression                 ? 
_refine.ls_extinction_method                     ? 
_refine.ls_goodness_of_fit_all                   ? 
_refine.ls_goodness_of_fit_all_esd               ? 
_refine.ls_goodness_of_fit_obs                   ? 
_refine.ls_goodness_of_fit_obs_esd               ? 
_refine.ls_hydrogen_treatment                    ? 
_refine.ls_matrix_type                           ? 
_refine.ls_number_constraints                    ? 
_refine.ls_number_parameters                     ? 
_refine.ls_number_reflns_all                     ? 
_refine.ls_number_reflns_obs                     3799 
_refine.ls_number_reflns_R_free                  183 
_refine.ls_number_reflns_R_work                  ? 
_refine.ls_number_restraints                     ? 
_refine.ls_percent_reflns_obs                    85.69 
_refine.ls_percent_reflns_R_free                 4.6 
_refine.ls_R_factor_all                          ? 
_refine.ls_R_factor_obs                          0.27052 
_refine.ls_R_factor_R_free                       0.28896 
_refine.ls_R_factor_R_free_error                 ? 
_refine.ls_R_factor_R_free_error_details         ? 
_refine.ls_R_factor_R_work                       0.26963 
_refine.ls_R_Fsqd_factor_obs                     ? 
_refine.ls_R_I_factor_obs                        ? 
_refine.ls_redundancy_reflns_all                 ? 
_refine.ls_redundancy_reflns_obs                 ? 
_refine.ls_restrained_S_all                      ? 
_refine.ls_restrained_S_obs                      ? 
_refine.ls_shift_over_esd_max                    ? 
_refine.ls_shift_over_esd_mean                   ? 
_refine.ls_structure_factor_coef                 ? 
_refine.ls_weighting_details                     ? 
_refine.ls_weighting_scheme                      ? 
_refine.ls_wR_factor_all                         ? 
_refine.ls_wR_factor_obs                         ? 
_refine.ls_wR_factor_R_free                      ? 
_refine.ls_wR_factor_R_work                      ? 
_refine.occupancy_max                            ? 
_refine.occupancy_min                            ? 
_refine.solvent_model_details                    ? 
_refine.solvent_model_param_bsol                 ? 
_refine.solvent_model_param_ksol                 ? 
_refine.ls_R_factor_gt                           ? 
_refine.ls_goodness_of_fit_gt                    ? 
_refine.ls_goodness_of_fit_ref                   ? 
_refine.ls_shift_over_su_max                     ? 
_refine.ls_shift_over_su_max_lt                  ? 
_refine.ls_shift_over_su_mean                    ? 
_refine.ls_shift_over_su_mean_lt                 ? 
_refine.pdbx_ls_sigma_I                          ? 
_refine.pdbx_ls_sigma_F                          ? 
_refine.pdbx_ls_sigma_Fsqd                       ? 
_refine.pdbx_data_cutoff_high_absF               ? 
_refine.pdbx_data_cutoff_high_rms_absF           ? 
_refine.pdbx_data_cutoff_low_absF                ? 
_refine.pdbx_isotropic_thermal_model             ? 
_refine.pdbx_ls_cross_valid_method               'FREE R-VALUE' 
_refine.pdbx_method_to_determine_struct          ? 
_refine.pdbx_starting_model                      ? 
_refine.pdbx_stereochemistry_target_values       ? 
_refine.pdbx_R_Free_selection_details            RANDOM 
_refine.pdbx_stereochem_target_val_spec_case     ? 
_refine.pdbx_overall_ESU_R                       ? 
_refine.pdbx_overall_ESU_R_Free                  0.125 
_refine.pdbx_solvent_vdw_probe_radii             1.40 
_refine.pdbx_solvent_ion_probe_radii             0.80 
_refine.pdbx_solvent_shrinkage_radii             0.80 
_refine.pdbx_real_space_R                        ? 
_refine.pdbx_density_correlation                 ? 
_refine.pdbx_pd_number_of_powder_patterns        ? 
_refine.pdbx_pd_number_of_points                 ? 
_refine.pdbx_pd_meas_number_of_points            ? 
_refine.pdbx_pd_proc_ls_prof_R_factor            ? 
_refine.pdbx_pd_proc_ls_prof_wR_factor           ? 
_refine.pdbx_pd_Marquardt_correlation_coeff      ? 
_refine.pdbx_pd_Fsqrd_R_factor                   ? 
_refine.pdbx_pd_ls_matrix_band_width             ? 
_refine.pdbx_overall_phase_error                 ? 
_refine.pdbx_overall_SU_R_free_Cruickshank_DPI   ? 
_refine.pdbx_overall_SU_R_free_Blow_DPI          ? 
_refine.pdbx_overall_SU_R_Blow_DPI               ? 
_refine.pdbx_TLS_residual_ADP_flag               ? 
_refine.pdbx_diffrn_id                           1 
_refine.overall_SU_B                             18.647 
_refine.overall_SU_ML                            0.308 
_refine.overall_SU_R_Cruickshank_DPI             ? 
_refine.overall_SU_R_free                        ? 
_refine.overall_FOM_free_R_set                   ? 
_refine.overall_FOM_work_R_set                   ? 
_refine.pdbx_average_fsc_overall                 ? 
_refine.pdbx_average_fsc_work                    ? 
_refine.pdbx_average_fsc_free                    ? 
# 
_refine_hist.pdbx_refine_id                   'ELECTRON CRYSTALLOGRAPHY' 
_refine_hist.cycle_id                         1 
_refine_hist.pdbx_number_atoms_protein        ? 
_refine_hist.pdbx_number_atoms_nucleic_acid   ? 
_refine_hist.pdbx_number_atoms_ligand         ? 
_refine_hist.number_atoms_solvent             ? 
_refine_hist.number_atoms_total               1132 
_refine_hist.d_res_high                       . 
_refine_hist.d_res_low                        . 
# 
loop_
_refine_ls_restr.pdbx_refine_id 
_refine_ls_restr.criterion 
_refine_ls_restr.dev_ideal 
_refine_ls_restr.dev_ideal_target 
_refine_ls_restr.number 
_refine_ls_restr.rejects 
_refine_ls_restr.type 
_refine_ls_restr.weight 
_refine_ls_restr.pdbx_restraint_function 
'ELECTRON CRYSTALLOGRAPHY' ? 0.024  0.022  1148 ? r_bond_refined_d             ? ? 
'ELECTRON CRYSTALLOGRAPHY' ? ?      ?      ?    ? r_bond_other_d               ? ? 
'ELECTRON CRYSTALLOGRAPHY' ? 3.038  2.087  1522 ? r_angle_refined_deg          ? ? 
'ELECTRON CRYSTALLOGRAPHY' ? ?      ?      ?    ? r_angle_other_deg            ? ? 
'ELECTRON CRYSTALLOGRAPHY' ? 10.789 5.000  121  ? r_dihedral_angle_1_deg       ? ? 
'ELECTRON CRYSTALLOGRAPHY' ? 34.783 20.952 42   ? r_dihedral_angle_2_deg       ? ? 
'ELECTRON CRYSTALLOGRAPHY' ? 22.546 15.000 171  ? r_dihedral_angle_3_deg       ? ? 
'ELECTRON CRYSTALLOGRAPHY' ? 26.075 15.000 10   ? r_dihedral_angle_4_deg       ? ? 
'ELECTRON CRYSTALLOGRAPHY' ? 0.182  0.200  165  ? r_chiral_restr               ? ? 
'ELECTRON CRYSTALLOGRAPHY' ? 0.011  0.021  772  ? r_gen_planes_refined         ? ? 
'ELECTRON CRYSTALLOGRAPHY' ? ?      ?      ?    ? r_gen_planes_other           ? ? 
'ELECTRON CRYSTALLOGRAPHY' ? ?      ?      ?    ? r_nbd_refined                ? ? 
'ELECTRON CRYSTALLOGRAPHY' ? ?      ?      ?    ? r_nbd_other                  ? ? 
'ELECTRON CRYSTALLOGRAPHY' ? ?      ?      ?    ? r_nbtor_refined              ? ? 
'ELECTRON CRYSTALLOGRAPHY' ? ?      ?      ?    ? r_nbtor_other                ? ? 
'ELECTRON CRYSTALLOGRAPHY' ? ?      ?      ?    ? r_xyhbond_nbd_refined        ? ? 
'ELECTRON CRYSTALLOGRAPHY' ? ?      ?      ?    ? r_xyhbond_nbd_other          ? ? 
'ELECTRON CRYSTALLOGRAPHY' ? ?      ?      ?    ? r_metal_ion_refined          ? ? 
'ELECTRON CRYSTALLOGRAPHY' ? ?      ?      ?    ? r_metal_ion_other            ? ? 
'ELECTRON CRYSTALLOGRAPHY' ? ?      ?      ?    ? r_symmetry_vdw_refined       ? ? 
'ELECTRON CRYSTALLOGRAPHY' ? ?      ?      ?    ? r_symmetry_vdw_other         ? ? 
'ELECTRON CRYSTALLOGRAPHY' ? ?      ?      ?    ? r_symmetry_hbond_refined     ? ? 
'ELECTRON CRYSTALLOGRAPHY' ? ?      ?      ?    ? r_symmetry_hbond_other       ? ? 
'ELECTRON CRYSTALLOGRAPHY' ? ?      ?      ?    ? r_symmetry_metal_ion_refined ? ? 
'ELECTRON CRYSTALLOGRAPHY' ? ?      ?      ?    ? r_symmetry_metal_ion_other   ? ? 
'ELECTRON CRYSTALLOGRAPHY' ? 0.696  1.500  619  ? r_mcbond_it                  ? ? 
'ELECTRON CRYSTALLOGRAPHY' ? ?      ?      ?    ? r_mcbond_other               ? ? 
'ELECTRON CRYSTALLOGRAPHY' ? 0.921  2.000  986  ? r_mcangle_it                 ? ? 
'ELECTRON CRYSTALLOGRAPHY' ? ?      ?      ?    ? r_mcangle_other              ? ? 
'ELECTRON CRYSTALLOGRAPHY' ? 0.418  3.000  529  ? r_scbond_it                  ? ? 
'ELECTRON CRYSTALLOGRAPHY' ? ?      ?      ?    ? r_scbond_other               ? ? 
'ELECTRON CRYSTALLOGRAPHY' ? 0.642  4.500  536  ? r_scangle_it                 ? ? 
'ELECTRON CRYSTALLOGRAPHY' ? ?      ?      ?    ? r_scangle_other              ? ? 
'ELECTRON CRYSTALLOGRAPHY' ? ?      ?      ?    ? r_long_range_B_refined       ? ? 
'ELECTRON CRYSTALLOGRAPHY' ? ?      ?      ?    ? r_long_range_B_other         ? ? 
'ELECTRON CRYSTALLOGRAPHY' ? ?      ?      ?    ? r_rigid_bond_restr           ? ? 
'ELECTRON CRYSTALLOGRAPHY' ? ?      ?      ?    ? r_sphericity_free            ? ? 
'ELECTRON CRYSTALLOGRAPHY' ? ?      ?      ?    ? r_sphericity_bonded          ? ? 
# 
_refine_ls_shell.pdbx_refine_id                   'ELECTRON CRYSTALLOGRAPHY' 
_refine_ls_shell.d_res_high                       3.498 
_refine_ls_shell.d_res_low                        3.577 
_refine_ls_shell.number_reflns_all                ? 
_refine_ls_shell.number_reflns_obs                ? 
_refine_ls_shell.number_reflns_R_free             17 
_refine_ls_shell.number_reflns_R_work             214 
_refine_ls_shell.percent_reflns_obs               75.49 
_refine_ls_shell.percent_reflns_R_free            ? 
_refine_ls_shell.R_factor_all                     ? 
_refine_ls_shell.R_factor_obs                     ? 
_refine_ls_shell.R_factor_R_free                  0.367 
_refine_ls_shell.R_factor_R_free_error            ? 
_refine_ls_shell.R_factor_R_work                  0.232 
_refine_ls_shell.redundancy_reflns_all            ? 
_refine_ls_shell.redundancy_reflns_obs            ? 
_refine_ls_shell.wR_factor_all                    ? 
_refine_ls_shell.wR_factor_obs                    ? 
_refine_ls_shell.wR_factor_R_free                 ? 
_refine_ls_shell.wR_factor_R_work                 ? 
_refine_ls_shell.pdbx_total_number_of_bins_used   20 
_refine_ls_shell.pdbx_phase_error                 ? 
_refine_ls_shell.pdbx_fsc_work                    ? 
_refine_ls_shell.pdbx_fsc_free                    ? 
# 
_struct.entry_id                     5I9K 
_struct.title                        'The structure of microsomal glutathione transferase 1' 
_struct.pdbx_model_details           ? 
_struct.pdbx_formula_weight          ? 
_struct.pdbx_formula_weight_method   ? 
_struct.pdbx_model_type_details      ? 
_struct.pdbx_CASP_flag               ? 
# 
_struct_keywords.entry_id        5I9K 
_struct_keywords.text            'Membrane, Enzyme, Four-helical bundle, Trimer, Transferase' 
_struct_keywords.pdbx_keywords   TRANSFERASE 
# 
loop_
_struct_asym.id 
_struct_asym.pdbx_blank_PDB_chainid_flag 
_struct_asym.pdbx_modified 
_struct_asym.entity_id 
_struct_asym.details 
A N N 1 ? 
B N N 2 ? 
C N N 3 ? 
D N N 3 ? 
E N N 4 ? 
F N N 4 ? 
# 
_struct_ref.id                         1 
_struct_ref.db_name                    UNP 
_struct_ref.db_code                    MGST1_RAT 
_struct_ref.pdbx_db_accession          P08011 
_struct_ref.pdbx_db_isoform            ? 
_struct_ref.entity_id                  1 
_struct_ref.pdbx_seq_one_letter_code   
;MADLKQLMDNEVLMAFTSYATIILAKMMFLSSATAFQRLTNKVFANPEDCAGFGKGENAKKFLRTDEKVERVRRAHLNDL
ENIVPFLGIGLLYSLSGPDLSTALIHFRIFVGARIYHTIAYLTPLPQPNRGLAFFVGYGVTLSMAYRLLRSRLYL
;
_struct_ref.pdbx_align_begin           1 
# 
_struct_ref_seq.align_id                      1 
_struct_ref_seq.ref_id                        1 
_struct_ref_seq.pdbx_PDB_id_code              5I9K 
_struct_ref_seq.pdbx_strand_id                A 
_struct_ref_seq.seq_align_beg                 1 
_struct_ref_seq.pdbx_seq_align_beg_ins_code   ? 
_struct_ref_seq.seq_align_end                 155 
_struct_ref_seq.pdbx_seq_align_end_ins_code   ? 
_struct_ref_seq.pdbx_db_accession             P08011 
_struct_ref_seq.db_align_beg                  1 
_struct_ref_seq.pdbx_db_align_beg_ins_code    ? 
_struct_ref_seq.db_align_end                  155 
_struct_ref_seq.pdbx_db_align_end_ins_code    ? 
_struct_ref_seq.pdbx_auth_seq_align_beg       1 
_struct_ref_seq.pdbx_auth_seq_align_end       155 
# 
_pdbx_struct_assembly.id                   1 
_pdbx_struct_assembly.details              author_and_software_defined_assembly 
_pdbx_struct_assembly.method_details       PISA 
_pdbx_struct_assembly.oligomeric_details   trimeric 
_pdbx_struct_assembly.oligomeric_count     3 
# 
loop_
_pdbx_struct_assembly_prop.biol_id 
_pdbx_struct_assembly_prop.type 
_pdbx_struct_assembly_prop.value 
_pdbx_struct_assembly_prop.details 
1 'ABSA (A^2)' 14550 ? 
1 MORE         -72   ? 
1 'SSA (A^2)'  20560 ? 
# 
_pdbx_struct_assembly_gen.assembly_id       1 
_pdbx_struct_assembly_gen.oper_expression   1,2,3 
_pdbx_struct_assembly_gen.asym_id_list      A,B,C,D,E,F 
# 
loop_
_pdbx_struct_oper_list.id 
_pdbx_struct_oper_list.type 
_pdbx_struct_oper_list.name 
_pdbx_struct_oper_list.symmetry_operation 
_pdbx_struct_oper_list.matrix[1][1] 
_pdbx_struct_oper_list.matrix[1][2] 
_pdbx_struct_oper_list.matrix[1][3] 
_pdbx_struct_oper_list.vector[1] 
_pdbx_struct_oper_list.matrix[2][1] 
_pdbx_struct_oper_list.matrix[2][2] 
_pdbx_struct_oper_list.matrix[2][3] 
_pdbx_struct_oper_list.vector[2] 
_pdbx_struct_oper_list.matrix[3][1] 
_pdbx_struct_oper_list.matrix[3][2] 
_pdbx_struct_oper_list.matrix[3][3] 
_pdbx_struct_oper_list.vector[3] 
1 'identity operation'         1_555 x,y,z         1.0000000000  0.0000000000  0.0000000000 0.0000000000   0.0000000000  1.0000000000  0.0000000000  0.0000000000   0.0000000000 0.0000000000  1.0000000000 0.0000000000 
2 'crystal symmetry operation' 2_655 -y+1,x-y,z    -0.3125047627 -0.8018519125 0.5092880166 -19.3126282062 0.8181184295  -0.4996471916 -0.2846663298 0.8467431333   0.4827245682 0.3276983284  0.8121519543 7.2864781830 
3 'crystal symmetry operation' 3_665 -x+y+1,-x+1,z -0.3125047627 0.8181184295  0.4827245682 -10.2453864920 -0.8018519125 -0.4996471916 0.3276983284  -17.4505617535 0.5092880166 -0.2846663298 0.8121519543 4.1590018781 
# 
loop_
_struct_conf.conf_type_id 
_struct_conf.id 
_struct_conf.pdbx_PDB_helix_id 
_struct_conf.beg_label_comp_id 
_struct_conf.beg_label_asym_id 
_struct_conf.beg_label_seq_id 
_struct_conf.pdbx_beg_PDB_ins_code 
_struct_conf.end_label_comp_id 
_struct_conf.end_label_asym_id 
_struct_conf.end_label_seq_id 
_struct_conf.pdbx_end_PDB_ins_code 
_struct_conf.beg_auth_comp_id 
_struct_conf.beg_auth_asym_id 
_struct_conf.beg_auth_seq_id 
_struct_conf.end_auth_comp_id 
_struct_conf.end_auth_asym_id 
_struct_conf.end_auth_seq_id 
_struct_conf.pdbx_PDB_helix_class 
_struct_conf.details 
_struct_conf.pdbx_PDB_helix_length 
HELX_P HELX_P1 AA1 ASN A 10  ? ASN A 41  ? ASN A 10  ASN A 41  1 ? 32 
HELX_P HELX_P2 AA2 GLU A 67  ? SER A 96  ? GLU A 67  SER A 96  1 ? 30 
HELX_P HELX_P3 AA3 ALA A 103 ? TYR A 121 ? ALA A 103 TYR A 121 1 ? 19 
HELX_P HELX_P4 AA4 GLY A 131 ? LEU A 155 ? GLY A 131 LEU A 155 1 ? 25 
# 
_struct_conf_type.id          HELX_P 
_struct_conf_type.criteria    ? 
_struct_conf_type.reference   ? 
# 
_struct_mon_prot_cis.pdbx_id                1 
_struct_mon_prot_cis.label_comp_id          GLN 
_struct_mon_prot_cis.label_seq_id           127 
_struct_mon_prot_cis.label_asym_id          A 
_struct_mon_prot_cis.label_alt_id           . 
_struct_mon_prot_cis.pdbx_PDB_ins_code      ? 
_struct_mon_prot_cis.auth_comp_id           GLN 
_struct_mon_prot_cis.auth_seq_id            127 
_struct_mon_prot_cis.auth_asym_id           A 
_struct_mon_prot_cis.pdbx_label_comp_id_2   PRO 
_struct_mon_prot_cis.pdbx_label_seq_id_2    128 
_struct_mon_prot_cis.pdbx_label_asym_id_2   A 
_struct_mon_prot_cis.pdbx_PDB_ins_code_2    ? 
_struct_mon_prot_cis.pdbx_auth_comp_id_2    PRO 
_struct_mon_prot_cis.pdbx_auth_seq_id_2     128 
_struct_mon_prot_cis.pdbx_auth_asym_id_2    A 
_struct_mon_prot_cis.pdbx_PDB_model_num     1 
_struct_mon_prot_cis.pdbx_omega_angle       14.36 
# 
loop_
_struct_site.id 
_struct_site.pdbx_evidence_code 
_struct_site.pdbx_auth_asym_id 
_struct_site.pdbx_auth_comp_id 
_struct_site.pdbx_auth_seq_id 
_struct_site.pdbx_auth_ins_code 
_struct_site.pdbx_num_residues 
_struct_site.details 
AC1 Software A GSH 201 ? 3 'binding site for residue GSH A 201' 
AC2 Software A PC1 202 ? 4 'binding site for residue PC1 A 202' 
AC3 Software A PC1 203 ? 3 'binding site for residue PC1 A 203' 
AC4 Software A PLM 204 ? 6 'binding site for residue PLM A 204' 
AC5 Software A PLM 205 ? 6 'binding site for residue PLM A 205' 
# 
loop_
_struct_site_gen.id 
_struct_site_gen.site_id 
_struct_site_gen.pdbx_num_res 
_struct_site_gen.label_comp_id 
_struct_site_gen.label_asym_id 
_struct_site_gen.label_seq_id 
_struct_site_gen.pdbx_auth_ins_code 
_struct_site_gen.auth_comp_id 
_struct_site_gen.auth_asym_id 
_struct_site_gen.auth_seq_id 
_struct_site_gen.label_atom_id 
_struct_site_gen.label_alt_id 
_struct_site_gen.symmetry 
_struct_site_gen.details 
1  AC1 3 ARG A 38  ? ARG A 38  . ? 1_555 ? 
2  AC1 3 HIS A 76  ? HIS A 76  . ? 1_555 ? 
3  AC1 3 LEU A 77  ? LEU A 77  . ? 1_555 ? 
4  AC2 4 ILE A 105 ? ILE A 105 . ? 1_555 ? 
5  AC2 4 VAL A 136 ? VAL A 136 . ? 1_555 ? 
6  AC2 4 VAL A 140 ? VAL A 140 . ? 1_555 ? 
7  AC2 4 MET A 144 ? MET A 144 . ? 1_555 ? 
8  AC3 3 TYR A 116 ? TYR A 116 . ? 1_555 ? 
9  AC3 3 ALA A 120 ? ALA A 120 . ? 1_555 ? 
10 AC3 3 PRO A 124 ? PRO A 124 . ? 1_555 ? 
11 AC4 6 LEU A 30  ? LEU A 30  . ? 1_555 ? 
12 AC4 6 ILE A 115 ? ILE A 115 . ? 1_555 ? 
13 AC4 6 THR A 118 ? THR A 118 . ? 1_555 ? 
14 AC4 6 ILE A 119 ? ILE A 119 . ? 1_555 ? 
15 AC4 6 TYR A 121 ? TYR A 121 . ? 1_555 ? 
16 AC4 6 LEU A 122 ? LEU A 122 . ? 1_555 ? 
17 AC5 6 PRO A 85  ? PRO A 85  . ? 1_555 ? 
18 AC5 6 ILE A 89  ? ILE A 89  . ? 1_555 ? 
19 AC5 6 LEU A 92  ? LEU A 92  . ? 1_555 ? 
20 AC5 6 TYR A 93  ? TYR A 93  . ? 1_555 ? 
21 AC5 6 LEU A 149 ? LEU A 149 . ? 1_555 ? 
22 AC5 6 LEU A 153 ? LEU A 153 . ? 1_555 ? 
# 
_pdbx_entry_details.entry_id                   5I9K 
_pdbx_entry_details.compound_details           ? 
_pdbx_entry_details.source_details             ? 
_pdbx_entry_details.nonpolymer_details         ? 
_pdbx_entry_details.sequence_details           ? 
_pdbx_entry_details.has_ligand_of_interest     ? 
_pdbx_entry_details.has_protein_modification   N 
# 
loop_
_pdbx_validate_close_contact.id 
_pdbx_validate_close_contact.PDB_model_num 
_pdbx_validate_close_contact.auth_atom_id_1 
_pdbx_validate_close_contact.auth_asym_id_1 
_pdbx_validate_close_contact.auth_comp_id_1 
_pdbx_validate_close_contact.auth_seq_id_1 
_pdbx_validate_close_contact.PDB_ins_code_1 
_pdbx_validate_close_contact.label_alt_id_1 
_pdbx_validate_close_contact.auth_atom_id_2 
_pdbx_validate_close_contact.auth_asym_id_2 
_pdbx_validate_close_contact.auth_comp_id_2 
_pdbx_validate_close_contact.auth_seq_id_2 
_pdbx_validate_close_contact.PDB_ins_code_2 
_pdbx_validate_close_contact.label_alt_id_2 
_pdbx_validate_close_contact.dist 
1  1 OD2 A ASP 99  ? ? N   A SER 101 ? ? 1.97 
2  1 O   A LEU 91  ? ? CB  A SER 94  ? ? 2.00 
3  1 O   A GLU 81  ? ? CD  A PRO 85  ? ? 2.02 
4  1 OD1 A ASN 82  ? ? NH2 A ARG 114 ? ? 2.10 
5  1 O   A ARG 38  ? ? O   A ASN 41  ? ? 2.11 
6  1 O   A THR 141 ? ? CB  A ALA 145 ? ? 2.11 
7  1 O   A ASN 78  ? ? OD1 A ASN 82  ? ? 2.13 
8  1 OG1 A THR 34  ? ? NE2 A HIS 76  ? ? 2.15 
9  1 OD1 A ASN 41  ? ? NZ  A LYS 68  ? ? 2.19 
10 1 O   A ALA 15  ? ? OG  A SER 18  ? ? 2.19 
# 
loop_
_pdbx_validate_symm_contact.id 
_pdbx_validate_symm_contact.PDB_model_num 
_pdbx_validate_symm_contact.auth_atom_id_1 
_pdbx_validate_symm_contact.auth_asym_id_1 
_pdbx_validate_symm_contact.auth_comp_id_1 
_pdbx_validate_symm_contact.auth_seq_id_1 
_pdbx_validate_symm_contact.PDB_ins_code_1 
_pdbx_validate_symm_contact.label_alt_id_1 
_pdbx_validate_symm_contact.site_symmetry_1 
_pdbx_validate_symm_contact.auth_atom_id_2 
_pdbx_validate_symm_contact.auth_asym_id_2 
_pdbx_validate_symm_contact.auth_comp_id_2 
_pdbx_validate_symm_contact.auth_seq_id_2 
_pdbx_validate_symm_contact.PDB_ins_code_2 
_pdbx_validate_symm_contact.label_alt_id_2 
_pdbx_validate_symm_contact.site_symmetry_2 
_pdbx_validate_symm_contact.dist 
1 1 CZ  A PHE 36  ? ? 1_555 C36 A PC1 203 ? ? 4_665 1.97 
2 1 NH2 A ARG 130 ? ? 1_555 SG2 A GSH 201 ? ? 2_655 2.04 
3 1 CE2 A PHE 36  ? ? 1_555 C36 A PC1 203 ? ? 4_665 2.10 
# 
_pdbx_validate_rmsd_angle.id                         1 
_pdbx_validate_rmsd_angle.PDB_model_num              1 
_pdbx_validate_rmsd_angle.auth_atom_id_1             CB 
_pdbx_validate_rmsd_angle.auth_asym_id_1             A 
_pdbx_validate_rmsd_angle.auth_comp_id_1             VAL 
_pdbx_validate_rmsd_angle.auth_seq_id_1              12 
_pdbx_validate_rmsd_angle.PDB_ins_code_1             ? 
_pdbx_validate_rmsd_angle.label_alt_id_1             ? 
_pdbx_validate_rmsd_angle.auth_atom_id_2             CA 
_pdbx_validate_rmsd_angle.auth_asym_id_2             A 
_pdbx_validate_rmsd_angle.auth_comp_id_2             VAL 
_pdbx_validate_rmsd_angle.auth_seq_id_2              12 
_pdbx_validate_rmsd_angle.PDB_ins_code_2             ? 
_pdbx_validate_rmsd_angle.label_alt_id_2             ? 
_pdbx_validate_rmsd_angle.auth_atom_id_3             C 
_pdbx_validate_rmsd_angle.auth_asym_id_3             A 
_pdbx_validate_rmsd_angle.auth_comp_id_3             VAL 
_pdbx_validate_rmsd_angle.auth_seq_id_3              12 
_pdbx_validate_rmsd_angle.PDB_ins_code_3             ? 
_pdbx_validate_rmsd_angle.label_alt_id_3             ? 
_pdbx_validate_rmsd_angle.angle_value                98.72 
_pdbx_validate_rmsd_angle.angle_target_value         111.40 
_pdbx_validate_rmsd_angle.angle_deviation            -12.68 
_pdbx_validate_rmsd_angle.angle_standard_deviation   1.90 
_pdbx_validate_rmsd_angle.linker_flag                N 
# 
loop_
_pdbx_validate_torsion.id 
_pdbx_validate_torsion.PDB_model_num 
_pdbx_validate_torsion.auth_comp_id 
_pdbx_validate_torsion.auth_asym_id 
_pdbx_validate_torsion.auth_seq_id 
_pdbx_validate_torsion.PDB_ins_code 
_pdbx_validate_torsion.label_alt_id 
_pdbx_validate_torsion.phi 
_pdbx_validate_torsion.psi 
1 1 MET A 14  ? ? -26.28  -60.83 
2 1 ILE A 22  ? ? -55.40  -75.05 
3 1 LYS A 26  ? ? -64.43  -70.40 
4 1 TYR A 93  ? ? -59.18  -8.51  
5 1 SER A 94  ? ? -55.00  -71.22 
6 1 SER A 96  ? ? -118.99 50.27  
7 1 THR A 123 ? ? -150.54 -24.10 
8 1 PRO A 124 ? ? -52.84  98.53  
9 1 SER A 151 ? ? -54.80  -71.80 
# 
_pdbx_validate_peptide_omega.id               1 
_pdbx_validate_peptide_omega.PDB_model_num    1 
_pdbx_validate_peptide_omega.auth_comp_id_1   TYR 
_pdbx_validate_peptide_omega.auth_asym_id_1   A 
_pdbx_validate_peptide_omega.auth_seq_id_1    121 
_pdbx_validate_peptide_omega.PDB_ins_code_1   ? 
_pdbx_validate_peptide_omega.label_alt_id_1   ? 
_pdbx_validate_peptide_omega.auth_comp_id_2   LEU 
_pdbx_validate_peptide_omega.auth_asym_id_2   A 
_pdbx_validate_peptide_omega.auth_seq_id_2    122 
_pdbx_validate_peptide_omega.PDB_ins_code_2   ? 
_pdbx_validate_peptide_omega.label_alt_id_2   ? 
_pdbx_validate_peptide_omega.omega            -44.76 
# 
loop_
_pdbx_validate_chiral.id 
_pdbx_validate_chiral.PDB_model_num 
_pdbx_validate_chiral.auth_atom_id 
_pdbx_validate_chiral.label_alt_id 
_pdbx_validate_chiral.auth_asym_id 
_pdbx_validate_chiral.auth_comp_id 
_pdbx_validate_chiral.auth_seq_id 
_pdbx_validate_chiral.PDB_ins_code 
_pdbx_validate_chiral.details 
_pdbx_validate_chiral.omega 
1 1 C2 ? A PC1 202 ? 'WRONG HAND' . 
2 1 C2 ? A PC1 203 ? 'WRONG HAND' . 
# 
_em_3d_fitting.entry_id          5I9K 
_em_3d_fitting.id                1 
_em_3d_fitting.details           ? 
_em_3d_fitting.overall_b_value   ? 
_em_3d_fitting.ref_protocol      ? 
_em_3d_fitting.ref_space         ? 
_em_3d_fitting.target_criteria   ? 
_em_3d_fitting.method            ? 
# 
_em_3d_reconstruction.entry_id                    5I9K 
_em_3d_reconstruction.id                          1 
_em_3d_reconstruction.algorithm                   ? 
_em_3d_reconstruction.details                     ? 
_em_3d_reconstruction.image_processing_id         1 
_em_3d_reconstruction.num_class_averages          ? 
_em_3d_reconstruction.num_particles               ? 
_em_3d_reconstruction.resolution                  3.5 
_em_3d_reconstruction.resolution_method           'DIFFRACTION PATTERN/LAYERLINES' 
_em_3d_reconstruction.symmetry_type               '2D CRYSTAL' 
_em_3d_reconstruction.method                      ? 
_em_3d_reconstruction.nominal_pixel_size          ? 
_em_3d_reconstruction.actual_pixel_size           ? 
_em_3d_reconstruction.magnification_calibration   ? 
_em_3d_reconstruction.citation_id                 ? 
_em_3d_reconstruction.euler_angles_details        ? 
# 
_em_buffer.id            1 
_em_buffer.details       ? 
_em_buffer.pH            7.4 
_em_buffer.specimen_id   1 
_em_buffer.name          ? 
# 
_em_entity_assembly.id                   1 
_em_entity_assembly.parent_id            0 
_em_entity_assembly.details              ? 
_em_entity_assembly.name                 'Complex between microsomal glutathione transferase 1 and glutathione' 
_em_entity_assembly.source               RECOMBINANT 
_em_entity_assembly.type                 COMPLEX 
_em_entity_assembly.entity_id_list       1 
_em_entity_assembly.synonym              ? 
_em_entity_assembly.oligomeric_details   ? 
# 
_em_imaging.id                              1 
_em_imaging.entry_id                        5I9K 
_em_imaging.accelerating_voltage            200 
_em_imaging.alignment_procedure             ? 
_em_imaging.c2_aperture_diameter            ? 
_em_imaging.calibrated_defocus_max          ? 
_em_imaging.calibrated_defocus_min          ? 
_em_imaging.calibrated_magnification        ? 
_em_imaging.cryogen                         ? 
_em_imaging.details                         ? 
_em_imaging.electron_source                 'FIELD EMISSION GUN' 
_em_imaging.illumination_mode               'FLOOD BEAM' 
_em_imaging.microscope_model                'JEOL 2100F' 
_em_imaging.mode                            DIFFRACTION 
_em_imaging.nominal_cs                      ? 
_em_imaging.nominal_defocus_max             ? 
_em_imaging.nominal_defocus_min             ? 
_em_imaging.nominal_magnification           ? 
_em_imaging.recording_temperature_maximum   ? 
_em_imaging.recording_temperature_minimum   ? 
_em_imaging.residual_tilt                   ? 
_em_imaging.specimen_holder_model           ? 
_em_imaging.specimen_id                     1 
_em_imaging.date                            ? 
_em_imaging.temperature                     ? 
_em_imaging.tilt_angle_min                  ? 
_em_imaging.tilt_angle_max                  ? 
_em_imaging.specimen_holder_type            ? 
_em_imaging.astigmatism                     ? 
_em_imaging.electron_beam_tilt_params       ? 
_em_imaging.citation_id                     ? 
_em_imaging.detector_distance               ? 
# 
_em_sample_support.id               1 
_em_sample_support.specimen_id      1 
_em_sample_support.method           ? 
_em_sample_support.film_material    ? 
_em_sample_support.grid_material    ? 
_em_sample_support.grid_mesh_size   ? 
_em_sample_support.grid_type        ? 
_em_sample_support.details          ? 
# 
_em_vitrification.id                    1 
_em_vitrification.specimen_id           1 
_em_vitrification.chamber_temperature   ? 
_em_vitrification.cryogen_name          NITROGEN 
_em_vitrification.details               ? 
_em_vitrification.humidity              ? 
_em_vitrification.instrument            ? 
_em_vitrification.entry_id              5I9K 
_em_vitrification.temp                  ? 
_em_vitrification.method                ? 
_em_vitrification.time_resolved_state   ? 
_em_vitrification.citation_id           ? 
# 
_em_experiment.entry_id                5I9K 
_em_experiment.id                      1 
_em_experiment.aggregation_state       '2D ARRAY' 
_em_experiment.reconstruction_method   CRYSTALLOGRAPHY 
_em_experiment.entity_assembly_id      1 
# 
loop_
_pdbx_unobs_or_zero_occ_residues.id 
_pdbx_unobs_or_zero_occ_residues.PDB_model_num 
_pdbx_unobs_or_zero_occ_residues.polymer_flag 
_pdbx_unobs_or_zero_occ_residues.occupancy_flag 
_pdbx_unobs_or_zero_occ_residues.auth_asym_id 
_pdbx_unobs_or_zero_occ_residues.auth_comp_id 
_pdbx_unobs_or_zero_occ_residues.auth_seq_id 
_pdbx_unobs_or_zero_occ_residues.PDB_ins_code 
_pdbx_unobs_or_zero_occ_residues.label_asym_id 
_pdbx_unobs_or_zero_occ_residues.label_comp_id 
_pdbx_unobs_or_zero_occ_residues.label_seq_id 
1  1 Y 1 A MET 1  ? A MET 1  
2  1 Y 1 A ALA 2  ? A ALA 2  
3  1 Y 1 A ASP 3  ? A ASP 3  
4  1 Y 1 A LEU 4  ? A LEU 4  
5  1 Y 1 A LYS 5  ? A LYS 5  
6  1 Y 1 A GLN 6  ? A GLN 6  
7  1 Y 1 A LEU 7  ? A LEU 7  
8  1 Y 1 A MET 8  ? A MET 8  
9  1 Y 1 A ASP 9  ? A ASP 9  
10 1 Y 1 A VAL 43 ? A VAL 43 
11 1 Y 1 A PHE 44 ? A PHE 44 
12 1 Y 1 A ALA 45 ? A ALA 45 
13 1 Y 1 A ASN 46 ? A ASN 46 
14 1 Y 1 A PRO 47 ? A PRO 47 
15 1 Y 1 A GLU 48 ? A GLU 48 
16 1 Y 1 A ASP 49 ? A ASP 49 
17 1 Y 1 A CYS 50 ? A CYS 50 
18 1 Y 1 A ALA 51 ? A ALA 51 
19 1 Y 1 A GLY 52 ? A GLY 52 
20 1 Y 1 A PHE 53 ? A PHE 53 
21 1 Y 1 A GLY 54 ? A GLY 54 
22 1 Y 1 A LYS 55 ? A LYS 55 
23 1 Y 1 A GLY 56 ? A GLY 56 
24 1 Y 1 A GLU 57 ? A GLU 57 
25 1 Y 1 A ASN 58 ? A ASN 58 
26 1 Y 1 A ALA 59 ? A ALA 59 
27 1 Y 1 A LYS 60 ? A LYS 60 
28 1 Y 1 A LYS 61 ? A LYS 61 
29 1 Y 1 A PHE 62 ? A PHE 62 
30 1 Y 1 A LEU 63 ? A LEU 63 
31 1 Y 1 A ARG 64 ? A ARG 64 
32 1 Y 1 A THR 65 ? A THR 65 
# 
loop_
_chem_comp_atom.comp_id 
_chem_comp_atom.atom_id 
_chem_comp_atom.type_symbol 
_chem_comp_atom.pdbx_aromatic_flag 
_chem_comp_atom.pdbx_stereo_config 
_chem_comp_atom.pdbx_ordinal 
ALA N    N N N 1   
ALA CA   C N S 2   
ALA C    C N N 3   
ALA O    O N N 4   
ALA CB   C N N 5   
ALA OXT  O N N 6   
ALA H    H N N 7   
ALA H2   H N N 8   
ALA HA   H N N 9   
ALA HB1  H N N 10  
ALA HB2  H N N 11  
ALA HB3  H N N 12  
ALA HXT  H N N 13  
ARG N    N N N 14  
ARG CA   C N S 15  
ARG C    C N N 16  
ARG O    O N N 17  
ARG CB   C N N 18  
ARG CG   C N N 19  
ARG CD   C N N 20  
ARG NE   N N N 21  
ARG CZ   C N N 22  
ARG NH1  N N N 23  
ARG NH2  N N N 24  
ARG OXT  O N N 25  
ARG H    H N N 26  
ARG H2   H N N 27  
ARG HA   H N N 28  
ARG HB2  H N N 29  
ARG HB3  H N N 30  
ARG HG2  H N N 31  
ARG HG3  H N N 32  
ARG HD2  H N N 33  
ARG HD3  H N N 34  
ARG HE   H N N 35  
ARG HH11 H N N 36  
ARG HH12 H N N 37  
ARG HH21 H N N 38  
ARG HH22 H N N 39  
ARG HXT  H N N 40  
ASN N    N N N 41  
ASN CA   C N S 42  
ASN C    C N N 43  
ASN O    O N N 44  
ASN CB   C N N 45  
ASN CG   C N N 46  
ASN OD1  O N N 47  
ASN ND2  N N N 48  
ASN OXT  O N N 49  
ASN H    H N N 50  
ASN H2   H N N 51  
ASN HA   H N N 52  
ASN HB2  H N N 53  
ASN HB3  H N N 54  
ASN HD21 H N N 55  
ASN HD22 H N N 56  
ASN HXT  H N N 57  
ASP N    N N N 58  
ASP CA   C N S 59  
ASP C    C N N 60  
ASP O    O N N 61  
ASP CB   C N N 62  
ASP CG   C N N 63  
ASP OD1  O N N 64  
ASP OD2  O N N 65  
ASP OXT  O N N 66  
ASP H    H N N 67  
ASP H2   H N N 68  
ASP HA   H N N 69  
ASP HB2  H N N 70  
ASP HB3  H N N 71  
ASP HD2  H N N 72  
ASP HXT  H N N 73  
CYS N    N N N 74  
CYS CA   C N R 75  
CYS C    C N N 76  
CYS O    O N N 77  
CYS CB   C N N 78  
CYS SG   S N N 79  
CYS OXT  O N N 80  
CYS H    H N N 81  
CYS H2   H N N 82  
CYS HA   H N N 83  
CYS HB2  H N N 84  
CYS HB3  H N N 85  
CYS HG   H N N 86  
CYS HXT  H N N 87  
GLN N    N N N 88  
GLN CA   C N S 89  
GLN C    C N N 90  
GLN O    O N N 91  
GLN CB   C N N 92  
GLN CG   C N N 93  
GLN CD   C N N 94  
GLN OE1  O N N 95  
GLN NE2  N N N 96  
GLN OXT  O N N 97  
GLN H    H N N 98  
GLN H2   H N N 99  
GLN HA   H N N 100 
GLN HB2  H N N 101 
GLN HB3  H N N 102 
GLN HG2  H N N 103 
GLN HG3  H N N 104 
GLN HE21 H N N 105 
GLN HE22 H N N 106 
GLN HXT  H N N 107 
GLU N    N N N 108 
GLU CA   C N S 109 
GLU C    C N N 110 
GLU O    O N N 111 
GLU CB   C N N 112 
GLU CG   C N N 113 
GLU CD   C N N 114 
GLU OE1  O N N 115 
GLU OE2  O N N 116 
GLU OXT  O N N 117 
GLU H    H N N 118 
GLU H2   H N N 119 
GLU HA   H N N 120 
GLU HB2  H N N 121 
GLU HB3  H N N 122 
GLU HG2  H N N 123 
GLU HG3  H N N 124 
GLU HE2  H N N 125 
GLU HXT  H N N 126 
GLY N    N N N 127 
GLY CA   C N N 128 
GLY C    C N N 129 
GLY O    O N N 130 
GLY OXT  O N N 131 
GLY H    H N N 132 
GLY H2   H N N 133 
GLY HA2  H N N 134 
GLY HA3  H N N 135 
GLY HXT  H N N 136 
GSH N1   N N N 137 
GSH CA1  C N S 138 
GSH C1   C N N 139 
GSH O11  O N N 140 
GSH O12  O N N 141 
GSH CB1  C N N 142 
GSH CG1  C N N 143 
GSH CD1  C N N 144 
GSH OE1  O N N 145 
GSH N2   N N N 146 
GSH CA2  C N R 147 
GSH C2   C N N 148 
GSH O2   O N N 149 
GSH CB2  C N N 150 
GSH SG2  S N N 151 
GSH N3   N N N 152 
GSH CA3  C N N 153 
GSH C3   C N N 154 
GSH O31  O N N 155 
GSH O32  O N N 156 
GSH HN11 H N N 157 
GSH HN12 H N N 158 
GSH HA1  H N N 159 
GSH H12  H N N 160 
GSH HB12 H N N 161 
GSH HB13 H N N 162 
GSH HG12 H N N 163 
GSH HG13 H N N 164 
GSH HN2  H N N 165 
GSH HA2  H N N 166 
GSH HB22 H N N 167 
GSH HB23 H N N 168 
GSH HSG  H N N 169 
GSH HN3  H N N 170 
GSH HA31 H N N 171 
GSH HA32 H N N 172 
GSH H32  H N N 173 
HIS N    N N N 174 
HIS CA   C N S 175 
HIS C    C N N 176 
HIS O    O N N 177 
HIS CB   C N N 178 
HIS CG   C Y N 179 
HIS ND1  N Y N 180 
HIS CD2  C Y N 181 
HIS CE1  C Y N 182 
HIS NE2  N Y N 183 
HIS OXT  O N N 184 
HIS H    H N N 185 
HIS H2   H N N 186 
HIS HA   H N N 187 
HIS HB2  H N N 188 
HIS HB3  H N N 189 
HIS HD1  H N N 190 
HIS HD2  H N N 191 
HIS HE1  H N N 192 
HIS HE2  H N N 193 
HIS HXT  H N N 194 
ILE N    N N N 195 
ILE CA   C N S 196 
ILE C    C N N 197 
ILE O    O N N 198 
ILE CB   C N S 199 
ILE CG1  C N N 200 
ILE CG2  C N N 201 
ILE CD1  C N N 202 
ILE OXT  O N N 203 
ILE H    H N N 204 
ILE H2   H N N 205 
ILE HA   H N N 206 
ILE HB   H N N 207 
ILE HG12 H N N 208 
ILE HG13 H N N 209 
ILE HG21 H N N 210 
ILE HG22 H N N 211 
ILE HG23 H N N 212 
ILE HD11 H N N 213 
ILE HD12 H N N 214 
ILE HD13 H N N 215 
ILE HXT  H N N 216 
LEU N    N N N 217 
LEU CA   C N S 218 
LEU C    C N N 219 
LEU O    O N N 220 
LEU CB   C N N 221 
LEU CG   C N N 222 
LEU CD1  C N N 223 
LEU CD2  C N N 224 
LEU OXT  O N N 225 
LEU H    H N N 226 
LEU H2   H N N 227 
LEU HA   H N N 228 
LEU HB2  H N N 229 
LEU HB3  H N N 230 
LEU HG   H N N 231 
LEU HD11 H N N 232 
LEU HD12 H N N 233 
LEU HD13 H N N 234 
LEU HD21 H N N 235 
LEU HD22 H N N 236 
LEU HD23 H N N 237 
LEU HXT  H N N 238 
LYS N    N N N 239 
LYS CA   C N S 240 
LYS C    C N N 241 
LYS O    O N N 242 
LYS CB   C N N 243 
LYS CG   C N N 244 
LYS CD   C N N 245 
LYS CE   C N N 246 
LYS NZ   N N N 247 
LYS OXT  O N N 248 
LYS H    H N N 249 
LYS H2   H N N 250 
LYS HA   H N N 251 
LYS HB2  H N N 252 
LYS HB3  H N N 253 
LYS HG2  H N N 254 
LYS HG3  H N N 255 
LYS HD2  H N N 256 
LYS HD3  H N N 257 
LYS HE2  H N N 258 
LYS HE3  H N N 259 
LYS HZ1  H N N 260 
LYS HZ2  H N N 261 
LYS HZ3  H N N 262 
LYS HXT  H N N 263 
MET N    N N N 264 
MET CA   C N S 265 
MET C    C N N 266 
MET O    O N N 267 
MET CB   C N N 268 
MET CG   C N N 269 
MET SD   S N N 270 
MET CE   C N N 271 
MET OXT  O N N 272 
MET H    H N N 273 
MET H2   H N N 274 
MET HA   H N N 275 
MET HB2  H N N 276 
MET HB3  H N N 277 
MET HG2  H N N 278 
MET HG3  H N N 279 
MET HE1  H N N 280 
MET HE2  H N N 281 
MET HE3  H N N 282 
MET HXT  H N N 283 
PC1 O12  O N N 284 
PC1 P    P N N 285 
PC1 O14  O N N 286 
PC1 O13  O N N 287 
PC1 C11  C N N 288 
PC1 C12  C N N 289 
PC1 N    N N N 290 
PC1 C13  C N N 291 
PC1 C14  C N N 292 
PC1 C15  C N N 293 
PC1 O11  O N N 294 
PC1 C1   C N N 295 
PC1 C2   C N R 296 
PC1 O21  O N N 297 
PC1 C21  C N N 298 
PC1 O22  O N N 299 
PC1 C22  C N N 300 
PC1 C23  C N N 301 
PC1 C24  C N N 302 
PC1 C25  C N N 303 
PC1 C26  C N N 304 
PC1 C27  C N N 305 
PC1 C28  C N N 306 
PC1 C29  C N N 307 
PC1 C2A  C N N 308 
PC1 C2B  C N N 309 
PC1 C2C  C N N 310 
PC1 C2D  C N N 311 
PC1 C2E  C N N 312 
PC1 C2F  C N N 313 
PC1 C2G  C N N 314 
PC1 C2H  C N N 315 
PC1 C2I  C N N 316 
PC1 C3   C N N 317 
PC1 O31  O N N 318 
PC1 C31  C N N 319 
PC1 O32  O N N 320 
PC1 C32  C N N 321 
PC1 C33  C N N 322 
PC1 C34  C N N 323 
PC1 C35  C N N 324 
PC1 C36  C N N 325 
PC1 C37  C N N 326 
PC1 C38  C N N 327 
PC1 C39  C N N 328 
PC1 C3A  C N N 329 
PC1 C3B  C N N 330 
PC1 C3C  C N N 331 
PC1 C3D  C N N 332 
PC1 C3E  C N N 333 
PC1 C3F  C N N 334 
PC1 C3G  C N N 335 
PC1 C3H  C N N 336 
PC1 C3I  C N N 337 
PC1 H111 H N N 338 
PC1 H112 H N N 339 
PC1 H121 H N N 340 
PC1 H122 H N N 341 
PC1 H131 H N N 342 
PC1 H132 H N N 343 
PC1 H133 H N N 344 
PC1 H141 H N N 345 
PC1 H142 H N N 346 
PC1 H143 H N N 347 
PC1 H151 H N N 348 
PC1 H152 H N N 349 
PC1 H153 H N N 350 
PC1 H11  H N N 351 
PC1 H12  H N N 352 
PC1 H2   H N N 353 
PC1 H221 H N N 354 
PC1 H222 H N N 355 
PC1 H231 H N N 356 
PC1 H232 H N N 357 
PC1 H241 H N N 358 
PC1 H242 H N N 359 
PC1 H251 H N N 360 
PC1 H252 H N N 361 
PC1 H261 H N N 362 
PC1 H262 H N N 363 
PC1 H271 H N N 364 
PC1 H272 H N N 365 
PC1 H281 H N N 366 
PC1 H282 H N N 367 
PC1 H291 H N N 368 
PC1 H292 H N N 369 
PC1 H2A1 H N N 370 
PC1 H2A2 H N N 371 
PC1 H2B1 H N N 372 
PC1 H2B2 H N N 373 
PC1 H2C1 H N N 374 
PC1 H2C2 H N N 375 
PC1 H2D1 H N N 376 
PC1 H2D2 H N N 377 
PC1 H2E1 H N N 378 
PC1 H2E2 H N N 379 
PC1 H2F1 H N N 380 
PC1 H2F2 H N N 381 
PC1 H2G1 H N N 382 
PC1 H2G2 H N N 383 
PC1 H2H1 H N N 384 
PC1 H2H2 H N N 385 
PC1 H2I1 H N N 386 
PC1 H2I2 H N N 387 
PC1 H2I3 H N N 388 
PC1 H31  H N N 389 
PC1 H32  H N N 390 
PC1 H321 H N N 391 
PC1 H322 H N N 392 
PC1 H331 H N N 393 
PC1 H332 H N N 394 
PC1 H341 H N N 395 
PC1 H342 H N N 396 
PC1 H351 H N N 397 
PC1 H352 H N N 398 
PC1 H361 H N N 399 
PC1 H362 H N N 400 
PC1 H371 H N N 401 
PC1 H372 H N N 402 
PC1 H381 H N N 403 
PC1 H382 H N N 404 
PC1 H391 H N N 405 
PC1 H392 H N N 406 
PC1 H3A1 H N N 407 
PC1 H3A2 H N N 408 
PC1 H3B1 H N N 409 
PC1 H3B2 H N N 410 
PC1 H3C1 H N N 411 
PC1 H3C2 H N N 412 
PC1 H3D1 H N N 413 
PC1 H3D2 H N N 414 
PC1 H3E1 H N N 415 
PC1 H3E2 H N N 416 
PC1 H3F1 H N N 417 
PC1 H3F2 H N N 418 
PC1 H3G1 H N N 419 
PC1 H3G2 H N N 420 
PC1 H3H1 H N N 421 
PC1 H3H2 H N N 422 
PC1 H3I1 H N N 423 
PC1 H3I2 H N N 424 
PC1 H3I3 H N N 425 
PHE N    N N N 426 
PHE CA   C N S 427 
PHE C    C N N 428 
PHE O    O N N 429 
PHE CB   C N N 430 
PHE CG   C Y N 431 
PHE CD1  C Y N 432 
PHE CD2  C Y N 433 
PHE CE1  C Y N 434 
PHE CE2  C Y N 435 
PHE CZ   C Y N 436 
PHE OXT  O N N 437 
PHE H    H N N 438 
PHE H2   H N N 439 
PHE HA   H N N 440 
PHE HB2  H N N 441 
PHE HB3  H N N 442 
PHE HD1  H N N 443 
PHE HD2  H N N 444 
PHE HE1  H N N 445 
PHE HE2  H N N 446 
PHE HZ   H N N 447 
PHE HXT  H N N 448 
PLM C1   C N N 449 
PLM O1   O N N 450 
PLM O2   O N N 451 
PLM C2   C N N 452 
PLM C3   C N N 453 
PLM C4   C N N 454 
PLM C5   C N N 455 
PLM C6   C N N 456 
PLM C7   C N N 457 
PLM C8   C N N 458 
PLM C9   C N N 459 
PLM CA   C N N 460 
PLM CB   C N N 461 
PLM CC   C N N 462 
PLM CD   C N N 463 
PLM CE   C N N 464 
PLM CF   C N N 465 
PLM CG   C N N 466 
PLM H    H N N 467 
PLM H21  H N N 468 
PLM H22  H N N 469 
PLM H31  H N N 470 
PLM H32  H N N 471 
PLM H41  H N N 472 
PLM H42  H N N 473 
PLM H51  H N N 474 
PLM H52  H N N 475 
PLM H61  H N N 476 
PLM H62  H N N 477 
PLM H71  H N N 478 
PLM H72  H N N 479 
PLM H81  H N N 480 
PLM H82  H N N 481 
PLM H91  H N N 482 
PLM H92  H N N 483 
PLM HA1  H N N 484 
PLM HA2  H N N 485 
PLM HB1  H N N 486 
PLM HB2  H N N 487 
PLM HC1  H N N 488 
PLM HC2  H N N 489 
PLM HD1  H N N 490 
PLM HD2  H N N 491 
PLM HE1  H N N 492 
PLM HE2  H N N 493 
PLM HF1  H N N 494 
PLM HF2  H N N 495 
PLM HG1  H N N 496 
PLM HG2  H N N 497 
PLM HG3  H N N 498 
PRO N    N N N 499 
PRO CA   C N S 500 
PRO C    C N N 501 
PRO O    O N N 502 
PRO CB   C N N 503 
PRO CG   C N N 504 
PRO CD   C N N 505 
PRO OXT  O N N 506 
PRO H    H N N 507 
PRO HA   H N N 508 
PRO HB2  H N N 509 
PRO HB3  H N N 510 
PRO HG2  H N N 511 
PRO HG3  H N N 512 
PRO HD2  H N N 513 
PRO HD3  H N N 514 
PRO HXT  H N N 515 
SER N    N N N 516 
SER CA   C N S 517 
SER C    C N N 518 
SER O    O N N 519 
SER CB   C N N 520 
SER OG   O N N 521 
SER OXT  O N N 522 
SER H    H N N 523 
SER H2   H N N 524 
SER HA   H N N 525 
SER HB2  H N N 526 
SER HB3  H N N 527 
SER HG   H N N 528 
SER HXT  H N N 529 
THR N    N N N 530 
THR CA   C N S 531 
THR C    C N N 532 
THR O    O N N 533 
THR CB   C N R 534 
THR OG1  O N N 535 
THR CG2  C N N 536 
THR OXT  O N N 537 
THR H    H N N 538 
THR H2   H N N 539 
THR HA   H N N 540 
THR HB   H N N 541 
THR HG1  H N N 542 
THR HG21 H N N 543 
THR HG22 H N N 544 
THR HG23 H N N 545 
THR HXT  H N N 546 
TYR N    N N N 547 
TYR CA   C N S 548 
TYR C    C N N 549 
TYR O    O N N 550 
TYR CB   C N N 551 
TYR CG   C Y N 552 
TYR CD1  C Y N 553 
TYR CD2  C Y N 554 
TYR CE1  C Y N 555 
TYR CE2  C Y N 556 
TYR CZ   C Y N 557 
TYR OH   O N N 558 
TYR OXT  O N N 559 
TYR H    H N N 560 
TYR H2   H N N 561 
TYR HA   H N N 562 
TYR HB2  H N N 563 
TYR HB3  H N N 564 
TYR HD1  H N N 565 
TYR HD2  H N N 566 
TYR HE1  H N N 567 
TYR HE2  H N N 568 
TYR HH   H N N 569 
TYR HXT  H N N 570 
VAL N    N N N 571 
VAL CA   C N S 572 
VAL C    C N N 573 
VAL O    O N N 574 
VAL CB   C N N 575 
VAL CG1  C N N 576 
VAL CG2  C N N 577 
VAL OXT  O N N 578 
VAL H    H N N 579 
VAL H2   H N N 580 
VAL HA   H N N 581 
VAL HB   H N N 582 
VAL HG11 H N N 583 
VAL HG12 H N N 584 
VAL HG13 H N N 585 
VAL HG21 H N N 586 
VAL HG22 H N N 587 
VAL HG23 H N N 588 
VAL HXT  H N N 589 
# 
loop_
_chem_comp_bond.comp_id 
_chem_comp_bond.atom_id_1 
_chem_comp_bond.atom_id_2 
_chem_comp_bond.value_order 
_chem_comp_bond.pdbx_aromatic_flag 
_chem_comp_bond.pdbx_stereo_config 
_chem_comp_bond.pdbx_ordinal 
ALA N   CA   sing N N 1   
ALA N   H    sing N N 2   
ALA N   H2   sing N N 3   
ALA CA  C    sing N N 4   
ALA CA  CB   sing N N 5   
ALA CA  HA   sing N N 6   
ALA C   O    doub N N 7   
ALA C   OXT  sing N N 8   
ALA CB  HB1  sing N N 9   
ALA CB  HB2  sing N N 10  
ALA CB  HB3  sing N N 11  
ALA OXT HXT  sing N N 12  
ARG N   CA   sing N N 13  
ARG N   H    sing N N 14  
ARG N   H2   sing N N 15  
ARG CA  C    sing N N 16  
ARG CA  CB   sing N N 17  
ARG CA  HA   sing N N 18  
ARG C   O    doub N N 19  
ARG C   OXT  sing N N 20  
ARG CB  CG   sing N N 21  
ARG CB  HB2  sing N N 22  
ARG CB  HB3  sing N N 23  
ARG CG  CD   sing N N 24  
ARG CG  HG2  sing N N 25  
ARG CG  HG3  sing N N 26  
ARG CD  NE   sing N N 27  
ARG CD  HD2  sing N N 28  
ARG CD  HD3  sing N N 29  
ARG NE  CZ   sing N N 30  
ARG NE  HE   sing N N 31  
ARG CZ  NH1  sing N N 32  
ARG CZ  NH2  doub N N 33  
ARG NH1 HH11 sing N N 34  
ARG NH1 HH12 sing N N 35  
ARG NH2 HH21 sing N N 36  
ARG NH2 HH22 sing N N 37  
ARG OXT HXT  sing N N 38  
ASN N   CA   sing N N 39  
ASN N   H    sing N N 40  
ASN N   H2   sing N N 41  
ASN CA  C    sing N N 42  
ASN CA  CB   sing N N 43  
ASN CA  HA   sing N N 44  
ASN C   O    doub N N 45  
ASN C   OXT  sing N N 46  
ASN CB  CG   sing N N 47  
ASN CB  HB2  sing N N 48  
ASN CB  HB3  sing N N 49  
ASN CG  OD1  doub N N 50  
ASN CG  ND2  sing N N 51  
ASN ND2 HD21 sing N N 52  
ASN ND2 HD22 sing N N 53  
ASN OXT HXT  sing N N 54  
ASP N   CA   sing N N 55  
ASP N   H    sing N N 56  
ASP N   H2   sing N N 57  
ASP CA  C    sing N N 58  
ASP CA  CB   sing N N 59  
ASP CA  HA   sing N N 60  
ASP C   O    doub N N 61  
ASP C   OXT  sing N N 62  
ASP CB  CG   sing N N 63  
ASP CB  HB2  sing N N 64  
ASP CB  HB3  sing N N 65  
ASP CG  OD1  doub N N 66  
ASP CG  OD2  sing N N 67  
ASP OD2 HD2  sing N N 68  
ASP OXT HXT  sing N N 69  
CYS N   CA   sing N N 70  
CYS N   H    sing N N 71  
CYS N   H2   sing N N 72  
CYS CA  C    sing N N 73  
CYS CA  CB   sing N N 74  
CYS CA  HA   sing N N 75  
CYS C   O    doub N N 76  
CYS C   OXT  sing N N 77  
CYS CB  SG   sing N N 78  
CYS CB  HB2  sing N N 79  
CYS CB  HB3  sing N N 80  
CYS SG  HG   sing N N 81  
CYS OXT HXT  sing N N 82  
GLN N   CA   sing N N 83  
GLN N   H    sing N N 84  
GLN N   H2   sing N N 85  
GLN CA  C    sing N N 86  
GLN CA  CB   sing N N 87  
GLN CA  HA   sing N N 88  
GLN C   O    doub N N 89  
GLN C   OXT  sing N N 90  
GLN CB  CG   sing N N 91  
GLN CB  HB2  sing N N 92  
GLN CB  HB3  sing N N 93  
GLN CG  CD   sing N N 94  
GLN CG  HG2  sing N N 95  
GLN CG  HG3  sing N N 96  
GLN CD  OE1  doub N N 97  
GLN CD  NE2  sing N N 98  
GLN NE2 HE21 sing N N 99  
GLN NE2 HE22 sing N N 100 
GLN OXT HXT  sing N N 101 
GLU N   CA   sing N N 102 
GLU N   H    sing N N 103 
GLU N   H2   sing N N 104 
GLU CA  C    sing N N 105 
GLU CA  CB   sing N N 106 
GLU CA  HA   sing N N 107 
GLU C   O    doub N N 108 
GLU C   OXT  sing N N 109 
GLU CB  CG   sing N N 110 
GLU CB  HB2  sing N N 111 
GLU CB  HB3  sing N N 112 
GLU CG  CD   sing N N 113 
GLU CG  HG2  sing N N 114 
GLU CG  HG3  sing N N 115 
GLU CD  OE1  doub N N 116 
GLU CD  OE2  sing N N 117 
GLU OE2 HE2  sing N N 118 
GLU OXT HXT  sing N N 119 
GLY N   CA   sing N N 120 
GLY N   H    sing N N 121 
GLY N   H2   sing N N 122 
GLY CA  C    sing N N 123 
GLY CA  HA2  sing N N 124 
GLY CA  HA3  sing N N 125 
GLY C   O    doub N N 126 
GLY C   OXT  sing N N 127 
GLY OXT HXT  sing N N 128 
GSH N1  CA1  sing N N 129 
GSH N1  HN11 sing N N 130 
GSH N1  HN12 sing N N 131 
GSH CA1 C1   sing N N 132 
GSH CA1 CB1  sing N N 133 
GSH CA1 HA1  sing N N 134 
GSH C1  O11  doub N N 135 
GSH C1  O12  sing N N 136 
GSH O12 H12  sing N N 137 
GSH CB1 CG1  sing N N 138 
GSH CB1 HB12 sing N N 139 
GSH CB1 HB13 sing N N 140 
GSH CG1 CD1  sing N N 141 
GSH CG1 HG12 sing N N 142 
GSH CG1 HG13 sing N N 143 
GSH CD1 OE1  doub N N 144 
GSH CD1 N2   sing N N 145 
GSH N2  CA2  sing N N 146 
GSH N2  HN2  sing N N 147 
GSH CA2 C2   sing N N 148 
GSH CA2 CB2  sing N N 149 
GSH CA2 HA2  sing N N 150 
GSH C2  O2   doub N N 151 
GSH C2  N3   sing N N 152 
GSH CB2 SG2  sing N N 153 
GSH CB2 HB22 sing N N 154 
GSH CB2 HB23 sing N N 155 
GSH SG2 HSG  sing N N 156 
GSH N3  CA3  sing N N 157 
GSH N3  HN3  sing N N 158 
GSH CA3 C3   sing N N 159 
GSH CA3 HA31 sing N N 160 
GSH CA3 HA32 sing N N 161 
GSH C3  O31  doub N N 162 
GSH C3  O32  sing N N 163 
GSH O32 H32  sing N N 164 
HIS N   CA   sing N N 165 
HIS N   H    sing N N 166 
HIS N   H2   sing N N 167 
HIS CA  C    sing N N 168 
HIS CA  CB   sing N N 169 
HIS CA  HA   sing N N 170 
HIS C   O    doub N N 171 
HIS C   OXT  sing N N 172 
HIS CB  CG   sing N N 173 
HIS CB  HB2  sing N N 174 
HIS CB  HB3  sing N N 175 
HIS CG  ND1  sing Y N 176 
HIS CG  CD2  doub Y N 177 
HIS ND1 CE1  doub Y N 178 
HIS ND1 HD1  sing N N 179 
HIS CD2 NE2  sing Y N 180 
HIS CD2 HD2  sing N N 181 
HIS CE1 NE2  sing Y N 182 
HIS CE1 HE1  sing N N 183 
HIS NE2 HE2  sing N N 184 
HIS OXT HXT  sing N N 185 
ILE N   CA   sing N N 186 
ILE N   H    sing N N 187 
ILE N   H2   sing N N 188 
ILE CA  C    sing N N 189 
ILE CA  CB   sing N N 190 
ILE CA  HA   sing N N 191 
ILE C   O    doub N N 192 
ILE C   OXT  sing N N 193 
ILE CB  CG1  sing N N 194 
ILE CB  CG2  sing N N 195 
ILE CB  HB   sing N N 196 
ILE CG1 CD1  sing N N 197 
ILE CG1 HG12 sing N N 198 
ILE CG1 HG13 sing N N 199 
ILE CG2 HG21 sing N N 200 
ILE CG2 HG22 sing N N 201 
ILE CG2 HG23 sing N N 202 
ILE CD1 HD11 sing N N 203 
ILE CD1 HD12 sing N N 204 
ILE CD1 HD13 sing N N 205 
ILE OXT HXT  sing N N 206 
LEU N   CA   sing N N 207 
LEU N   H    sing N N 208 
LEU N   H2   sing N N 209 
LEU CA  C    sing N N 210 
LEU CA  CB   sing N N 211 
LEU CA  HA   sing N N 212 
LEU C   O    doub N N 213 
LEU C   OXT  sing N N 214 
LEU CB  CG   sing N N 215 
LEU CB  HB2  sing N N 216 
LEU CB  HB3  sing N N 217 
LEU CG  CD1  sing N N 218 
LEU CG  CD2  sing N N 219 
LEU CG  HG   sing N N 220 
LEU CD1 HD11 sing N N 221 
LEU CD1 HD12 sing N N 222 
LEU CD1 HD13 sing N N 223 
LEU CD2 HD21 sing N N 224 
LEU CD2 HD22 sing N N 225 
LEU CD2 HD23 sing N N 226 
LEU OXT HXT  sing N N 227 
LYS N   CA   sing N N 228 
LYS N   H    sing N N 229 
LYS N   H2   sing N N 230 
LYS CA  C    sing N N 231 
LYS CA  CB   sing N N 232 
LYS CA  HA   sing N N 233 
LYS C   O    doub N N 234 
LYS C   OXT  sing N N 235 
LYS CB  CG   sing N N 236 
LYS CB  HB2  sing N N 237 
LYS CB  HB3  sing N N 238 
LYS CG  CD   sing N N 239 
LYS CG  HG2  sing N N 240 
LYS CG  HG3  sing N N 241 
LYS CD  CE   sing N N 242 
LYS CD  HD2  sing N N 243 
LYS CD  HD3  sing N N 244 
LYS CE  NZ   sing N N 245 
LYS CE  HE2  sing N N 246 
LYS CE  HE3  sing N N 247 
LYS NZ  HZ1  sing N N 248 
LYS NZ  HZ2  sing N N 249 
LYS NZ  HZ3  sing N N 250 
LYS OXT HXT  sing N N 251 
MET N   CA   sing N N 252 
MET N   H    sing N N 253 
MET N   H2   sing N N 254 
MET CA  C    sing N N 255 
MET CA  CB   sing N N 256 
MET CA  HA   sing N N 257 
MET C   O    doub N N 258 
MET C   OXT  sing N N 259 
MET CB  CG   sing N N 260 
MET CB  HB2  sing N N 261 
MET CB  HB3  sing N N 262 
MET CG  SD   sing N N 263 
MET CG  HG2  sing N N 264 
MET CG  HG3  sing N N 265 
MET SD  CE   sing N N 266 
MET CE  HE1  sing N N 267 
MET CE  HE2  sing N N 268 
MET CE  HE3  sing N N 269 
MET OXT HXT  sing N N 270 
PC1 O12 P    sing N N 271 
PC1 P   O14  doub N N 272 
PC1 P   O13  sing N N 273 
PC1 P   O11  sing N N 274 
PC1 O13 C11  sing N N 275 
PC1 C11 C12  sing N N 276 
PC1 C11 H111 sing N N 277 
PC1 C11 H112 sing N N 278 
PC1 C12 N    sing N N 279 
PC1 C12 H121 sing N N 280 
PC1 C12 H122 sing N N 281 
PC1 N   C13  sing N N 282 
PC1 N   C14  sing N N 283 
PC1 N   C15  sing N N 284 
PC1 C13 H131 sing N N 285 
PC1 C13 H132 sing N N 286 
PC1 C13 H133 sing N N 287 
PC1 C14 H141 sing N N 288 
PC1 C14 H142 sing N N 289 
PC1 C14 H143 sing N N 290 
PC1 C15 H151 sing N N 291 
PC1 C15 H152 sing N N 292 
PC1 C15 H153 sing N N 293 
PC1 O11 C1   sing N N 294 
PC1 C1  C2   sing N N 295 
PC1 C1  H11  sing N N 296 
PC1 C1  H12  sing N N 297 
PC1 C2  O21  sing N N 298 
PC1 C2  C3   sing N N 299 
PC1 C2  H2   sing N N 300 
PC1 O21 C21  sing N N 301 
PC1 C21 O22  doub N N 302 
PC1 C21 C22  sing N N 303 
PC1 C22 C23  sing N N 304 
PC1 C22 H221 sing N N 305 
PC1 C22 H222 sing N N 306 
PC1 C23 C24  sing N N 307 
PC1 C23 H231 sing N N 308 
PC1 C23 H232 sing N N 309 
PC1 C24 C25  sing N N 310 
PC1 C24 H241 sing N N 311 
PC1 C24 H242 sing N N 312 
PC1 C25 C26  sing N N 313 
PC1 C25 H251 sing N N 314 
PC1 C25 H252 sing N N 315 
PC1 C26 C27  sing N N 316 
PC1 C26 H261 sing N N 317 
PC1 C26 H262 sing N N 318 
PC1 C27 C28  sing N N 319 
PC1 C27 H271 sing N N 320 
PC1 C27 H272 sing N N 321 
PC1 C28 C29  sing N N 322 
PC1 C28 H281 sing N N 323 
PC1 C28 H282 sing N N 324 
PC1 C29 C2A  sing N N 325 
PC1 C29 H291 sing N N 326 
PC1 C29 H292 sing N N 327 
PC1 C2A C2B  sing N N 328 
PC1 C2A H2A1 sing N N 329 
PC1 C2A H2A2 sing N N 330 
PC1 C2B C2C  sing N N 331 
PC1 C2B H2B1 sing N N 332 
PC1 C2B H2B2 sing N N 333 
PC1 C2C C2D  sing N N 334 
PC1 C2C H2C1 sing N N 335 
PC1 C2C H2C2 sing N N 336 
PC1 C2D C2E  sing N N 337 
PC1 C2D H2D1 sing N N 338 
PC1 C2D H2D2 sing N N 339 
PC1 C2E C2F  sing N N 340 
PC1 C2E H2E1 sing N N 341 
PC1 C2E H2E2 sing N N 342 
PC1 C2F C2G  sing N N 343 
PC1 C2F H2F1 sing N N 344 
PC1 C2F H2F2 sing N N 345 
PC1 C2G C2H  sing N N 346 
PC1 C2G H2G1 sing N N 347 
PC1 C2G H2G2 sing N N 348 
PC1 C2H C2I  sing N N 349 
PC1 C2H H2H1 sing N N 350 
PC1 C2H H2H2 sing N N 351 
PC1 C2I H2I1 sing N N 352 
PC1 C2I H2I2 sing N N 353 
PC1 C2I H2I3 sing N N 354 
PC1 C3  O31  sing N N 355 
PC1 C3  H31  sing N N 356 
PC1 C3  H32  sing N N 357 
PC1 O31 C31  sing N N 358 
PC1 C31 O32  doub N N 359 
PC1 C31 C32  sing N N 360 
PC1 C32 C33  sing N N 361 
PC1 C32 H321 sing N N 362 
PC1 C32 H322 sing N N 363 
PC1 C33 C34  sing N N 364 
PC1 C33 H331 sing N N 365 
PC1 C33 H332 sing N N 366 
PC1 C34 C35  sing N N 367 
PC1 C34 H341 sing N N 368 
PC1 C34 H342 sing N N 369 
PC1 C35 C36  sing N N 370 
PC1 C35 H351 sing N N 371 
PC1 C35 H352 sing N N 372 
PC1 C36 C37  sing N N 373 
PC1 C36 H361 sing N N 374 
PC1 C36 H362 sing N N 375 
PC1 C37 C38  sing N N 376 
PC1 C37 H371 sing N N 377 
PC1 C37 H372 sing N N 378 
PC1 C38 C39  sing N N 379 
PC1 C38 H381 sing N N 380 
PC1 C38 H382 sing N N 381 
PC1 C39 C3A  sing N N 382 
PC1 C39 H391 sing N N 383 
PC1 C39 H392 sing N N 384 
PC1 C3A C3B  sing N N 385 
PC1 C3A H3A1 sing N N 386 
PC1 C3A H3A2 sing N N 387 
PC1 C3B C3C  sing N N 388 
PC1 C3B H3B1 sing N N 389 
PC1 C3B H3B2 sing N N 390 
PC1 C3C C3D  sing N N 391 
PC1 C3C H3C1 sing N N 392 
PC1 C3C H3C2 sing N N 393 
PC1 C3D C3E  sing N N 394 
PC1 C3D H3D1 sing N N 395 
PC1 C3D H3D2 sing N N 396 
PC1 C3E C3F  sing N N 397 
PC1 C3E H3E1 sing N N 398 
PC1 C3E H3E2 sing N N 399 
PC1 C3F C3G  sing N N 400 
PC1 C3F H3F1 sing N N 401 
PC1 C3F H3F2 sing N N 402 
PC1 C3G C3H  sing N N 403 
PC1 C3G H3G1 sing N N 404 
PC1 C3G H3G2 sing N N 405 
PC1 C3H C3I  sing N N 406 
PC1 C3H H3H1 sing N N 407 
PC1 C3H H3H2 sing N N 408 
PC1 C3I H3I1 sing N N 409 
PC1 C3I H3I2 sing N N 410 
PC1 C3I H3I3 sing N N 411 
PHE N   CA   sing N N 412 
PHE N   H    sing N N 413 
PHE N   H2   sing N N 414 
PHE CA  C    sing N N 415 
PHE CA  CB   sing N N 416 
PHE CA  HA   sing N N 417 
PHE C   O    doub N N 418 
PHE C   OXT  sing N N 419 
PHE CB  CG   sing N N 420 
PHE CB  HB2  sing N N 421 
PHE CB  HB3  sing N N 422 
PHE CG  CD1  doub Y N 423 
PHE CG  CD2  sing Y N 424 
PHE CD1 CE1  sing Y N 425 
PHE CD1 HD1  sing N N 426 
PHE CD2 CE2  doub Y N 427 
PHE CD2 HD2  sing N N 428 
PHE CE1 CZ   doub Y N 429 
PHE CE1 HE1  sing N N 430 
PHE CE2 CZ   sing Y N 431 
PHE CE2 HE2  sing N N 432 
PHE CZ  HZ   sing N N 433 
PHE OXT HXT  sing N N 434 
PLM C1  O1   sing N N 435 
PLM C1  O2   doub N N 436 
PLM C1  C2   sing N N 437 
PLM O1  H    sing N N 438 
PLM C2  C3   sing N N 439 
PLM C2  H21  sing N N 440 
PLM C2  H22  sing N N 441 
PLM C3  C4   sing N N 442 
PLM C3  H31  sing N N 443 
PLM C3  H32  sing N N 444 
PLM C4  C5   sing N N 445 
PLM C4  H41  sing N N 446 
PLM C4  H42  sing N N 447 
PLM C5  C6   sing N N 448 
PLM C5  H51  sing N N 449 
PLM C5  H52  sing N N 450 
PLM C6  C7   sing N N 451 
PLM C6  H61  sing N N 452 
PLM C6  H62  sing N N 453 
PLM C7  C8   sing N N 454 
PLM C7  H71  sing N N 455 
PLM C7  H72  sing N N 456 
PLM C8  C9   sing N N 457 
PLM C8  H81  sing N N 458 
PLM C8  H82  sing N N 459 
PLM C9  CA   sing N N 460 
PLM C9  H91  sing N N 461 
PLM C9  H92  sing N N 462 
PLM CA  CB   sing N N 463 
PLM CA  HA1  sing N N 464 
PLM CA  HA2  sing N N 465 
PLM CB  CC   sing N N 466 
PLM CB  HB1  sing N N 467 
PLM CB  HB2  sing N N 468 
PLM CC  CD   sing N N 469 
PLM CC  HC1  sing N N 470 
PLM CC  HC2  sing N N 471 
PLM CD  CE   sing N N 472 
PLM CD  HD1  sing N N 473 
PLM CD  HD2  sing N N 474 
PLM CE  CF   sing N N 475 
PLM CE  HE1  sing N N 476 
PLM CE  HE2  sing N N 477 
PLM CF  CG   sing N N 478 
PLM CF  HF1  sing N N 479 
PLM CF  HF2  sing N N 480 
PLM CG  HG1  sing N N 481 
PLM CG  HG2  sing N N 482 
PLM CG  HG3  sing N N 483 
PRO N   CA   sing N N 484 
PRO N   CD   sing N N 485 
PRO N   H    sing N N 486 
PRO CA  C    sing N N 487 
PRO CA  CB   sing N N 488 
PRO CA  HA   sing N N 489 
PRO C   O    doub N N 490 
PRO C   OXT  sing N N 491 
PRO CB  CG   sing N N 492 
PRO CB  HB2  sing N N 493 
PRO CB  HB3  sing N N 494 
PRO CG  CD   sing N N 495 
PRO CG  HG2  sing N N 496 
PRO CG  HG3  sing N N 497 
PRO CD  HD2  sing N N 498 
PRO CD  HD3  sing N N 499 
PRO OXT HXT  sing N N 500 
SER N   CA   sing N N 501 
SER N   H    sing N N 502 
SER N   H2   sing N N 503 
SER CA  C    sing N N 504 
SER CA  CB   sing N N 505 
SER CA  HA   sing N N 506 
SER C   O    doub N N 507 
SER C   OXT  sing N N 508 
SER CB  OG   sing N N 509 
SER CB  HB2  sing N N 510 
SER CB  HB3  sing N N 511 
SER OG  HG   sing N N 512 
SER OXT HXT  sing N N 513 
THR N   CA   sing N N 514 
THR N   H    sing N N 515 
THR N   H2   sing N N 516 
THR CA  C    sing N N 517 
THR CA  CB   sing N N 518 
THR CA  HA   sing N N 519 
THR C   O    doub N N 520 
THR C   OXT  sing N N 521 
THR CB  OG1  sing N N 522 
THR CB  CG2  sing N N 523 
THR CB  HB   sing N N 524 
THR OG1 HG1  sing N N 525 
THR CG2 HG21 sing N N 526 
THR CG2 HG22 sing N N 527 
THR CG2 HG23 sing N N 528 
THR OXT HXT  sing N N 529 
TYR N   CA   sing N N 530 
TYR N   H    sing N N 531 
TYR N   H2   sing N N 532 
TYR CA  C    sing N N 533 
TYR CA  CB   sing N N 534 
TYR CA  HA   sing N N 535 
TYR C   O    doub N N 536 
TYR C   OXT  sing N N 537 
TYR CB  CG   sing N N 538 
TYR CB  HB2  sing N N 539 
TYR CB  HB3  sing N N 540 
TYR CG  CD1  doub Y N 541 
TYR CG  CD2  sing Y N 542 
TYR CD1 CE1  sing Y N 543 
TYR CD1 HD1  sing N N 544 
TYR CD2 CE2  doub Y N 545 
TYR CD2 HD2  sing N N 546 
TYR CE1 CZ   doub Y N 547 
TYR CE1 HE1  sing N N 548 
TYR CE2 CZ   sing Y N 549 
TYR CE2 HE2  sing N N 550 
TYR CZ  OH   sing N N 551 
TYR OH  HH   sing N N 552 
TYR OXT HXT  sing N N 553 
VAL N   CA   sing N N 554 
VAL N   H    sing N N 555 
VAL N   H2   sing N N 556 
VAL CA  C    sing N N 557 
VAL CA  CB   sing N N 558 
VAL CA  HA   sing N N 559 
VAL C   O    doub N N 560 
VAL C   OXT  sing N N 561 
VAL CB  CG1  sing N N 562 
VAL CB  CG2  sing N N 563 
VAL CB  HB   sing N N 564 
VAL CG1 HG11 sing N N 565 
VAL CG1 HG12 sing N N 566 
VAL CG1 HG13 sing N N 567 
VAL CG2 HG21 sing N N 568 
VAL CG2 HG22 sing N N 569 
VAL CG2 HG23 sing N N 570 
VAL OXT HXT  sing N N 571 
# 
_em_2d_crystal_entity.id                     1 
_em_2d_crystal_entity.angle_gamma            120.0 
_em_2d_crystal_entity.length_a               81.8 
_em_2d_crystal_entity.length_b               81.8 
_em_2d_crystal_entity.length_c               100.0 
_em_2d_crystal_entity.space_group_name_H-M   'P 6' 
_em_2d_crystal_entity.image_processing_id    1 
_em_2d_crystal_entity.c_sampling_length      ? 
# 
_em_admin.entry_id           5I9K 
_em_admin.current_status     REL 
_em_admin.deposition_date    2016-02-20 
_em_admin.deposition_site    PDBE 
_em_admin.last_update        2025-05-07 
_em_admin.map_release_date   2017-07-12 
_em_admin.title              'The structure of microsomal glutathione transferase 1' 
# 
_em_crystal_formation.id                    1 
_em_crystal_formation.specimen_id           1 
_em_crystal_formation.atmosphere            ? 
_em_crystal_formation.details               'Dialysis of protein solubulized in Triton X-100' 
_em_crystal_formation.instrument            ? 
_em_crystal_formation.lipid_mixture         'bovine liver lecithin' 
_em_crystal_formation.lipid_protein_ratio   3 
_em_crystal_formation.temperature           293 
_em_crystal_formation.time                  7 
_em_crystal_formation.time_unit             DAY 
# 
_em_ctf_correction.id                       1 
_em_ctf_correction.em_image_processing_id   1 
_em_ctf_correction.type                     NONE 
_em_ctf_correction.details                  ? 
# 
_em_diffraction.id                1 
_em_diffraction.camera_length     200 
_em_diffraction.imaging_id        1 
_em_diffraction.tilt_angle_list   ? 
# 
_em_diffraction_stats.id                               1 
_em_diffraction_stats.details                          ? 
_em_diffraction_stats.image_processing_id              1 
_em_diffraction_stats.fourier_space_coverage           82.5 
_em_diffraction_stats.high_resolution                  3.5 
_em_diffraction_stats.num_intensities_measured         97987 
_em_diffraction_stats.num_structure_factors            6314 
_em_diffraction_stats.overall_phase_error              0.00001 
_em_diffraction_stats.overall_phase_residual           0.00001 
_em_diffraction_stats.phase_error_rejection_criteria   0 
_em_diffraction_stats.r_merge                          0.396 
_em_diffraction_stats.r_sym                            0.126 
# 
_em_embedding.id            1 
_em_embedding.details       ? 
_em_embedding.specimen_id   1 
_em_embedding.material      trehalose 
# 
_em_entity_assembly_molwt.entity_assembly_id   1 
_em_entity_assembly_molwt.id                   1 
_em_entity_assembly_molwt.experimental_flag    NO 
_em_entity_assembly_molwt.units                MEGADALTONS 
_em_entity_assembly_molwt.value                52940 
# 
_em_entity_assembly_naturalsource.id                   2 
_em_entity_assembly_naturalsource.entity_assembly_id   1 
_em_entity_assembly_naturalsource.cell                 ? 
_em_entity_assembly_naturalsource.cellular_location    ? 
_em_entity_assembly_naturalsource.ncbi_tax_id          10116 
_em_entity_assembly_naturalsource.organ                . 
_em_entity_assembly_naturalsource.organelle            ? 
_em_entity_assembly_naturalsource.organism             'Rattus norvegicus' 
_em_entity_assembly_naturalsource.strain               ? 
_em_entity_assembly_naturalsource.tissue               ? 
# 
_em_entity_assembly_recombinant.id                   2 
_em_entity_assembly_recombinant.entity_assembly_id   1 
_em_entity_assembly_recombinant.cell                 ? 
_em_entity_assembly_recombinant.ncbi_tax_id          562 
_em_entity_assembly_recombinant.organism             'Escherichia coli' 
_em_entity_assembly_recombinant.plasmid              pSP19T7LT 
_em_entity_assembly_recombinant.strain               ? 
# 
_em_image_processing.id                   1 
_em_image_processing.image_recording_id   1 
_em_image_processing.details              ? 
# 
_em_image_recording.id                            1 
_em_image_recording.imaging_id                    1 
_em_image_recording.avg_electron_dose_per_image   1.0 
_em_image_recording.average_exposure_time         ? 
_em_image_recording.details                       ? 
_em_image_recording.detector_mode                 ? 
_em_image_recording.film_or_detector_model        'TVIPS TEMCAM-F415 (4k x 4k)' 
_em_image_recording.num_diffraction_images        225 
_em_image_recording.num_grids_imaged              ? 
_em_image_recording.num_real_images               ? 
# 
_em_imaging_optics.id                         1 
_em_imaging_optics.imaging_id                 1 
_em_imaging_optics.chr_aberration_corrector   ? 
_em_imaging_optics.energyfilter_lower         ? 
_em_imaging_optics.energyfilter_name          ? 
_em_imaging_optics.energyfilter_upper         ? 
_em_imaging_optics.phase_plate                ? 
_em_imaging_optics.sph_aberration_corrector   ? 
# 
loop_
_em_software.id 
_em_software.category 
_em_software.details 
_em_software.name 
_em_software.version 
_em_software.image_processing_id 
_em_software.fitting_id 
_em_software.imaging_id 
1  'IMAGE ACQUISITION'       ? ?      ? ? ? 1 
2  MASKING                   ? ?      ? ? ? ? 
3  'CTF CORRECTION'          ? ?      ? 1 ? ? 
4  'LAYERLINE INDEXING'      ? ?      ? ? ? ? 
5  'DIFFRACTION INDEXING'    ? ?      ? ? ? ? 
6  'MODEL FITTING'           ? ?      ? ? 1 ? 
7  OTHER                     ? ?      ? ? ? ? 
8  'MOLECULAR REPLACEMENT'   ? ?      ? 1 ? ? 
9  'MOLECULAR REPLACEMENT'   ? ?      ? 1 ? ? 
10 'SYMMETRY DETERMINATION'  ? ?      ? 1 ? ? 
11 'CRYSTALLOGRAPHY MERGING' ? ?      ? 1 ? ? 
12 RECONSTRUCTION            ? ?      ? 1 ? ? 
13 'MODEL REFINEMENT'        ? REFMAC 5 ? 1 ? 
# 
_em_specimen.id                      1 
_em_specimen.experiment_id           1 
_em_specimen.concentration           ? 
_em_specimen.details                 ? 
_em_specimen.embedding_applied       YES 
_em_specimen.shadowing_applied       NO 
_em_specimen.staining_applied        NO 
_em_specimen.vitrification_applied   YES 
# 
loop_
_pdbx_audit_support.funding_organization 
_pdbx_audit_support.country 
_pdbx_audit_support.grant_number 
_pdbx_audit_support.ordinal 
VR    Sweden ? 1 
CIMED Sweden ? 2 
# 
loop_
_pdbx_reflns_twin.domain_id 
_pdbx_reflns_twin.crystal_id 
_pdbx_reflns_twin.diffrn_id 
_pdbx_reflns_twin.type 
_pdbx_reflns_twin.operator 
_pdbx_reflns_twin.fraction 
1 1 1 ? 'H, K, L'     0.509 
2 1 1 ? '-H-K, K, -L' 0.491 
# 
_atom_sites.entry_id                    5I9K 
_atom_sites.fract_transf_matrix[1][1]   -0.00679713 
_atom_sites.fract_transf_matrix[1][2]   -0.01205853 
_atom_sites.fract_transf_matrix[1][3]   0.00276711 
_atom_sites.fract_transf_matrix[2][1]   0.00640542 
_atom_sites.fract_transf_matrix[2][2]   -0.01238190 
_atom_sites.fract_transf_matrix[2][3]   -0.00221828 
_atom_sites.fract_transf_matrix[3][1]   0.00353549 
_atom_sites.fract_transf_matrix[3][2]   0.00015336 
_atom_sites.fract_transf_matrix[3][3]   0.00935290 
_atom_sites.fract_transf_vector[1]      0.522401 
_atom_sites.fract_transf_vector[2]      0.336375 
_atom_sites.fract_transf_vector[3]      0.007199 
# 
loop_
_atom_type.symbol 
C 
N 
O 
P 
S 
# 
loop_
_atom_site.group_PDB 
_atom_site.id 
_atom_site.type_symbol 
_atom_site.label_atom_id 
_atom_site.label_alt_id 
_atom_site.label_comp_id 
_atom_site.label_asym_id 
_atom_site.label_entity_id 
_atom_site.label_seq_id 
_atom_site.pdbx_PDB_ins_code 
_atom_site.Cartn_x 
_atom_site.Cartn_y 
_atom_site.Cartn_z 
_atom_site.occupancy 
_atom_site.B_iso_or_equiv 
_atom_site.pdbx_formal_charge 
_atom_site.auth_seq_id 
_atom_site.auth_comp_id 
_atom_site.auth_asym_id 
_atom_site.auth_atom_id 
_atom_site.pdbx_PDB_model_num 
ATOM   1    N N   . ASN A 1 10  ? -8.501  -3.831  -21.063 1.00 20.00 ? 10  ASN A N   1 
ATOM   2    C CA  . ASN A 1 10  ? -7.032  -4.154  -21.198 1.00 20.00 ? 10  ASN A CA  1 
ATOM   3    C C   . ASN A 1 10  ? -6.216  -3.178  -20.387 1.00 20.00 ? 10  ASN A C   1 
ATOM   4    O O   . ASN A 1 10  ? -5.724  -3.530  -19.306 1.00 20.00 ? 10  ASN A O   1 
ATOM   5    C CB  . ASN A 1 10  ? -6.543  -4.030  -22.648 1.00 20.00 ? 10  ASN A CB  1 
ATOM   6    C CG  . ASN A 1 10  ? -7.084  -5.096  -23.550 1.00 20.00 ? 10  ASN A CG  1 
ATOM   7    O OD1 . ASN A 1 10  ? -7.556  -6.161  -23.107 1.00 20.00 ? 10  ASN A OD1 1 
ATOM   8    N ND2 . ASN A 1 10  ? -7.006  -4.829  -24.847 1.00 20.00 ? 10  ASN A ND2 1 
ATOM   9    N N   . GLU A 1 11  ? -6.072  -1.968  -20.975 1.00 20.00 ? 11  GLU A N   1 
ATOM   10   C CA  . GLU A 1 11  ? -5.487  -0.760  -20.405 1.00 20.00 ? 11  GLU A CA  1 
ATOM   11   C C   . GLU A 1 11  ? -5.757  -0.708  -18.916 1.00 20.00 ? 11  GLU A C   1 
ATOM   12   O O   . GLU A 1 11  ? -4.832  -0.610  -18.089 1.00 20.00 ? 11  GLU A O   1 
ATOM   13   C CB  . GLU A 1 11  ? -6.159  0.421   -21.079 1.00 20.00 ? 11  GLU A CB  1 
ATOM   14   C CG  . GLU A 1 11  ? -5.925  0.530   -22.593 1.00 20.00 ? 11  GLU A CG  1 
ATOM   15   C CD  . GLU A 1 11  ? -5.486  1.963   -22.991 1.00 20.00 ? 11  GLU A CD  1 
ATOM   16   O OE1 . GLU A 1 11  ? -5.840  2.899   -22.225 1.00 20.00 ? 11  GLU A OE1 1 
ATOM   17   O OE2 . GLU A 1 11  ? -4.786  2.171   -24.029 1.00 20.00 ? 11  GLU A OE2 1 
ATOM   18   N N   . VAL A 1 12  ? -7.064  -0.755  -18.632 1.00 20.00 ? 12  VAL A N   1 
ATOM   19   C CA  . VAL A 1 12  ? -7.703  -1.097  -17.355 1.00 20.00 ? 12  VAL A CA  1 
ATOM   20   C C   . VAL A 1 12  ? -7.324  -2.334  -16.524 1.00 20.00 ? 12  VAL A C   1 
ATOM   21   O O   . VAL A 1 12  ? -7.109  -2.256  -15.304 1.00 20.00 ? 12  VAL A O   1 
ATOM   22   C CB  . VAL A 1 12  ? -9.149  -1.459  -17.662 1.00 20.00 ? 12  VAL A CB  1 
ATOM   23   C CG1 . VAL A 1 12  ? -10.044 -1.450  -16.371 1.00 20.00 ? 12  VAL A CG1 1 
ATOM   24   C CG2 . VAL A 1 12  ? -9.654  -0.536  -18.764 1.00 20.00 ? 12  VAL A CG2 1 
ATOM   25   N N   . LEU A 1 13  ? -7.339  -3.497  -17.160 1.00 20.00 ? 13  LEU A N   1 
ATOM   26   C CA  . LEU A 1 13  ? -7.034  -4.728  -16.447 1.00 20.00 ? 13  LEU A CA  1 
ATOM   27   C C   . LEU A 1 13  ? -5.591  -4.561  -16.139 1.00 20.00 ? 13  LEU A C   1 
ATOM   28   O O   . LEU A 1 13  ? -5.166  -4.582  -14.990 1.00 20.00 ? 13  LEU A O   1 
ATOM   29   C CB  . LEU A 1 13  ? -7.291  -5.900  -17.390 1.00 20.00 ? 13  LEU A CB  1 
ATOM   30   C CG  . LEU A 1 13  ? -8.589  -5.533  -18.147 1.00 20.00 ? 13  LEU A CG  1 
ATOM   31   C CD1 . LEU A 1 13  ? -8.862  -6.403  -19.395 1.00 20.00 ? 13  LEU A CD1 1 
ATOM   32   C CD2 . LEU A 1 13  ? -9.839  -5.431  -17.168 1.00 20.00 ? 13  LEU A CD2 1 
ATOM   33   N N   . MET A 1 14  ? -4.873  -4.316  -17.225 1.00 20.00 ? 14  MET A N   1 
ATOM   34   C CA  . MET A 1 14  ? -3.483  -3.951  -17.212 1.00 20.00 ? 14  MET A CA  1 
ATOM   35   C C   . MET A 1 14  ? -3.032  -3.265  -15.943 1.00 20.00 ? 14  MET A C   1 
ATOM   36   O O   . MET A 1 14  ? -2.139  -3.755  -15.224 1.00 20.00 ? 14  MET A O   1 
ATOM   37   C CB  . MET A 1 14  ? -3.232  -2.933  -18.336 1.00 20.00 ? 14  MET A CB  1 
ATOM   38   C CG  . MET A 1 14  ? -1.988  -2.107  -18.138 1.00 20.00 ? 14  MET A CG  1 
ATOM   39   S SD  . MET A 1 14  ? -1.140  -2.037  -19.701 1.00 20.00 ? 14  MET A SD  1 
ATOM   40   C CE  . MET A 1 14  ? 0.387   -2.887  -19.218 1.00 20.00 ? 14  MET A CE  1 
ATOM   41   N N   . ALA A 1 15  ? -3.678  -2.120  -15.711 1.00 20.00 ? 15  ALA A N   1 
ATOM   42   C CA  . ALA A 1 15  ? -3.485  -1.313  -14.548 1.00 20.00 ? 15  ALA A CA  1 
ATOM   43   C C   . ALA A 1 15  ? -3.609  -2.234  -13.313 1.00 20.00 ? 15  ALA A C   1 
ATOM   44   O O   . ALA A 1 15  ? -2.612  -2.535  -12.652 1.00 20.00 ? 15  ALA A O   1 
ATOM   45   C CB  . ALA A 1 15  ? -4.594  -0.206  -14.540 1.00 20.00 ? 15  ALA A CB  1 
ATOM   46   N N   . PHE A 1 16  ? -4.825  -2.720  -13.051 1.00 20.00 ? 16  PHE A N   1 
ATOM   47   C CA  . PHE A 1 16  ? -5.212  -3.138  -11.698 1.00 20.00 ? 16  PHE A CA  1 
ATOM   48   C C   . PHE A 1 16  ? -4.508  -4.292  -11.062 1.00 20.00 ? 16  PHE A C   1 
ATOM   49   O O   . PHE A 1 16  ? -4.072  -4.186  -9.899  1.00 20.00 ? 16  PHE A O   1 
ATOM   50   C CB  . PHE A 1 16  ? -6.726  -3.378  -11.599 1.00 20.00 ? 16  PHE A CB  1 
ATOM   51   C CG  . PHE A 1 16  ? -7.469  -2.154  -11.824 1.00 20.00 ? 16  PHE A CG  1 
ATOM   52   C CD1 . PHE A 1 16  ? -7.606  -1.230  -10.798 1.00 20.00 ? 16  PHE A CD1 1 
ATOM   53   C CD2 . PHE A 1 16  ? -7.898  -1.842  -13.112 1.00 20.00 ? 16  PHE A CD2 1 
ATOM   54   C CE1 . PHE A 1 16  ? -8.218  -0.016  -11.044 1.00 20.00 ? 16  PHE A CE1 1 
ATOM   55   C CE2 . PHE A 1 16  ? -8.528  -0.646  -13.396 1.00 20.00 ? 16  PHE A CE2 1 
ATOM   56   C CZ  . PHE A 1 16  ? -8.687  0.288   -12.366 1.00 20.00 ? 16  PHE A CZ  1 
ATOM   57   N N   . THR A 1 17  ? -4.463  -5.383  -11.850 1.00 20.00 ? 17  THR A N   1 
ATOM   58   C CA  . THR A 1 17  ? -3.628  -6.576  -11.674 1.00 20.00 ? 17  THR A CA  1 
ATOM   59   C C   . THR A 1 17  ? -2.216  -6.209  -11.364 1.00 20.00 ? 17  THR A C   1 
ATOM   60   O O   . THR A 1 17  ? -1.702  -6.634  -10.360 1.00 20.00 ? 17  THR A O   1 
ATOM   61   C CB  . THR A 1 17  ? -3.569  -7.324  -13.018 1.00 20.00 ? 17  THR A CB  1 
ATOM   62   O OG1 . THR A 1 17  ? -4.804  -8.005  -13.230 1.00 20.00 ? 17  THR A OG1 1 
ATOM   63   C CG2 . THR A 1 17  ? -2.441  -8.336  -13.071 1.00 20.00 ? 17  THR A CG2 1 
ATOM   64   N N   . SER A 1 18  ? -1.579  -5.434  -12.234 1.00 20.00 ? 18  SER A N   1 
ATOM   65   C CA  . SER A 1 18  ? -0.179  -5.110  -12.024 1.00 20.00 ? 18  SER A CA  1 
ATOM   66   C C   . SER A 1 18  ? 0.053   -4.477  -10.649 1.00 20.00 ? 18  SER A C   1 
ATOM   67   O O   . SER A 1 18  ? 0.866   -4.953  -9.867  1.00 20.00 ? 18  SER A O   1 
ATOM   68   C CB  . SER A 1 18  ? 0.304   -4.191  -13.121 1.00 20.00 ? 18  SER A CB  1 
ATOM   69   O OG  . SER A 1 18  ? -0.715  -3.275  -13.452 1.00 20.00 ? 18  SER A OG  1 
ATOM   70   N N   . TYR A 1 19  ? -0.720  -3.436  -10.345 1.00 20.00 ? 19  TYR A N   1 
ATOM   71   C CA  . TYR A 1 19  ? -0.566  -2.680  -9.084  1.00 20.00 ? 19  TYR A CA  1 
ATOM   72   C C   . TYR A 1 19  ? -0.805  -3.600  -7.958  1.00 20.00 ? 19  TYR A C   1 
ATOM   73   O O   . TYR A 1 19  ? 0.053   -3.782  -7.115  1.00 20.00 ? 19  TYR A O   1 
ATOM   74   C CB  . TYR A 1 19  ? -1.607  -1.540  -8.914  1.00 20.00 ? 19  TYR A CB  1 
ATOM   75   C CG  . TYR A 1 19  ? -1.926  -0.869  -10.213 1.00 20.00 ? 19  TYR A CG  1 
ATOM   76   C CD1 . TYR A 1 19  ? -0.884  -0.556  -11.131 1.00 20.00 ? 19  TYR A CD1 1 
ATOM   77   C CD2 . TYR A 1 19  ? -3.244  -0.575  -10.567 1.00 20.00 ? 19  TYR A CD2 1 
ATOM   78   C CE1 . TYR A 1 19  ? -1.139  0.020   -12.373 1.00 19.55 ? 19  TYR A CE1 1 
ATOM   79   C CE2 . TYR A 1 19  ? -3.523  0.052   -11.811 1.00 20.00 ? 19  TYR A CE2 1 
ATOM   80   C CZ  . TYR A 1 19  ? -2.447  0.333   -12.705 1.00 20.00 ? 19  TYR A CZ  1 
ATOM   81   O OH  . TYR A 1 19  ? -2.690  0.922   -13.920 1.00 20.00 ? 19  TYR A OH  1 
ATOM   82   N N   . ALA A 1 20  ? -1.977  -4.213  -7.996  1.00 20.00 ? 20  ALA A N   1 
ATOM   83   C CA  . ALA A 1 20  ? -2.341  -5.169  -7.000  1.00 20.00 ? 20  ALA A CA  1 
ATOM   84   C C   . ALA A 1 20  ? -1.287  -6.265  -6.959  1.00 20.00 ? 20  ALA A C   1 
ATOM   85   O O   . ALA A 1 20  ? -0.803  -6.532  -5.891  1.00 20.00 ? 20  ALA A O   1 
ATOM   86   C CB  . ALA A 1 20  ? -3.736  -5.733  -7.302  1.00 20.00 ? 20  ALA A CB  1 
ATOM   87   N N   . THR A 1 21  ? -0.908  -6.873  -8.094  1.00 20.00 ? 21  THR A N   1 
ATOM   88   C CA  . THR A 1 21  ? 0.058   -8.015  -8.062  1.00 20.00 ? 21  THR A CA  1 
ATOM   89   C C   . THR A 1 21  ? 1.221   -7.587  -7.215  1.00 20.00 ? 21  THR A C   1 
ATOM   90   O O   . THR A 1 21  ? 1.628   -8.304  -6.283  1.00 20.00 ? 21  THR A O   1 
ATOM   91   C CB  . THR A 1 21  ? 0.577   -8.528  -9.476  1.00 20.00 ? 21  THR A CB  1 
ATOM   92   O OG1 . THR A 1 21  ? -0.219  -9.634  -9.915  1.00 20.00 ? 21  THR A OG1 1 
ATOM   93   C CG2 . THR A 1 21  ? 2.060   -9.012  -9.420  1.00 20.00 ? 21  THR A CG2 1 
ATOM   94   N N   . ILE A 1 22  ? 1.737   -6.398  -7.555  1.00 20.00 ? 22  ILE A N   1 
ATOM   95   C CA  . ILE A 1 22  ? 2.842   -5.819  -6.814  1.00 20.00 ? 22  ILE A CA  1 
ATOM   96   C C   . ILE A 1 22  ? 2.228   -5.847  -5.459  1.00 20.00 ? 22  ILE A C   1 
ATOM   97   O O   . ILE A 1 22  ? 2.478   -6.731  -4.638  1.00 20.00 ? 22  ILE A O   1 
ATOM   98   C CB  . ILE A 1 22  ? 3.104   -4.335  -7.158  1.00 20.00 ? 22  ILE A CB  1 
ATOM   99   C CG1 . ILE A 1 22  ? 3.099   -4.113  -8.677  1.00 20.00 ? 22  ILE A CG1 1 
ATOM   100  C CG2 . ILE A 1 22  ? 4.417   -3.897  -6.483  1.00 20.00 ? 22  ILE A CG2 1 
ATOM   101  C CD1 . ILE A 1 22  ? 3.046   -2.685  -9.092  1.00 20.00 ? 22  ILE A CD1 1 
ATOM   102  N N   . ILE A 1 23  ? 1.312   -4.914  -5.283  1.00 20.00 ? 23  ILE A N   1 
ATOM   103  C CA  . ILE A 1 23  ? 0.738   -4.725  -3.988  1.00 20.00 ? 23  ILE A CA  1 
ATOM   104  C C   . ILE A 1 23  ? 0.722   -6.150  -3.332  1.00 20.00 ? 23  ILE A C   1 
ATOM   105  O O   . ILE A 1 23  ? 1.324   -6.360  -2.281  1.00 20.00 ? 23  ILE A O   1 
ATOM   106  C CB  . ILE A 1 23  ? -0.604  -3.844  -4.102  1.00 20.00 ? 23  ILE A CB  1 
ATOM   107  C CG1 . ILE A 1 23  ? -0.281  -2.339  -4.057  1.00 20.00 ? 23  ILE A CG1 1 
ATOM   108  C CG2 . ILE A 1 23  ? -1.614  -4.173  -3.061  1.00 20.00 ? 23  ILE A CG2 1 
ATOM   109  C CD1 . ILE A 1 23  ? -0.312  -1.641  -5.402  1.00 20.00 ? 23  ILE A CD1 1 
ATOM   110  N N   . LEU A 1 24  ? 0.195   -7.148  -4.033  1.00 20.00 ? 24  LEU A N   1 
ATOM   111  C CA  . LEU A 1 24  ? -0.010  -8.516  -3.452  1.00 20.00 ? 24  LEU A CA  1 
ATOM   112  C C   . LEU A 1 24  ? 1.167   -9.505  -3.320  1.00 20.00 ? 24  LEU A C   1 
ATOM   113  O O   . LEU A 1 24  ? 1.087   -10.484 -2.518  1.00 20.00 ? 24  LEU A O   1 
ATOM   114  C CB  . LEU A 1 24  ? -1.168  -9.210  -4.164  1.00 20.00 ? 24  LEU A CB  1 
ATOM   115  C CG  . LEU A 1 24  ? -2.418  -8.345  -3.969  1.00 20.00 ? 24  LEU A CG  1 
ATOM   116  C CD1 . LEU A 1 24  ? -3.575  -8.958  -4.704  1.00 20.00 ? 24  LEU A CD1 1 
ATOM   117  C CD2 . LEU A 1 24  ? -2.777  -8.134  -2.510  1.00 20.00 ? 24  LEU A CD2 1 
ATOM   118  N N   . ALA A 1 25  ? 2.201   -9.282  -4.138  1.00 20.00 ? 25  ALA A N   1 
ATOM   119  C CA  . ALA A 1 25  ? 3.525   -9.828  -3.872  1.00 20.00 ? 25  ALA A CA  1 
ATOM   120  C C   . ALA A 1 25  ? 3.979   -9.121  -2.605  1.00 20.00 ? 25  ALA A C   1 
ATOM   121  O O   . ALA A 1 25  ? 4.623   -9.722  -1.723  1.00 20.00 ? 25  ALA A O   1 
ATOM   122  C CB  . ALA A 1 25  ? 4.477   -9.527  -5.023  1.00 20.00 ? 25  ALA A CB  1 
ATOM   123  N N   . LYS A 1 26  ? 3.593   -7.846  -2.507  1.00 20.00 ? 26  LYS A N   1 
ATOM   124  C CA  . LYS A 1 26  ? 4.057   -7.029  -1.422  1.00 20.00 ? 26  LYS A CA  1 
ATOM   125  C C   . LYS A 1 26  ? 3.478   -7.664  -0.203  1.00 20.00 ? 26  LYS A C   1 
ATOM   126  O O   . LYS A 1 26  ? 4.186   -8.346  0.562   1.00 20.00 ? 26  LYS A O   1 
ATOM   127  C CB  . LYS A 1 26  ? 3.551   -5.582  -1.598  1.00 20.00 ? 26  LYS A CB  1 
ATOM   128  C CG  . LYS A 1 26  ? 3.942   -4.538  -0.527  1.00 20.00 ? 26  LYS A CG  1 
ATOM   129  C CD  . LYS A 1 26  ? 3.327   -3.148  -0.820  1.00 20.00 ? 26  LYS A CD  1 
ATOM   130  C CE  . LYS A 1 26  ? 3.795   -2.119  0.235   1.00 20.00 ? 26  LYS A CE  1 
ATOM   131  N NZ  . LYS A 1 26  ? 3.309   -0.699  0.066   1.00 20.00 ? 26  LYS A NZ  1 
ATOM   132  N N   . MET A 1 27  ? 2.160   -7.522  -0.089  1.00 20.00 ? 27  MET A N   1 
ATOM   133  C CA  . MET A 1 27  ? 1.445   -7.889  1.139   1.00 20.00 ? 27  MET A CA  1 
ATOM   134  C C   . MET A 1 27  ? 1.545   -9.374  1.404   1.00 20.00 ? 27  MET A C   1 
ATOM   135  O O   . MET A 1 27  ? 1.130   -9.881  2.448   1.00 20.00 ? 27  MET A O   1 
ATOM   136  C CB  . MET A 1 27  ? -0.022  -7.518  1.047   1.00 20.00 ? 27  MET A CB  1 
ATOM   137  C CG  . MET A 1 27  ? -0.274  -6.061  0.947   1.00 20.00 ? 27  MET A CG  1 
ATOM   138  S SD  . MET A 1 27  ? -2.055  -5.888  0.908   1.00 20.00 ? 27  MET A SD  1 
ATOM   139  C CE  . MET A 1 27  ? -2.479  -6.385  2.590   1.00 20.00 ? 27  MET A CE  1 
ATOM   140  N N   . MET A 1 28  ? 2.085   -10.077 0.442   1.00 20.00 ? 28  MET A N   1 
ATOM   141  C CA  . MET A 1 28  ? 2.003   -11.471 0.572   1.00 20.00 ? 28  MET A CA  1 
ATOM   142  C C   . MET A 1 28  ? 3.263   -12.018 1.212   1.00 20.00 ? 28  MET A C   1 
ATOM   143  O O   . MET A 1 28  ? 3.187   -12.687 2.259   1.00 20.00 ? 28  MET A O   1 
ATOM   144  C CB  . MET A 1 28  ? 1.678   -12.124 -0.752  1.00 20.00 ? 28  MET A CB  1 
ATOM   145  C CG  . MET A 1 28  ? 1.452   -13.593 -0.607  1.00 20.00 ? 28  MET A CG  1 
ATOM   146  S SD  . MET A 1 28  ? 1.105   -14.064 -2.274  1.00 20.00 ? 28  MET A SD  1 
ATOM   147  C CE  . MET A 1 28  ? -0.688  -14.308 -2.180  1.00 20.00 ? 28  MET A CE  1 
ATOM   148  N N   . PHE A 1 29  ? 4.418   -11.766 0.602   1.00 20.00 ? 29  PHE A N   1 
ATOM   149  C CA  . PHE A 1 29  ? 5.654   -12.176 1.254   1.00 20.00 ? 29  PHE A CA  1 
ATOM   150  C C   . PHE A 1 29  ? 5.498   -11.687 2.697   1.00 20.00 ? 29  PHE A C   1 
ATOM   151  O O   . PHE A 1 29  ? 5.487   -12.482 3.656   1.00 20.00 ? 29  PHE A O   1 
ATOM   152  C CB  . PHE A 1 29  ? 6.854   -11.496 0.603   1.00 20.00 ? 29  PHE A CB  1 
ATOM   153  C CG  . PHE A 1 29  ? 7.703   -12.411 -0.202  1.00 20.00 ? 29  PHE A CG  1 
ATOM   154  C CD1 . PHE A 1 29  ? 7.446   -12.614 -1.559  1.00 20.00 ? 29  PHE A CD1 1 
ATOM   155  C CD2 . PHE A 1 29  ? 8.791   -13.063 0.383   1.00 20.00 ? 29  PHE A CD2 1 
ATOM   156  C CE1 . PHE A 1 29  ? 8.259   -13.466 -2.321  1.00 20.00 ? 29  PHE A CE1 1 
ATOM   157  C CE2 . PHE A 1 29  ? 9.604   -13.919 -0.359  1.00 20.00 ? 29  PHE A CE2 1 
ATOM   158  C CZ  . PHE A 1 29  ? 9.338   -14.117 -1.711  1.00 20.00 ? 29  PHE A CZ  1 
ATOM   159  N N   . LEU A 1 30  ? 5.271   -10.375 2.812   1.00 20.00 ? 30  LEU A N   1 
ATOM   160  C CA  . LEU A 1 30  ? 5.303   -9.679  4.091   1.00 20.00 ? 30  LEU A CA  1 
ATOM   161  C C   . LEU A 1 30  ? 4.407   -10.295 5.206   1.00 20.00 ? 30  LEU A C   1 
ATOM   162  O O   . LEU A 1 30  ? 4.756   -10.211 6.386   1.00 20.00 ? 30  LEU A O   1 
ATOM   163  C CB  . LEU A 1 30  ? 5.042   -8.171  3.883   1.00 20.00 ? 30  LEU A CB  1 
ATOM   164  C CG  . LEU A 1 30  ? 5.442   -7.474  2.557   1.00 20.00 ? 30  LEU A CG  1 
ATOM   165  C CD1 . LEU A 1 30  ? 5.079   -5.969  2.626   1.00 20.00 ? 30  LEU A CD1 1 
ATOM   166  C CD2 . LEU A 1 30  ? 6.909   -7.714  2.072   1.00 20.00 ? 30  LEU A CD2 1 
ATOM   167  N N   . SER A 1 31  ? 3.278   -10.913 4.817   1.00 20.00 ? 31  SER A N   1 
ATOM   168  C CA  . SER A 1 31  ? 2.312   -11.563 5.762   1.00 20.00 ? 31  SER A CA  1 
ATOM   169  C C   . SER A 1 31  ? 2.707   -12.926 6.366   1.00 20.00 ? 31  SER A C   1 
ATOM   170  O O   . SER A 1 31  ? 2.627   -13.162 7.585   1.00 20.00 ? 31  SER A O   1 
ATOM   171  C CB  . SER A 1 31  ? 0.946   -11.814 5.103   1.00 20.00 ? 31  SER A CB  1 
ATOM   172  O OG  . SER A 1 31  ? 0.280   -12.855 5.804   1.00 20.00 ? 31  SER A OG  1 
ATOM   173  N N   . SER A 1 32  ? 3.128   -13.813 5.479   1.00 20.00 ? 32  SER A N   1 
ATOM   174  C CA  . SER A 1 32  ? 3.445   -15.168 5.835   1.00 20.00 ? 32  SER A CA  1 
ATOM   175  C C   . SER A 1 32  ? 4.753   -14.927 6.511   1.00 20.00 ? 32  SER A C   1 
ATOM   176  O O   . SER A 1 32  ? 5.097   -15.571 7.515   1.00 20.00 ? 32  SER A O   1 
ATOM   177  C CB  . SER A 1 32  ? 3.631   -15.984 4.553   1.00 20.00 ? 32  SER A CB  1 
ATOM   178  O OG  . SER A 1 32  ? 2.768   -15.470 3.528   1.00 20.00 ? 32  SER A OG  1 
ATOM   179  N N   . ALA A 1 33  ? 5.435   -13.919 5.953   1.00 20.00 ? 33  ALA A N   1 
ATOM   180  C CA  . ALA A 1 33  ? 6.858   -13.640 6.245   1.00 20.00 ? 33  ALA A CA  1 
ATOM   181  C C   . ALA A 1 33  ? 7.020   -13.219 7.688   1.00 20.00 ? 33  ALA A C   1 
ATOM   182  O O   . ALA A 1 33  ? 7.786   -13.813 8.478   1.00 20.00 ? 33  ALA A O   1 
ATOM   183  C CB  . ALA A 1 33  ? 7.406   -12.540 5.317   1.00 20.00 ? 33  ALA A CB  1 
ATOM   184  N N   . THR A 1 34  ? 6.296   -12.155 7.993   1.00 20.00 ? 34  THR A N   1 
ATOM   185  C CA  . THR A 1 34  ? 6.125   -11.731 9.347   1.00 20.00 ? 34  THR A CA  1 
ATOM   186  C C   . THR A 1 34  ? 5.742   -12.990 10.189  1.00 20.00 ? 34  THR A C   1 
ATOM   187  O O   . THR A 1 34  ? 6.480   -13.334 11.129  1.00 20.00 ? 34  THR A O   1 
ATOM   188  C CB  . THR A 1 34  ? 5.093   -10.574 9.389   1.00 20.00 ? 34  THR A CB  1 
ATOM   189  O OG1 . THR A 1 34  ? 3.852   -11.013 8.819   1.00 20.00 ? 34  THR A OG1 1 
ATOM   190  C CG2 . THR A 1 34  ? 5.599   -9.394  8.573   1.00 20.00 ? 34  THR A CG2 1 
ATOM   191  N N   . ALA A 1 35  ? 4.673   -13.714 9.812   1.00 20.00 ? 35  ALA A N   1 
ATOM   192  C CA  . ALA A 1 35  ? 4.363   -14.928 10.546  1.00 20.00 ? 35  ALA A CA  1 
ATOM   193  C C   . ALA A 1 35  ? 5.716   -15.579 10.757  1.00 20.00 ? 35  ALA A C   1 
ATOM   194  O O   . ALA A 1 35  ? 6.170   -15.739 11.898  1.00 20.00 ? 35  ALA A O   1 
ATOM   195  C CB  . ALA A 1 35  ? 3.417   -15.853 9.749   1.00 20.00 ? 35  ALA A CB  1 
ATOM   196  N N   . PHE A 1 36  ? 6.397   -15.888 9.661   1.00 20.00 ? 36  PHE A N   1 
ATOM   197  C CA  . PHE A 1 36  ? 7.578   -16.771 9.751   1.00 20.00 ? 36  PHE A CA  1 
ATOM   198  C C   . PHE A 1 36  ? 8.708   -16.292 10.613  1.00 20.00 ? 36  PHE A C   1 
ATOM   199  O O   . PHE A 1 36  ? 9.478   -17.075 11.179  1.00 20.00 ? 36  PHE A O   1 
ATOM   200  C CB  . PHE A 1 36  ? 8.117   -17.187 8.376   1.00 20.00 ? 36  PHE A CB  1 
ATOM   201  C CG  . PHE A 1 36  ? 7.679   -18.536 8.004   1.00 20.00 ? 36  PHE A CG  1 
ATOM   202  C CD1 . PHE A 1 36  ? 6.461   -18.720 7.345   1.00 20.00 ? 36  PHE A CD1 1 
ATOM   203  C CD2 . PHE A 1 36  ? 8.403   -19.640 8.425   1.00 20.00 ? 36  PHE A CD2 1 
ATOM   204  C CE1 . PHE A 1 36  ? 6.004   -19.972 7.055   1.00 20.00 ? 36  PHE A CE1 1 
ATOM   205  C CE2 . PHE A 1 36  ? 7.947   -20.894 8.148   1.00 20.00 ? 36  PHE A CE2 1 
ATOM   206  C CZ  . PHE A 1 36  ? 6.745   -21.057 7.454   1.00 20.00 ? 36  PHE A CZ  1 
ATOM   207  N N   . GLN A 1 37  ? 8.798   -14.979 10.677  1.00 20.00 ? 37  GLN A N   1 
ATOM   208  C CA  . GLN A 1 37  ? 9.889   -14.353 11.363  1.00 20.00 ? 37  GLN A CA  1 
ATOM   209  C C   . GLN A 1 37  ? 9.490   -14.313 12.832  1.00 20.00 ? 37  GLN A C   1 
ATOM   210  O O   . GLN A 1 37  ? 10.286  -14.654 13.705  1.00 20.00 ? 37  GLN A O   1 
ATOM   211  C CB  . GLN A 1 37  ? 10.152  -12.983 10.741  1.00 20.00 ? 37  GLN A CB  1 
ATOM   212  C CG  . GLN A 1 37  ? 10.126  -13.044 9.201   1.00 20.00 ? 37  GLN A CG  1 
ATOM   213  C CD  . GLN A 1 37  ? 9.812   -11.694 8.549   1.00 20.00 ? 37  GLN A CD  1 
ATOM   214  O OE1 . GLN A 1 37  ? 10.398  -10.658 8.910   1.00 20.00 ? 37  GLN A OE1 1 
ATOM   215  N NE2 . GLN A 1 37  ? 8.927   -11.706 7.563   1.00 20.00 ? 37  GLN A NE2 1 
ATOM   216  N N   . ARG A 1 38  ? 8.208   -13.983 13.063  1.00 20.00 ? 38  ARG A N   1 
ATOM   217  C CA  . ARG A 1 38  ? 7.589   -13.909 14.411  1.00 20.00 ? 38  ARG A CA  1 
ATOM   218  C C   . ARG A 1 38  ? 7.967   -15.107 15.244  1.00 20.00 ? 38  ARG A C   1 
ATOM   219  O O   . ARG A 1 38  ? 8.668   -14.982 16.251  1.00 20.00 ? 38  ARG A O   1 
ATOM   220  C CB  . ARG A 1 38  ? 6.069   -13.851 14.318  1.00 20.00 ? 38  ARG A CB  1 
ATOM   221  C CG  . ARG A 1 38  ? 5.555   -12.581 13.663  1.00 20.00 ? 38  ARG A CG  1 
ATOM   222  C CD  . ARG A 1 38  ? 4.013   -12.418 13.863  1.00 20.00 ? 38  ARG A CD  1 
ATOM   223  N NE  . ARG A 1 38  ? 3.430   -11.279 13.130  1.00 20.00 ? 38  ARG A NE  1 
ATOM   224  C CZ  . ARG A 1 38  ? 2.365   -10.576 13.524  1.00 20.00 ? 38  ARG A CZ  1 
ATOM   225  N NH1 . ARG A 1 38  ? 1.759   -10.888 14.660  1.00 20.00 ? 38  ARG A NH1 1 
ATOM   226  N NH2 . ARG A 1 38  ? 1.915   -9.557  12.788  1.00 20.00 ? 38  ARG A NH2 1 
ATOM   227  N N   . LEU A 1 39  ? 7.550   -16.275 14.786  1.00 20.00 ? 39  LEU A N   1 
ATOM   228  C CA  . LEU A 1 39  ? 7.947   -17.468 15.479  1.00 20.00 ? 39  LEU A CA  1 
ATOM   229  C C   . LEU A 1 39  ? 9.489   -17.572 15.515  1.00 20.00 ? 39  LEU A C   1 
ATOM   230  O O   . LEU A 1 39  ? 10.050  -17.966 16.546  1.00 20.00 ? 39  LEU A O   1 
ATOM   231  C CB  . LEU A 1 39  ? 7.258   -18.722 14.890  1.00 20.00 ? 39  LEU A CB  1 
ATOM   232  C CG  . LEU A 1 39  ? 5.795   -18.748 14.372  1.00 20.00 ? 39  LEU A CG  1 
ATOM   233  C CD1 . LEU A 1 39  ? 5.147   -20.098 14.684  1.00 20.00 ? 39  LEU A CD1 1 
ATOM   234  C CD2 . LEU A 1 39  ? 4.861   -17.600 14.877  1.00 20.00 ? 39  LEU A CD2 1 
ATOM   235  N N   . THR A 1 40  ? 10.158  -17.174 14.419  1.00 20.00 ? 40  THR A N   1 
ATOM   236  C CA  . THR A 1 40  ? 11.631  -17.332 14.307  1.00 20.00 ? 40  THR A CA  1 
ATOM   237  C C   . THR A 1 40  ? 12.366  -16.377 15.233  1.00 20.00 ? 40  THR A C   1 
ATOM   238  O O   . THR A 1 40  ? 13.377  -16.754 15.877  1.00 20.00 ? 40  THR A O   1 
ATOM   239  C CB  . THR A 1 40  ? 12.169  -17.002 12.887  1.00 20.00 ? 40  THR A CB  1 
ATOM   240  O OG1 . THR A 1 40  ? 13.562  -17.352 12.791  1.00 20.00 ? 40  THR A OG1 1 
ATOM   241  C CG2 . THR A 1 40  ? 12.040  -15.497 12.596  1.00 20.00 ? 40  THR A CG2 1 
ATOM   242  N N   . ASN A 1 41  ? 11.889  -15.141 15.273  1.00 20.00 ? 41  ASN A N   1 
ATOM   243  C CA  . ASN A 1 41  ? 12.274  -14.208 16.290  1.00 20.00 ? 41  ASN A CA  1 
ATOM   244  C C   . ASN A 1 41  ? 11.332  -14.560 17.429  1.00 20.00 ? 41  ASN A C   1 
ATOM   245  O O   . ASN A 1 41  ? 10.185  -14.112 17.430  1.00 20.00 ? 41  ASN A O   1 
ATOM   246  C CB  . ASN A 1 41  ? 12.030  -12.795 15.778  1.00 20.00 ? 41  ASN A CB  1 
ATOM   247  C CG  . ASN A 1 41  ? 12.872  -12.447 14.504  1.00 20.00 ? 41  ASN A CG  1 
ATOM   248  O OD1 . ASN A 1 41  ? 14.029  -12.050 14.601  1.00 20.00 ? 41  ASN A OD1 1 
ATOM   249  N ND2 . ASN A 1 41  ? 12.258  -12.549 13.329  1.00 20.00 ? 41  ASN A ND2 1 
ATOM   250  N N   . LYS A 1 42  ? 11.805  -15.387 18.369  1.00 20.00 ? 42  LYS A N   1 
ATOM   251  C CA  . LYS A 1 42  ? 10.983  -15.896 19.488  1.00 20.00 ? 42  LYS A CA  1 
ATOM   252  C C   . LYS A 1 42  ? 10.883  -17.407 19.404  1.00 20.00 ? 42  LYS A C   1 
ATOM   253  O O   . LYS A 1 42  ? 11.518  -18.011 18.537  1.00 20.00 ? 42  LYS A O   1 
ATOM   254  C CB  . LYS A 1 42  ? 9.570   -15.278 19.503  1.00 20.00 ? 42  LYS A CB  1 
ATOM   255  C CG  . LYS A 1 42  ? 9.543   -13.797 19.878  1.00 20.00 ? 42  LYS A CG  1 
ATOM   256  C CD  . LYS A 1 42  ? 8.169   -13.229 19.657  1.00 20.00 ? 42  LYS A CD  1 
ATOM   257  C CE  . LYS A 1 42  ? 7.122   -13.889 20.612  1.00 20.00 ? 42  LYS A CE  1 
ATOM   258  N NZ  . LYS A 1 42  ? 5.721   -13.266 20.602  1.00 20.00 ? 42  LYS A NZ  1 
ATOM   259  N N   . ASP A 1 66  ? 8.748   -10.331 22.368  1.00 9.10  ? 66  ASP A N   1 
ATOM   260  C CA  . ASP A 1 66  ? 9.976   -9.934  21.665  1.00 8.97  ? 66  ASP A CA  1 
ATOM   261  C C   . ASP A 1 66  ? 9.795   -8.845  20.655  1.00 14.67 ? 66  ASP A C   1 
ATOM   262  O O   . ASP A 1 66  ? 8.826   -8.794  19.899  1.00 9.43  ? 66  ASP A O   1 
ATOM   263  C CB  . ASP A 1 66  ? 10.560  -11.200 20.962  1.00 7.15  ? 66  ASP A CB  1 
ATOM   264  C CG  . ASP A 1 66  ? 11.628  -10.889 19.898  1.00 2.00  ? 66  ASP A CG  1 
ATOM   265  O OD1 . ASP A 1 66  ? 12.814  -11.187 20.152  1.00 2.00  ? 66  ASP A OD1 1 
ATOM   266  O OD2 . ASP A 1 66  ? 11.262  -10.379 18.784  1.00 2.00  ? 66  ASP A OD2 1 
ATOM   267  N N   . GLU A 1 67  ? 10.757  -7.947  20.711  1.00 4.97  ? 67  GLU A N   1 
ATOM   268  C CA  . GLU A 1 67  ? 10.665  -6.747  19.945  1.00 2.00  ? 67  GLU A CA  1 
ATOM   269  C C   . GLU A 1 67  ? 10.018  -7.039  18.591  1.00 2.00  ? 67  GLU A C   1 
ATOM   270  O O   . GLU A 1 67  ? 9.070   -6.348  18.190  1.00 2.00  ? 67  GLU A O   1 
ATOM   271  C CB  . GLU A 1 67  ? 12.069  -6.195  19.702  1.00 2.00  ? 67  GLU A CB  1 
ATOM   272  C CG  . GLU A 1 67  ? 12.095  -4.779  19.031  1.00 2.00  ? 67  GLU A CG  1 
ATOM   273  C CD  . GLU A 1 67  ? 13.492  -4.138  18.954  1.00 2.00  ? 67  GLU A CD  1 
ATOM   274  O OE1 . GLU A 1 67  ? 14.470  -4.781  19.436  1.00 2.00  ? 67  GLU A OE1 1 
ATOM   275  O OE2 . GLU A 1 67  ? 13.609  -3.007  18.413  1.00 2.00  ? 67  GLU A OE2 1 
ATOM   276  N N   . LYS A 1 68  ? 10.520  -8.071  17.905  1.00 12.95 ? 68  LYS A N   1 
ATOM   277  C CA  . LYS A 1 68  ? 10.002  -8.460  16.588  1.00 15.38 ? 68  LYS A CA  1 
ATOM   278  C C   . LYS A 1 68  ? 8.496   -8.691  16.630  1.00 16.66 ? 68  LYS A C   1 
ATOM   279  O O   . LYS A 1 68  ? 7.833   -8.644  15.597  1.00 16.95 ? 68  LYS A O   1 
ATOM   280  C CB  . LYS A 1 68  ? 10.725  -9.698  16.032  1.00 15.38 ? 68  LYS A CB  1 
ATOM   281  C CG  . LYS A 1 68  ? 12.241  -9.665  16.174  1.00 17.03 ? 68  LYS A CG  1 
ATOM   282  C CD  . LYS A 1 68  ? 12.929  -9.156  14.913  1.00 19.25 ? 68  LYS A CD  1 
ATOM   283  C CE  . LYS A 1 68  ? 14.428  -8.988  15.140  1.00 20.00 ? 68  LYS A CE  1 
ATOM   284  N NZ  . LYS A 1 68  ? 15.073  -10.325 15.443  1.00 20.00 ? 68  LYS A NZ  1 
ATOM   285  N N   . VAL A 1 69  ? 7.969   -8.939  17.826  1.00 18.29 ? 69  VAL A N   1 
ATOM   286  C CA  . VAL A 1 69  ? 6.536   -9.178  18.004  1.00 20.00 ? 69  VAL A CA  1 
ATOM   287  C C   . VAL A 1 69  ? 5.699   -8.067  17.359  1.00 20.00 ? 69  VAL A C   1 
ATOM   288  O O   . VAL A 1 69  ? 4.959   -8.307  16.396  1.00 20.00 ? 69  VAL A O   1 
ATOM   289  C CB  . VAL A 1 69  ? 6.152   -9.285  19.514  1.00 20.00 ? 69  VAL A CB  1 
ATOM   290  C CG1 . VAL A 1 69  ? 4.688   -8.839  19.767  1.00 19.48 ? 69  VAL A CG1 1 
ATOM   291  C CG2 . VAL A 1 69  ? 6.412   -10.675 20.031  1.00 19.62 ? 69  VAL A CG2 1 
ATOM   292  N N   . GLU A 1 70  ? 5.812   -6.858  17.903  1.00 20.00 ? 70  GLU A N   1 
ATOM   293  C CA  . GLU A 1 70  ? 5.089   -5.744  17.369  1.00 20.00 ? 70  GLU A CA  1 
ATOM   294  C C   . GLU A 1 70  ? 5.595   -5.351  15.964  1.00 20.00 ? 70  GLU A C   1 
ATOM   295  O O   . GLU A 1 70  ? 4.792   -5.082  15.067  1.00 20.00 ? 70  GLU A O   1 
ATOM   296  C CB  . GLU A 1 70  ? 5.157   -4.515  18.301  1.00 20.00 ? 70  GLU A CB  1 
ATOM   297  C CG  . GLU A 1 70  ? 6.276   -4.517  19.343  1.00 20.00 ? 70  GLU A CG  1 
ATOM   298  C CD  . GLU A 1 70  ? 6.723   -3.099  19.744  1.00 20.00 ? 70  GLU A CD  1 
ATOM   299  O OE1 . GLU A 1 70  ? 6.577   -2.149  18.953  1.00 20.00 ? 70  GLU A OE1 1 
ATOM   300  O OE2 . GLU A 1 70  ? 7.264   -2.942  20.863  1.00 20.00 ? 70  GLU A OE2 1 
ATOM   301  N N   . ARG A 1 71  ? 6.921   -5.336  15.780  1.00 20.00 ? 71  ARG A N   1 
ATOM   302  C CA  . ARG A 1 71  ? 7.504   -5.182  14.438  1.00 20.00 ? 71  ARG A CA  1 
ATOM   303  C C   . ARG A 1 71  ? 6.591   -5.947  13.421  1.00 20.00 ? 71  ARG A C   1 
ATOM   304  O O   . ARG A 1 71  ? 6.091   -5.377  12.437  1.00 20.00 ? 71  ARG A O   1 
ATOM   305  C CB  . ARG A 1 71  ? 8.968   -5.769  14.393  1.00 20.00 ? 71  ARG A CB  1 
ATOM   306  C CG  . ARG A 1 71  ? 10.066  -5.049  15.260  1.00 20.00 ? 71  ARG A CG  1 
ATOM   307  C CD  . ARG A 1 71  ? 11.561  -5.642  15.233  1.00 20.00 ? 71  ARG A CD  1 
ATOM   308  N NE  . ARG A 1 71  ? 12.521  -4.597  15.709  1.00 20.00 ? 71  ARG A NE  1 
ATOM   309  C CZ  . ARG A 1 71  ? 13.841  -4.449  15.420  1.00 20.00 ? 71  ARG A CZ  1 
ATOM   310  N NH1 . ARG A 1 71  ? 14.471  -5.309  14.619  1.00 20.00 ? 71  ARG A NH1 1 
ATOM   311  N NH2 . ARG A 1 71  ? 14.544  -3.408  15.938  1.00 20.00 ? 71  ARG A NH2 1 
ATOM   312  N N   . VAL A 1 72  ? 6.347   -7.228  13.676  1.00 20.00 ? 72  VAL A N   1 
ATOM   313  C CA  . VAL A 1 72  ? 5.720   -8.043  12.670  1.00 20.00 ? 72  VAL A CA  1 
ATOM   314  C C   . VAL A 1 72  ? 4.239   -7.663  12.707  1.00 20.00 ? 72  VAL A C   1 
ATOM   315  O O   . VAL A 1 72  ? 3.689   -7.154  11.719  1.00 20.00 ? 72  VAL A O   1 
ATOM   316  C CB  . VAL A 1 72  ? 6.020   -9.560  12.870  1.00 20.00 ? 72  VAL A CB  1 
ATOM   317  C CG1 . VAL A 1 72  ? 5.489   -10.325 11.756  1.00 20.00 ? 72  VAL A CG1 1 
ATOM   318  C CG2 . VAL A 1 72  ? 7.484   -9.830  12.854  1.00 20.00 ? 72  VAL A CG2 1 
ATOM   319  N N   . ARG A 1 73  ? 3.617   -7.854  13.865  1.00 20.00 ? 73  ARG A N   1 
ATOM   320  C CA  . ARG A 1 73  ? 2.281   -7.344  14.072  1.00 20.00 ? 73  ARG A CA  1 
ATOM   321  C C   . ARG A 1 73  ? 2.206   -6.073  13.233  1.00 20.00 ? 73  ARG A C   1 
ATOM   322  O O   . ARG A 1 73  ? 1.325   -5.924  12.367  1.00 20.00 ? 73  ARG A O   1 
ATOM   323  C CB  . ARG A 1 73  ? 2.045   -7.010  15.557  1.00 20.00 ? 73  ARG A CB  1 
ATOM   324  C CG  . ARG A 1 73  ? 0.562   -6.626  15.932  1.00 20.00 ? 73  ARG A CG  1 
ATOM   325  C CD  . ARG A 1 73  ? 0.309   -6.315  17.476  1.00 20.00 ? 73  ARG A CD  1 
ATOM   326  N NE  . ARG A 1 73  ? 0.593   -7.467  18.359  1.00 20.00 ? 73  ARG A NE  1 
ATOM   327  C CZ  . ARG A 1 73  ? -0.278  -8.421  18.697  1.00 20.00 ? 73  ARG A CZ  1 
ATOM   328  N NH1 . ARG A 1 73  ? -1.520  -8.393  18.213  1.00 20.00 ? 73  ARG A NH1 1 
ATOM   329  N NH2 . ARG A 1 73  ? 0.104   -9.409  19.515  1.00 20.00 ? 73  ARG A NH2 1 
ATOM   330  N N   . ARG A 1 74  ? 3.202   -5.208  13.464  1.00 20.00 ? 74  ARG A N   1 
ATOM   331  C CA  . ARG A 1 74  ? 3.243   -3.835  12.950  1.00 20.00 ? 74  ARG A CA  1 
ATOM   332  C C   . ARG A 1 74  ? 3.192   -3.763  11.432  1.00 20.00 ? 74  ARG A C   1 
ATOM   333  O O   . ARG A 1 74  ? 2.469   -2.942  10.850  1.00 20.00 ? 74  ARG A O   1 
ATOM   334  C CB  . ARG A 1 74  ? 4.514   -3.129  13.439  1.00 20.00 ? 74  ARG A CB  1 
ATOM   335  C CG  . ARG A 1 74  ? 4.373   -2.247  14.684  1.00 20.00 ? 74  ARG A CG  1 
ATOM   336  C CD  . ARG A 1 74  ? 5.765   -1.943  15.165  1.00 20.00 ? 74  ARG A CD  1 
ATOM   337  N NE  . ARG A 1 74  ? 5.819   -1.427  16.533  1.00 20.00 ? 74  ARG A NE  1 
ATOM   338  C CZ  . ARG A 1 74  ? 6.469   -0.307  16.890  1.00 20.00 ? 74  ARG A CZ  1 
ATOM   339  N NH1 . ARG A 1 74  ? 7.120   0.407   15.977  1.00 20.00 ? 74  ARG A NH1 1 
ATOM   340  N NH2 . ARG A 1 74  ? 6.481   0.100   18.165  1.00 20.00 ? 74  ARG A NH2 1 
ATOM   341  N N   . ALA A 1 75  ? 3.972   -4.622  10.790  1.00 20.00 ? 75  ALA A N   1 
ATOM   342  C CA  . ALA A 1 75  ? 4.063   -4.566  9.356   1.00 20.00 ? 75  ALA A CA  1 
ATOM   343  C C   . ALA A 1 75  ? 2.671   -4.855  8.859   1.00 20.00 ? 75  ALA A C   1 
ATOM   344  O O   . ALA A 1 75  ? 2.058   -4.010  8.213   1.00 20.00 ? 75  ALA A O   1 
ATOM   345  C CB  . ALA A 1 75  ? 5.060   -5.576  8.855   1.00 20.00 ? 75  ALA A CB  1 
ATOM   346  N N   . HIS A 1 76  ? 2.146   -6.013  9.252   1.00 20.00 ? 76  HIS A N   1 
ATOM   347  C CA  . HIS A 1 76  ? 0.836   -6.453  8.784   1.00 20.00 ? 76  HIS A CA  1 
ATOM   348  C C   . HIS A 1 76  ? -0.092  -5.265  8.666   1.00 20.00 ? 76  HIS A C   1 
ATOM   349  O O   . HIS A 1 76  ? -0.421  -4.873  7.564   1.00 20.00 ? 76  HIS A O   1 
ATOM   350  C CB  . HIS A 1 76  ? 0.189   -7.565  9.667   1.00 20.00 ? 76  HIS A CB  1 
ATOM   351  C CG  . HIS A 1 76  ? 0.742   -8.952  9.440   1.00 20.00 ? 76  HIS A CG  1 
ATOM   352  N ND1 . HIS A 1 76  ? 0.577   -9.980  10.356  1.00 20.00 ? 76  HIS A ND1 1 
ATOM   353  C CD2 . HIS A 1 76  ? 1.461   -9.477  8.410   1.00 20.00 ? 76  HIS A CD2 1 
ATOM   354  C CE1 . HIS A 1 76  ? 1.164   -11.076 9.901   1.00 20.00 ? 76  HIS A CE1 1 
ATOM   355  N NE2 . HIS A 1 76  ? 1.710   -10.796 8.725   1.00 20.00 ? 76  HIS A NE2 1 
ATOM   356  N N   . LEU A 1 77  ? -0.426  -4.638  9.793   1.00 20.00 ? 77  LEU A N   1 
ATOM   357  C CA  . LEU A 1 77  ? -1.647  -3.847  9.879   1.00 20.00 ? 77  LEU A CA  1 
ATOM   358  C C   . LEU A 1 77  ? -1.659  -2.450  9.232   1.00 20.00 ? 77  LEU A C   1 
ATOM   359  O O   . LEU A 1 77  ? -2.615  -2.155  8.526   1.00 20.00 ? 77  LEU A O   1 
ATOM   360  C CB  . LEU A 1 77  ? -2.241  -3.940  11.292  1.00 20.00 ? 77  LEU A CB  1 
ATOM   361  C CG  . LEU A 1 77  ? -2.952  -5.314  11.572  1.00 20.00 ? 77  LEU A CG  1 
ATOM   362  C CD1 . LEU A 1 77  ? -2.062  -6.499  11.304  1.00 20.00 ? 77  LEU A CD1 1 
ATOM   363  C CD2 . LEU A 1 77  ? -3.593  -5.533  12.984  1.00 20.00 ? 77  LEU A CD2 1 
ATOM   364  N N   . ASN A 1 78  ? -0.609  -1.627  9.428   1.00 20.00 ? 78  ASN A N   1 
ATOM   365  C CA  . ASN A 1 78  ? -0.344  -0.387  8.592   1.00 20.00 ? 78  ASN A CA  1 
ATOM   366  C C   . ASN A 1 78  ? -0.513  -0.747  7.125   1.00 20.00 ? 78  ASN A C   1 
ATOM   367  O O   . ASN A 1 78  ? -1.370  -0.154  6.446   1.00 20.00 ? 78  ASN A O   1 
ATOM   368  C CB  . ASN A 1 78  ? 1.091   0.206   8.738   1.00 20.00 ? 78  ASN A CB  1 
ATOM   369  C CG  . ASN A 1 78  ? 1.277   1.529   7.972   1.00 20.00 ? 78  ASN A CG  1 
ATOM   370  O OD1 . ASN A 1 78  ? 0.338   2.321   7.871   1.00 20.00 ? 78  ASN A OD1 1 
ATOM   371  N ND2 . ASN A 1 78  ? 2.490   1.772   7.432   1.00 20.00 ? 78  ASN A ND2 1 
ATOM   372  N N   . ASP A 1 79  ? 0.319   -1.719  6.669   1.00 20.00 ? 79  ASP A N   1 
ATOM   373  C CA  . ASP A 1 79  ? 0.290   -2.306  5.289   1.00 20.00 ? 79  ASP A CA  1 
ATOM   374  C C   . ASP A 1 79  ? -1.025  -2.992  4.989   1.00 20.00 ? 79  ASP A C   1 
ATOM   375  O O   . ASP A 1 79  ? -1.519  -2.942  3.849   1.00 20.00 ? 79  ASP A O   1 
ATOM   376  C CB  . ASP A 1 79  ? 1.451   -3.267  5.009   1.00 20.00 ? 79  ASP A CB  1 
ATOM   377  C CG  . ASP A 1 79  ? 1.410   -3.829  3.607   1.00 20.00 ? 79  ASP A CG  1 
ATOM   378  O OD1 . ASP A 1 79  ? 1.480   -3.043  2.645   1.00 20.00 ? 79  ASP A OD1 1 
ATOM   379  O OD2 . ASP A 1 79  ? 1.321   -5.071  3.459   1.00 20.00 ? 79  ASP A OD2 1 
ATOM   380  N N   . LEU A 1 80  ? -1.589  -3.628  6.017   1.00 20.00 ? 80  LEU A N   1 
ATOM   381  C CA  . LEU A 1 80  ? -2.787  -4.383  5.784   1.00 20.00 ? 80  LEU A CA  1 
ATOM   382  C C   . LEU A 1 80  ? -3.806  -3.358  5.518   1.00 20.00 ? 80  LEU A C   1 
ATOM   383  O O   . LEU A 1 80  ? -4.658  -3.539  4.665   1.00 20.00 ? 80  LEU A O   1 
ATOM   384  C CB  . LEU A 1 80  ? -3.223  -5.247  6.949   1.00 20.00 ? 80  LEU A CB  1 
ATOM   385  C CG  . LEU A 1 80  ? -4.305  -6.163  6.375   1.00 20.00 ? 80  LEU A CG  1 
ATOM   386  C CD1 . LEU A 1 80  ? -4.403  -7.435  7.167   1.00 20.00 ? 80  LEU A CD1 1 
ATOM   387  C CD2 . LEU A 1 80  ? -5.628  -5.485  6.402   1.00 20.00 ? 80  LEU A CD2 1 
ATOM   388  N N   . GLU A 1 81  ? -3.720  -2.255  6.225   1.00 20.00 ? 81  GLU A N   1 
ATOM   389  C CA  . GLU A 1 81  ? -4.660  -1.237  5.863   1.00 20.00 ? 81  GLU A CA  1 
ATOM   390  C C   . GLU A 1 81  ? -4.146  -0.304  4.737   1.00 20.00 ? 81  GLU A C   1 
ATOM   391  O O   . GLU A 1 81  ? -4.968  0.252   4.023   1.00 20.00 ? 81  GLU A O   1 
ATOM   392  C CB  . GLU A 1 81  ? -5.313  -0.552  7.073   1.00 20.00 ? 81  GLU A CB  1 
ATOM   393  C CG  . GLU A 1 81  ? -4.369  0.205   7.958   1.00 20.00 ? 81  GLU A CG  1 
ATOM   394  C CD  . GLU A 1 81  ? -5.080  0.717   9.169   1.00 20.00 ? 81  GLU A CD  1 
ATOM   395  O OE1 . GLU A 1 81  ? -6.346  0.809   9.188   1.00 20.00 ? 81  GLU A OE1 1 
ATOM   396  O OE2 . GLU A 1 81  ? -4.337  1.029   10.121  1.00 20.00 ? 81  GLU A OE2 1 
ATOM   397  N N   . ASN A 1 82  ? -2.835  -0.154  4.522   1.00 20.00 ? 82  ASN A N   1 
ATOM   398  C CA  . ASN A 1 82  ? -2.412  0.483   3.268   1.00 20.00 ? 82  ASN A CA  1 
ATOM   399  C C   . ASN A 1 82  ? -3.276  -0.181  2.210   1.00 20.00 ? 82  ASN A C   1 
ATOM   400  O O   . ASN A 1 82  ? -4.136  0.439   1.574   1.00 20.00 ? 82  ASN A O   1 
ATOM   401  C CB  . ASN A 1 82  ? -0.970  0.169   2.881   1.00 20.00 ? 82  ASN A CB  1 
ATOM   402  C CG  . ASN A 1 82  ? 0.039   0.358   4.022   1.00 20.00 ? 82  ASN A CG  1 
ATOM   403  O OD1 . ASN A 1 82  ? -0.251  0.997   5.052   1.00 18.94 ? 82  ASN A OD1 1 
ATOM   404  N ND2 . ASN A 1 82  ? 1.262   -0.210  3.828   1.00 20.00 ? 82  ASN A ND2 1 
ATOM   405  N N   . ILE A 1 83  ? -3.079  -1.482  2.068   1.00 20.00 ? 83  ILE A N   1 
ATOM   406  C CA  . ILE A 1 83  ? -3.923  -2.252  1.195   1.00 20.00 ? 83  ILE A CA  1 
ATOM   407  C C   . ILE A 1 83  ? -5.430  -2.062  1.471   1.00 20.00 ? 83  ILE A C   1 
ATOM   408  O O   . ILE A 1 83  ? -6.197  -1.741  0.562   1.00 20.00 ? 83  ILE A O   1 
ATOM   409  C CB  . ILE A 1 83  ? -3.522  -3.722  1.223   1.00 20.00 ? 83  ILE A CB  1 
ATOM   410  C CG1 . ILE A 1 83  ? -4.233  -4.469  0.088   1.00 20.00 ? 83  ILE A CG1 1 
ATOM   411  C CG2 . ILE A 1 83  ? -3.884  -4.356  2.552   1.00 20.00 ? 83  ILE A CG2 1 
ATOM   412  C CD1 . ILE A 1 83  ? -3.884  -3.984  -1.331  1.00 20.00 ? 83  ILE A CD1 1 
ATOM   413  N N   . VAL A 1 84  ? -5.869  -2.266  2.699   1.00 20.00 ? 84  VAL A N   1 
ATOM   414  C CA  . VAL A 1 84  ? -7.279  -2.203  2.887   1.00 20.00 ? 84  VAL A CA  1 
ATOM   415  C C   . VAL A 1 84  ? -7.919  -1.050  2.122   1.00 20.00 ? 84  VAL A C   1 
ATOM   416  O O   . VAL A 1 84  ? -8.743  -1.333  1.260   1.00 20.00 ? 84  VAL A O   1 
ATOM   417  C CB  . VAL A 1 84  ? -7.664  -2.150  4.349   1.00 20.00 ? 84  VAL A CB  1 
ATOM   418  C CG1 . VAL A 1 84  ? -8.980  -1.321  4.585   1.00 20.00 ? 84  VAL A CG1 1 
ATOM   419  C CG2 . VAL A 1 84  ? -7.812  -3.560  4.827   1.00 20.00 ? 84  VAL A CG2 1 
ATOM   420  N N   . PRO A 1 85  ? -7.523  0.243   2.385   1.00 20.00 ? 85  PRO A N   1 
ATOM   421  C CA  . PRO A 1 85  ? -8.074  1.277   1.482   1.00 20.00 ? 85  PRO A CA  1 
ATOM   422  C C   . PRO A 1 85  ? -7.473  1.264   0.068   1.00 20.00 ? 85  PRO A C   1 
ATOM   423  O O   . PRO A 1 85  ? -8.157  1.686   -0.871  1.00 20.00 ? 85  PRO A O   1 
ATOM   424  C CB  . PRO A 1 85  ? -7.745  2.616   2.189   1.00 20.00 ? 85  PRO A CB  1 
ATOM   425  C CG  . PRO A 1 85  ? -7.389  2.259   3.576   1.00 20.00 ? 85  PRO A CG  1 
ATOM   426  C CD  . PRO A 1 85  ? -6.825  0.860   3.530   1.00 20.00 ? 85  PRO A CD  1 
ATOM   427  N N   . PHE A 1 86  ? -6.231  0.804   -0.124  1.00 20.00 ? 86  PHE A N   1 
ATOM   428  C CA  . PHE A 1 86  ? -5.862  0.686   -1.510  1.00 20.00 ? 86  PHE A CA  1 
ATOM   429  C C   . PHE A 1 86  ? -7.086  0.059   -2.151  1.00 20.00 ? 86  PHE A C   1 
ATOM   430  O O   . PHE A 1 86  ? -7.752  0.687   -2.985  1.00 20.00 ? 86  PHE A O   1 
ATOM   431  C CB  . PHE A 1 86  ? -4.674  -0.213  -1.766  1.00 20.00 ? 86  PHE A CB  1 
ATOM   432  C CG  . PHE A 1 86  ? -4.277  -0.249  -3.220  1.00 20.00 ? 86  PHE A CG  1 
ATOM   433  C CD1 . PHE A 1 86  ? -3.047  -0.811  -3.606  1.00 20.00 ? 86  PHE A CD1 1 
ATOM   434  C CD2 . PHE A 1 86  ? -5.120  0.316   -4.213  1.00 20.00 ? 86  PHE A CD2 1 
ATOM   435  C CE1 . PHE A 1 86  ? -2.657  -0.834  -4.965  1.00 20.00 ? 86  PHE A CE1 1 
ATOM   436  C CE2 . PHE A 1 86  ? -4.756  0.331   -5.556  1.00 20.00 ? 86  PHE A CE2 1 
ATOM   437  C CZ  . PHE A 1 86  ? -3.519  -0.238  -5.946  1.00 20.00 ? 86  PHE A CZ  1 
ATOM   438  N N   . LEU A 1 87  ? -7.393  -1.159  -1.676  1.00 20.00 ? 87  LEU A N   1 
ATOM   439  C CA  . LEU A 1 87  ? -8.447  -2.063  -2.211  1.00 20.00 ? 87  LEU A CA  1 
ATOM   440  C C   . LEU A 1 87  ? -9.761  -1.369  -2.536  1.00 20.00 ? 87  LEU A C   1 
ATOM   441  O O   . LEU A 1 87  ? -10.199 -1.436  -3.695  1.00 20.00 ? 87  LEU A O   1 
ATOM   442  C CB  . LEU A 1 87  ? -8.659  -3.256  -1.276  1.00 20.00 ? 87  LEU A CB  1 
ATOM   443  C CG  . LEU A 1 87  ? -7.356  -3.984  -0.906  1.00 20.00 ? 87  LEU A CG  1 
ATOM   444  C CD1 . LEU A 1 87  ? -7.545  -5.187  0.029   1.00 20.00 ? 87  LEU A CD1 1 
ATOM   445  C CD2 . LEU A 1 87  ? -6.589  -4.399  -2.196  1.00 20.00 ? 87  LEU A CD2 1 
ATOM   446  N N   . GLY A 1 88  ? -10.336 -0.682  -1.525  1.00 20.00 ? 88  GLY A N   1 
ATOM   447  C CA  . GLY A 1 88  ? -11.472 0.240   -1.694  1.00 20.00 ? 88  GLY A CA  1 
ATOM   448  C C   . GLY A 1 88  ? -11.275 1.012   -2.987  1.00 20.00 ? 88  GLY A C   1 
ATOM   449  O O   . GLY A 1 88  ? -11.944 0.764   -3.988  1.00 20.00 ? 88  GLY A O   1 
ATOM   450  N N   . ILE A 1 89  ? -10.258 1.874   -2.990  1.00 20.00 ? 89  ILE A N   1 
ATOM   451  C CA  . ILE A 1 89  ? -10.004 2.900   -4.054  1.00 20.00 ? 89  ILE A CA  1 
ATOM   452  C C   . ILE A 1 89  ? -9.537  2.382   -5.422  1.00 20.00 ? 89  ILE A C   1 
ATOM   453  O O   . ILE A 1 89  ? -10.033 2.793   -6.485  1.00 20.00 ? 89  ILE A O   1 
ATOM   454  C CB  . ILE A 1 89  ? -8.853  3.801   -3.633  1.00 20.00 ? 89  ILE A CB  1 
ATOM   455  C CG1 . ILE A 1 89  ? -9.262  4.771   -2.551  1.00 20.00 ? 89  ILE A CG1 1 
ATOM   456  C CG2 . ILE A 1 89  ? -8.234  4.495   -4.854  1.00 20.00 ? 89  ILE A CG2 1 
ATOM   457  C CD1 . ILE A 1 89  ? -8.038  5.208   -1.758  1.00 20.00 ? 89  ILE A CD1 1 
ATOM   458  N N   . GLY A 1 90  ? -8.501  1.554   -5.385  1.00 20.00 ? 90  GLY A N   1 
ATOM   459  C CA  . GLY A 1 90  ? -8.027  0.986   -6.602  1.00 20.00 ? 90  GLY A CA  1 
ATOM   460  C C   . GLY A 1 90  ? -9.259  0.259   -7.045  1.00 20.00 ? 90  GLY A C   1 
ATOM   461  O O   . GLY A 1 90  ? -9.972  0.668   -7.984  1.00 20.00 ? 90  GLY A O   1 
ATOM   462  N N   . LEU A 1 91  ? -9.550  -0.801  -6.314  1.00 20.00 ? 91  LEU A N   1 
ATOM   463  C CA  . LEU A 1 91  ? -10.385 -1.736  -6.952  1.00 20.00 ? 91  LEU A CA  1 
ATOM   464  C C   . LEU A 1 91  ? -11.504 -0.943  -7.683  1.00 20.00 ? 91  LEU A C   1 
ATOM   465  O O   . LEU A 1 91  ? -11.813 -1.262  -8.825  1.00 20.00 ? 91  LEU A O   1 
ATOM   466  C CB  . LEU A 1 91  ? -10.774 -2.908  -6.030  1.00 20.00 ? 91  LEU A CB  1 
ATOM   467  C CG  . LEU A 1 91  ? -9.725  -4.074  -5.892  1.00 20.00 ? 91  LEU A CG  1 
ATOM   468  C CD1 . LEU A 1 91  ? -10.111 -5.060  -4.794  1.00 20.00 ? 91  LEU A CD1 1 
ATOM   469  C CD2 . LEU A 1 91  ? -9.618  -4.900  -7.137  1.00 20.00 ? 91  LEU A CD2 1 
ATOM   470  N N   . LEU A 1 92  ? -12.000 0.170   -7.135  1.00 20.00 ? 92  LEU A N   1 
ATOM   471  C CA  . LEU A 1 92  ? -13.243 0.754   -7.707  1.00 20.00 ? 92  LEU A CA  1 
ATOM   472  C C   . LEU A 1 92  ? -13.270 1.664   -8.984  1.00 20.00 ? 92  LEU A C   1 
ATOM   473  O O   . LEU A 1 92  ? -14.124 1.416   -9.859  1.00 20.00 ? 92  LEU A O   1 
ATOM   474  C CB  . LEU A 1 92  ? -14.058 1.409   -6.610  1.00 20.00 ? 92  LEU A CB  1 
ATOM   475  C CG  . LEU A 1 92  ? -13.988 0.570   -5.319  1.00 20.00 ? 92  LEU A CG  1 
ATOM   476  C CD1 . LEU A 1 92  ? -14.044 1.437   -3.996  1.00 20.00 ? 92  LEU A CD1 1 
ATOM   477  C CD2 . LEU A 1 92  ? -15.060 -0.564  -5.313  1.00 20.00 ? 92  LEU A CD2 1 
ATOM   478  N N   . TYR A 1 93  ? -12.397 2.717   -9.062  1.00 20.00 ? 93  TYR A N   1 
ATOM   479  C CA  . TYR A 1 93  ? -12.010 3.505   -10.328 1.00 20.00 ? 93  TYR A CA  1 
ATOM   480  C C   . TYR A 1 93  ? -11.411 2.532   -11.317 1.00 20.00 ? 93  TYR A C   1 
ATOM   481  O O   . TYR A 1 93  ? -11.123 2.855   -12.463 1.00 20.00 ? 93  TYR A O   1 
ATOM   482  C CB  . TYR A 1 93  ? -10.951 4.569   -9.986  1.00 20.00 ? 93  TYR A CB  1 
ATOM   483  C CG  . TYR A 1 93  ? -11.416 5.332   -8.805  1.00 20.00 ? 93  TYR A CG  1 
ATOM   484  C CD1 . TYR A 1 93  ? -12.386 6.323   -8.962  1.00 20.00 ? 93  TYR A CD1 1 
ATOM   485  C CD2 . TYR A 1 93  ? -10.996 4.998   -7.508  1.00 20.00 ? 93  TYR A CD2 1 
ATOM   486  C CE1 . TYR A 1 93  ? -12.907 7.014   -7.872  1.00 20.00 ? 93  TYR A CE1 1 
ATOM   487  C CE2 . TYR A 1 93  ? -11.505 5.677   -6.379  1.00 20.00 ? 93  TYR A CE2 1 
ATOM   488  C CZ  . TYR A 1 93  ? -12.473 6.703   -6.569  1.00 20.00 ? 93  TYR A CZ  1 
ATOM   489  O OH  . TYR A 1 93  ? -13.036 7.441   -5.497  1.00 20.00 ? 93  TYR A OH  1 
ATOM   490  N N   . SER A 1 94  ? -11.208 1.329   -10.794 1.00 20.00 ? 94  SER A N   1 
ATOM   491  C CA  . SER A 1 94  ? -10.866 0.171   -11.536 1.00 20.00 ? 94  SER A CA  1 
ATOM   492  C C   . SER A 1 94  ? -11.860 -0.084  -12.624 1.00 20.00 ? 94  SER A C   1 
ATOM   493  O O   . SER A 1 94  ? -11.606 0.048   -13.838 1.00 20.00 ? 94  SER A O   1 
ATOM   494  C CB  . SER A 1 94  ? -10.912 -1.029  -10.597 1.00 20.00 ? 94  SER A CB  1 
ATOM   495  O OG  . SER A 1 94  ? -10.752 -2.235  -11.326 1.00 20.00 ? 94  SER A OG  1 
ATOM   496  N N   . LEU A 1 95  ? -13.009 -0.496  -12.144 1.00 20.00 ? 95  LEU A N   1 
ATOM   497  C CA  . LEU A 1 95  ? -14.075 -0.863  -13.012 1.00 20.00 ? 95  LEU A CA  1 
ATOM   498  C C   . LEU A 1 95  ? -14.952 0.406   -13.276 1.00 20.00 ? 95  LEU A C   1 
ATOM   499  O O   . LEU A 1 95  ? -15.932 0.374   -14.057 1.00 20.00 ? 95  LEU A O   1 
ATOM   500  C CB  . LEU A 1 95  ? -14.804 -2.050  -12.370 1.00 20.00 ? 95  LEU A CB  1 
ATOM   501  C CG  . LEU A 1 95  ? -13.781 -2.838  -11.516 1.00 20.00 ? 95  LEU A CG  1 
ATOM   502  C CD1 . LEU A 1 95  ? -14.450 -3.498  -10.283 1.00 20.00 ? 95  LEU A CD1 1 
ATOM   503  C CD2 . LEU A 1 95  ? -12.933 -3.827  -12.339 1.00 20.00 ? 95  LEU A CD2 1 
ATOM   504  N N   . SER A 1 96  ? -14.568 1.523   -12.651 1.00 20.00 ? 96  SER A N   1 
ATOM   505  C CA  . SER A 1 96  ? -15.118 2.824   -13.031 1.00 20.00 ? 96  SER A CA  1 
ATOM   506  C C   . SER A 1 96  ? -13.988 3.771   -13.525 1.00 20.00 ? 96  SER A C   1 
ATOM   507  O O   . SER A 1 96  ? -13.881 4.933   -13.089 1.00 20.00 ? 96  SER A O   1 
ATOM   508  C CB  . SER A 1 96  ? -15.904 3.427   -11.868 1.00 20.00 ? 96  SER A CB  1 
ATOM   509  O OG  . SER A 1 96  ? -15.026 3.638   -10.769 1.00 20.00 ? 96  SER A OG  1 
ATOM   510  N N   . GLY A 1 97  ? -13.166 3.270   -14.452 1.00 20.00 ? 97  GLY A N   1 
ATOM   511  C CA  . GLY A 1 97  ? -11.963 3.993   -14.859 1.00 20.00 ? 97  GLY A CA  1 
ATOM   512  C C   . GLY A 1 97  ? -11.939 4.609   -16.245 1.00 20.00 ? 97  GLY A C   1 
ATOM   513  O O   . GLY A 1 97  ? -10.876 4.688   -16.871 1.00 20.00 ? 97  GLY A O   1 
ATOM   514  N N   . PRO A 1 98  ? -13.088 5.114   -16.703 1.00 20.00 ? 98  PRO A N   1 
ATOM   515  C CA  . PRO A 1 98  ? -13.267 5.494   -18.121 1.00 20.00 ? 98  PRO A CA  1 
ATOM   516  C C   . PRO A 1 98  ? -12.195 6.457   -18.759 1.00 20.00 ? 98  PRO A C   1 
ATOM   517  O O   . PRO A 1 98  ? -11.533 6.065   -19.750 1.00 20.00 ? 98  PRO A O   1 
ATOM   518  C CB  . PRO A 1 98  ? -14.672 6.127   -18.147 1.00 20.00 ? 98  PRO A CB  1 
ATOM   519  C CG  . PRO A 1 98  ? -14.845 6.690   -16.757 1.00 20.00 ? 98  PRO A CG  1 
ATOM   520  C CD  . PRO A 1 98  ? -14.115 5.724   -15.833 1.00 20.00 ? 98  PRO A CD  1 
ATOM   521  N N   . ASP A 1 99  ? -12.021 7.682   -18.238 1.00 20.00 ? 99  ASP A N   1 
ATOM   522  C CA  . ASP A 1 99  ? -11.120 8.634   -18.900 1.00 20.00 ? 99  ASP A CA  1 
ATOM   523  C C   . ASP A 1 99  ? -9.790  7.985   -19.329 1.00 20.00 ? 99  ASP A C   1 
ATOM   524  O O   . ASP A 1 99  ? -9.235  7.108   -18.632 1.00 20.00 ? 99  ASP A O   1 
ATOM   525  C CB  . ASP A 1 99  ? -10.729 9.816   -17.975 1.00 20.00 ? 99  ASP A CB  1 
ATOM   526  C CG  . ASP A 1 99  ? -9.364  9.607   -17.265 1.00 20.00 ? 99  ASP A CG  1 
ATOM   527  O OD1 . ASP A 1 99  ? -9.285  9.805   -16.029 1.00 20.00 ? 99  ASP A OD1 1 
ATOM   528  O OD2 . ASP A 1 99  ? -8.360  9.227   -17.919 1.00 20.00 ? 99  ASP A OD2 1 
ATOM   529  N N   . LEU A 1 100 ? -9.284  8.442   -20.472 1.00 20.00 ? 100 LEU A N   1 
ATOM   530  C CA  . LEU A 1 100 ? -7.969  8.051   -20.975 1.00 20.00 ? 100 LEU A CA  1 
ATOM   531  C C   . LEU A 1 100 ? -6.788  8.475   -20.097 1.00 20.00 ? 100 LEU A C   1 
ATOM   532  O O   . LEU A 1 100 ? -5.734  7.826   -20.104 1.00 20.00 ? 100 LEU A O   1 
ATOM   533  C CB  . LEU A 1 100 ? -7.852  8.532   -22.424 1.00 20.00 ? 100 LEU A CB  1 
ATOM   534  C CG  . LEU A 1 100 ? -6.595  9.141   -23.018 1.00 20.00 ? 100 LEU A CG  1 
ATOM   535  C CD1 . LEU A 1 100 ? -5.406  8.154   -23.041 1.00 20.00 ? 100 LEU A CD1 1 
ATOM   536  C CD2 . LEU A 1 100 ? -6.961  9.615   -24.418 1.00 20.00 ? 100 LEU A CD2 1 
ATOM   537  N N   . SER A 1 101 ? -6.999  9.527   -19.307 1.00 20.00 ? 101 SER A N   1 
ATOM   538  C CA  . SER A 1 101 ? -5.938  10.121  -18.469 1.00 20.00 ? 101 SER A CA  1 
ATOM   539  C C   . SER A 1 101 ? -5.079  9.075   -17.737 1.00 20.00 ? 101 SER A C   1 
ATOM   540  O O   . SER A 1 101 ? -5.577  8.051   -17.253 1.00 20.00 ? 101 SER A O   1 
ATOM   541  C CB  . SER A 1 101 ? -6.483  11.196  -17.469 1.00 20.00 ? 101 SER A CB  1 
ATOM   542  O OG  . SER A 1 101 ? -7.467  12.077  -18.035 1.00 20.00 ? 101 SER A OG  1 
ATOM   543  N N   . THR A 1 102 ? -3.784  9.371   -17.686 1.00 20.00 ? 102 THR A N   1 
ATOM   544  C CA  . THR A 1 102 ? -2.769  8.559   -17.011 1.00 20.00 ? 102 THR A CA  1 
ATOM   545  C C   . THR A 1 102 ? -2.764  8.757   -15.496 1.00 20.00 ? 102 THR A C   1 
ATOM   546  O O   . THR A 1 102 ? -2.296  9.777   -14.965 1.00 20.00 ? 102 THR A O   1 
ATOM   547  C CB  . THR A 1 102 ? -1.337  8.932   -17.501 1.00 20.00 ? 102 THR A CB  1 
ATOM   548  O OG1 . THR A 1 102 ? -1.341  9.129   -18.929 1.00 20.00 ? 102 THR A OG1 1 
ATOM   549  C CG2 . THR A 1 102 ? -0.292  7.843   -17.084 1.00 20.00 ? 102 THR A CG2 1 
ATOM   550  N N   . ALA A 1 103 ? -3.244  7.745   -14.800 1.00 20.00 ? 103 ALA A N   1 
ATOM   551  C CA  . ALA A 1 103 ? -3.370  7.827   -13.368 1.00 20.00 ? 103 ALA A CA  1 
ATOM   552  C C   . ALA A 1 103 ? -2.715  6.654   -12.637 1.00 20.00 ? 103 ALA A C   1 
ATOM   553  O O   . ALA A 1 103 ? -2.388  6.768   -11.450 1.00 20.00 ? 103 ALA A O   1 
ATOM   554  C CB  . ALA A 1 103 ? -4.832  7.881   -12.991 1.00 20.00 ? 103 ALA A CB  1 
ATOM   555  N N   . LEU A 1 104 ? -2.552  5.528   -13.348 1.00 20.00 ? 104 LEU A N   1 
ATOM   556  C CA  . LEU A 1 104 ? -1.828  4.343   -12.863 1.00 19.66 ? 104 LEU A CA  1 
ATOM   557  C C   . LEU A 1 104 ? -0.509  4.655   -12.153 1.00 19.64 ? 104 LEU A C   1 
ATOM   558  O O   . LEU A 1 104 ? -0.216  3.981   -11.176 1.00 18.87 ? 104 LEU A O   1 
ATOM   559  C CB  . LEU A 1 104 ? -1.584  3.405   -14.045 1.00 19.57 ? 104 LEU A CB  1 
ATOM   560  C CG  . LEU A 1 104 ? -0.819  3.828   -15.306 1.00 20.00 ? 104 LEU A CG  1 
ATOM   561  C CD1 . LEU A 1 104 ? 0.703   3.836   -15.058 1.00 20.00 ? 104 LEU A CD1 1 
ATOM   562  C CD2 . LEU A 1 104 ? -1.177  2.908   -16.489 1.00 19.72 ? 104 LEU A CD2 1 
ATOM   563  N N   . ILE A 1 105 ? 0.252   5.667   -12.645 1.00 20.00 ? 105 ILE A N   1 
ATOM   564  C CA  . ILE A 1 105 ? 1.579   6.117   -12.088 1.00 20.00 ? 105 ILE A CA  1 
ATOM   565  C C   . ILE A 1 105 ? 1.575   6.191   -10.568 1.00 20.00 ? 105 ILE A C   1 
ATOM   566  O O   . ILE A 1 105 ? 2.538   5.809   -9.894  1.00 20.00 ? 105 ILE A O   1 
ATOM   567  C CB  . ILE A 1 105 ? 1.985   7.570   -12.492 1.00 20.00 ? 105 ILE A CB  1 
ATOM   568  C CG1 . ILE A 1 105 ? 2.782   7.652   -13.792 1.00 20.00 ? 105 ILE A CG1 1 
ATOM   569  C CG2 . ILE A 1 105 ? 2.873   8.204   -11.415 1.00 20.00 ? 105 ILE A CG2 1 
ATOM   570  C CD1 . ILE A 1 105 ? 3.158   9.181   -14.180 1.00 20.00 ? 105 ILE A CD1 1 
ATOM   571  N N   . HIS A 1 106 ? 0.496   6.775   -10.054 1.00 20.00 ? 106 HIS A N   1 
ATOM   572  C CA  . HIS A 1 106 ? 0.254   6.783   -8.625  1.00 20.00 ? 106 HIS A CA  1 
ATOM   573  C C   . HIS A 1 106 ? -0.219  5.445   -8.047  1.00 20.00 ? 106 HIS A C   1 
ATOM   574  O O   . HIS A 1 106 ? 0.211   5.042   -6.938  1.00 20.00 ? 106 HIS A O   1 
ATOM   575  C CB  . HIS A 1 106 ? -0.822  7.787   -8.254  1.00 20.00 ? 106 HIS A CB  1 
ATOM   576  C CG  . HIS A 1 106 ? -1.561  8.394   -9.409  1.00 20.00 ? 106 HIS A CG  1 
ATOM   577  N ND1 . HIS A 1 106 ? -0.962  8.745   -10.606 1.00 20.00 ? 106 HIS A ND1 1 
ATOM   578  C CD2 . HIS A 1 106 ? -2.838  8.837   -9.489  1.00 20.00 ? 106 HIS A CD2 1 
ATOM   579  C CE1 . HIS A 1 106 ? -1.848  9.344   -11.385 1.00 20.00 ? 106 HIS A CE1 1 
ATOM   580  N NE2 . HIS A 1 106 ? -2.996  9.416   -10.729 1.00 20.00 ? 106 HIS A NE2 1 
ATOM   581  N N   . PHE A 1 107 ? -1.115  4.752   -8.756  1.00 20.00 ? 107 PHE A N   1 
ATOM   582  C CA  . PHE A 1 107 ? -1.424  3.457   -8.289  1.00 20.00 ? 107 PHE A CA  1 
ATOM   583  C C   . PHE A 1 107 ? 0.002   3.076   -7.988  1.00 20.00 ? 107 PHE A C   1 
ATOM   584  O O   . PHE A 1 107 ? 0.381   2.938   -6.820  1.00 20.00 ? 107 PHE A O   1 
ATOM   585  C CB  . PHE A 1 107 ? -2.056  2.709   -9.448  1.00 20.00 ? 107 PHE A CB  1 
ATOM   586  C CG  . PHE A 1 107 ? -3.419  3.291   -9.883  1.00 20.00 ? 107 PHE A CG  1 
ATOM   587  C CD1 . PHE A 1 107 ? -4.613  2.946   -9.206  1.00 20.00 ? 107 PHE A CD1 1 
ATOM   588  C CD2 . PHE A 1 107 ? -3.505  4.179   -10.989 1.00 20.00 ? 107 PHE A CD2 1 
ATOM   589  C CE1 . PHE A 1 107 ? -5.840  3.482   -9.623  1.00 20.00 ? 107 PHE A CE1 1 
ATOM   590  C CE2 . PHE A 1 107 ? -4.730  4.736   -11.398 1.00 20.00 ? 107 PHE A CE2 1 
ATOM   591  C CZ  . PHE A 1 107 ? -5.899  4.381   -10.716 1.00 20.00 ? 107 PHE A CZ  1 
ATOM   592  N N   . ARG A 1 108 ? 0.818   3.114   -9.036  1.00 20.00 ? 108 ARG A N   1 
ATOM   593  C CA  . ARG A 1 108 ? 2.251   2.749   -9.013  1.00 20.00 ? 108 ARG A CA  1 
ATOM   594  C C   . ARG A 1 108 ? 3.212   3.333   -7.942  1.00 20.00 ? 108 ARG A C   1 
ATOM   595  O O   . ARG A 1 108 ? 4.019   2.565   -7.386  1.00 19.87 ? 108 ARG A O   1 
ATOM   596  C CB  . ARG A 1 108 ? 2.843   2.955   -10.411 1.00 20.00 ? 108 ARG A CB  1 
ATOM   597  C CG  . ARG A 1 108 ? 1.865   2.568   -11.524 1.00 19.38 ? 108 ARG A CG  1 
ATOM   598  C CD  . ARG A 1 108 ? 2.589   1.956   -12.635 1.00 17.96 ? 108 ARG A CD  1 
ATOM   599  N NE  . ARG A 1 108 ? 3.130   0.702   -12.174 1.00 17.45 ? 108 ARG A NE  1 
ATOM   600  C CZ  . ARG A 1 108 ? 2.971   -0.422  -12.831 1.00 16.62 ? 108 ARG A CZ  1 
ATOM   601  N NH1 . ARG A 1 108 ? 2.318   -0.424  -13.979 1.00 16.51 ? 108 ARG A NH1 1 
ATOM   602  N NH2 . ARG A 1 108 ? 3.486   -1.522  -12.349 1.00 17.09 ? 108 ARG A NH2 1 
ATOM   603  N N   . ILE A 1 109 ? 3.158   4.654   -7.672  1.00 20.00 ? 109 ILE A N   1 
ATOM   604  C CA  . ILE A 1 109 ? 4.107   5.282   -6.692  1.00 19.90 ? 109 ILE A CA  1 
ATOM   605  C C   . ILE A 1 109 ? 3.559   5.239   -5.294  1.00 20.00 ? 109 ILE A C   1 
ATOM   606  O O   . ILE A 1 109 ? 4.302   5.312   -4.299  1.00 20.00 ? 109 ILE A O   1 
ATOM   607  C CB  . ILE A 1 109 ? 4.459   6.764   -6.967  1.00 19.62 ? 109 ILE A CB  1 
ATOM   608  C CG1 . ILE A 1 109 ? 4.538   7.018   -8.467  1.00 19.61 ? 109 ILE A CG1 1 
ATOM   609  C CG2 . ILE A 1 109 ? 5.738   7.192   -6.180  1.00 17.61 ? 109 ILE A CG2 1 
ATOM   610  C CD1 . ILE A 1 109 ? 4.457   8.474   -8.809  1.00 20.00 ? 109 ILE A CD1 1 
ATOM   611  N N   . PHE A 1 110 ? 2.242   5.151   -5.201  1.00 20.00 ? 110 PHE A N   1 
ATOM   612  C CA  . PHE A 1 110 ? 1.746   5.056   -3.884  1.00 20.00 ? 110 PHE A CA  1 
ATOM   613  C C   . PHE A 1 110 ? 2.263   3.733   -3.362  1.00 20.00 ? 110 PHE A C   1 
ATOM   614  O O   . PHE A 1 110 ? 2.911   3.722   -2.299  1.00 20.00 ? 110 PHE A O   1 
ATOM   615  C CB  . PHE A 1 110 ? 0.242   5.317   -3.765  1.00 20.00 ? 110 PHE A CB  1 
ATOM   616  C CG  . PHE A 1 110 ? -0.595  4.181   -4.035  1.00 20.00 ? 110 PHE A CG  1 
ATOM   617  C CD1 . PHE A 1 110 ? -0.571  3.090   -3.195  1.00 20.00 ? 110 PHE A CD1 1 
ATOM   618  C CD2 . PHE A 1 110 ? -1.503  4.248   -5.074  1.00 20.00 ? 110 PHE A CD2 1 
ATOM   619  C CE1 . PHE A 1 110 ? -1.378  2.051   -3.424  1.00 20.00 ? 110 PHE A CE1 1 
ATOM   620  C CE2 . PHE A 1 110 ? -2.341  3.216   -5.326  1.00 20.00 ? 110 PHE A CE2 1 
ATOM   621  C CZ  . PHE A 1 110 ? -2.287  2.113   -4.500  1.00 20.00 ? 110 PHE A CZ  1 
ATOM   622  N N   . VAL A 1 111 ? 2.142   2.661   -4.153  1.00 20.00 ? 111 VAL A N   1 
ATOM   623  C CA  . VAL A 1 111 ? 2.916   1.461   -3.843  1.00 20.00 ? 111 VAL A CA  1 
ATOM   624  C C   . VAL A 1 111 ? 4.349   1.873   -3.510  1.00 20.00 ? 111 VAL A C   1 
ATOM   625  O O   . VAL A 1 111 ? 4.918   1.395   -2.533  1.00 20.00 ? 111 VAL A O   1 
ATOM   626  C CB  . VAL A 1 111 ? 2.978   0.480   -5.041  1.00 20.00 ? 111 VAL A CB  1 
ATOM   627  C CG1 . VAL A 1 111 ? 4.168   0.776   -6.004  1.00 20.00 ? 111 VAL A CG1 1 
ATOM   628  C CG2 . VAL A 1 111 ? 3.138   -0.942  -4.506  1.00 20.00 ? 111 VAL A CG2 1 
ATOM   629  N N   . GLY A 1 112 ? 4.915   2.771   -4.322  1.00 20.00 ? 112 GLY A N   1 
ATOM   630  C CA  . GLY A 1 112 ? 6.370   3.052   -4.314  1.00 20.00 ? 112 GLY A CA  1 
ATOM   631  C C   . GLY A 1 112 ? 6.759   3.831   -3.078  1.00 20.00 ? 112 GLY A C   1 
ATOM   632  O O   . GLY A 1 112 ? 7.813   3.579   -2.444  1.00 20.00 ? 112 GLY A O   1 
ATOM   633  N N   . ALA A 1 113 ? 5.866   4.763   -2.753  1.00 20.00 ? 113 ALA A N   1 
ATOM   634  C CA  . ALA A 1 113 ? 5.853   5.434   -1.490  1.00 20.00 ? 113 ALA A CA  1 
ATOM   635  C C   . ALA A 1 113 ? 5.712   4.490   -0.285  1.00 20.00 ? 113 ALA A C   1 
ATOM   636  O O   . ALA A 1 113 ? 6.528   4.532   0.648   1.00 20.00 ? 113 ALA A O   1 
ATOM   637  C CB  . ALA A 1 113 ? 4.702   6.356   -1.463  1.00 20.00 ? 113 ALA A CB  1 
ATOM   638  N N   . ARG A 1 114 ? 4.709   3.624   -0.300  1.00 20.00 ? 114 ARG A N   1 
ATOM   639  C CA  . ARG A 1 114 ? 4.389   2.863   0.920   1.00 20.00 ? 114 ARG A CA  1 
ATOM   640  C C   . ARG A 1 114 ? 5.380   1.707   1.317   1.00 20.00 ? 114 ARG A C   1 
ATOM   641  O O   . ARG A 1 114 ? 5.741   1.553   2.496   1.00 20.00 ? 114 ARG A O   1 
ATOM   642  C CB  . ARG A 1 114 ? 2.895   2.503   0.949   1.00 20.00 ? 114 ARG A CB  1 
ATOM   643  C CG  . ARG A 1 114 ? 2.110   3.781   1.186   1.00 20.00 ? 114 ARG A CG  1 
ATOM   644  C CD  . ARG A 1 114 ? 0.624   3.618   1.121   1.00 20.00 ? 114 ARG A CD  1 
ATOM   645  N NE  . ARG A 1 114 ? 0.131   3.000   2.354   1.00 20.00 ? 114 ARG A NE  1 
ATOM   646  C CZ  . ARG A 1 114 ? -0.162  3.660   3.474   1.00 20.00 ? 114 ARG A CZ  1 
ATOM   647  N NH1 . ARG A 1 114 ? 0.021   4.969   3.520   1.00 20.00 ? 114 ARG A NH1 1 
ATOM   648  N NH2 . ARG A 1 114 ? -0.612  3.003   4.554   1.00 20.00 ? 114 ARG A NH2 1 
ATOM   649  N N   . ILE A 1 115 ? 5.826   0.932   0.334   1.00 20.00 ? 115 ILE A N   1 
ATOM   650  C CA  . ILE A 1 115 ? 6.831   -0.114  0.523   1.00 20.00 ? 115 ILE A CA  1 
ATOM   651  C C   . ILE A 1 115 ? 8.091   0.372   1.288   1.00 20.00 ? 115 ILE A C   1 
ATOM   652  O O   . ILE A 1 115 ? 8.405   -0.128  2.374   1.00 20.00 ? 115 ILE A O   1 
ATOM   653  C CB  . ILE A 1 115 ? 7.285   -0.675  -0.846  1.00 20.00 ? 115 ILE A CB  1 
ATOM   654  C CG1 . ILE A 1 115 ? 7.405   0.454   -1.877  1.00 20.00 ? 115 ILE A CG1 1 
ATOM   655  C CG2 . ILE A 1 115 ? 6.350   -1.744  -1.360  1.00 20.00 ? 115 ILE A CG2 1 
ATOM   656  C CD1 . ILE A 1 115 ? 7.968   0.012   -3.189  1.00 20.00 ? 115 ILE A CD1 1 
ATOM   657  N N   . TYR A 1 116 ? 8.789   1.357   0.697   1.00 20.00 ? 116 TYR A N   1 
ATOM   658  C CA  . TYR A 1 116 ? 10.039  1.964   1.207   1.00 20.00 ? 116 TYR A CA  1 
ATOM   659  C C   . TYR A 1 116 ? 9.852   2.714   2.484   1.00 20.00 ? 116 TYR A C   1 
ATOM   660  O O   . TYR A 1 116 ? 10.758  2.862   3.273   1.00 20.00 ? 116 TYR A O   1 
ATOM   661  C CB  . TYR A 1 116 ? 10.544  2.914   0.146   1.00 20.00 ? 116 TYR A CB  1 
ATOM   662  C CG  . TYR A 1 116 ? 11.202  4.212   0.564   1.00 20.00 ? 116 TYR A CG  1 
ATOM   663  C CD1 . TYR A 1 116 ? 12.623  4.361   0.609   1.00 20.00 ? 116 TYR A CD1 1 
ATOM   664  C CD2 . TYR A 1 116 ? 10.421  5.349   0.778   1.00 20.00 ? 116 TYR A CD2 1 
ATOM   665  C CE1 . TYR A 1 116 ? 13.250  5.653   0.921   1.00 20.00 ? 116 TYR A CE1 1 
ATOM   666  C CE2 . TYR A 1 116 ? 11.025  6.653   1.090   1.00 20.00 ? 116 TYR A CE2 1 
ATOM   667  C CZ  . TYR A 1 116 ? 12.427  6.788   1.163   1.00 20.00 ? 116 TYR A CZ  1 
ATOM   668  O OH  . TYR A 1 116 ? 12.918  8.048   1.481   1.00 20.00 ? 116 TYR A OH  1 
ATOM   669  N N   . HIS A 1 117 ? 8.634   3.209   2.639   1.00 20.00 ? 117 HIS A N   1 
ATOM   670  C CA  . HIS A 1 117 ? 8.102   3.705   3.920   1.00 20.00 ? 117 HIS A CA  1 
ATOM   671  C C   . HIS A 1 117 ? 7.987   2.639   5.043   1.00 20.00 ? 117 HIS A C   1 
ATOM   672  O O   . HIS A 1 117 ? 8.632   2.787   6.106   1.00 20.00 ? 117 HIS A O   1 
ATOM   673  C CB  . HIS A 1 117 ? 6.798   4.458   3.680   1.00 20.00 ? 117 HIS A CB  1 
ATOM   674  C CG  . HIS A 1 117 ? 5.582   3.683   4.081   1.00 20.00 ? 117 HIS A CG  1 
ATOM   675  N ND1 . HIS A 1 117 ? 5.372   3.236   5.370   1.00 20.00 ? 117 HIS A ND1 1 
ATOM   676  C CD2 . HIS A 1 117 ? 4.473   3.329   3.385   1.00 20.00 ? 117 HIS A CD2 1 
ATOM   677  C CE1 . HIS A 1 117 ? 4.210   2.605   5.441   1.00 20.00 ? 117 HIS A CE1 1 
ATOM   678  N NE2 . HIS A 1 117 ? 3.639   2.648   4.249   1.00 20.00 ? 117 HIS A NE2 1 
ATOM   679  N N   . THR A 1 118 ? 7.219   1.565   4.846   1.00 20.00 ? 118 THR A N   1 
ATOM   680  C CA  . THR A 1 118 ? 7.362   0.519   5.837   1.00 20.00 ? 118 THR A CA  1 
ATOM   681  C C   . THR A 1 118 ? 8.834   0.243   5.936   1.00 20.00 ? 118 THR A C   1 
ATOM   682  O O   . THR A 1 118 ? 9.390   0.367   7.026   1.00 20.00 ? 118 THR A O   1 
ATOM   683  C CB  . THR A 1 118 ? 6.721   -0.828  5.481   1.00 20.00 ? 118 THR A CB  1 
ATOM   684  O OG1 . THR A 1 118 ? 6.986   -1.185  4.107   1.00 20.00 ? 118 THR A OG1 1 
ATOM   685  C CG2 . THR A 1 118 ? 5.237   -0.788  5.788   1.00 20.00 ? 118 THR A CG2 1 
ATOM   686  N N   . ILE A 1 119 ? 9.444   -0.104  4.782   1.00 20.00 ? 119 ILE A N   1 
ATOM   687  C CA  . ILE A 1 119 ? 10.799  -0.694  4.738   1.00 20.00 ? 119 ILE A CA  1 
ATOM   688  C C   . ILE A 1 119 ? 11.704  0.257   5.429   1.00 20.00 ? 119 ILE A C   1 
ATOM   689  O O   . ILE A 1 119 ? 12.575  -0.152  6.161   1.00 20.00 ? 119 ILE A O   1 
ATOM   690  C CB  . ILE A 1 119 ? 11.360  -1.068  3.298   1.00 20.00 ? 119 ILE A CB  1 
ATOM   691  C CG1 . ILE A 1 119 ? 10.871  -2.455  2.831   1.00 20.00 ? 119 ILE A CG1 1 
ATOM   692  C CG2 . ILE A 1 119 ? 12.888  -1.155  3.314   1.00 20.00 ? 119 ILE A CG2 1 
ATOM   693  C CD1 . ILE A 1 119 ? 10.747  -2.652  1.295   1.00 20.00 ? 119 ILE A CD1 1 
ATOM   694  N N   . ALA A 1 120 ? 11.469  1.543   5.228   1.00 20.00 ? 120 ALA A N   1 
ATOM   695  C CA  . ALA A 1 120 ? 12.285  2.516   5.941   1.00 20.00 ? 120 ALA A CA  1 
ATOM   696  C C   . ALA A 1 120 ? 12.101  2.342   7.461   1.00 20.00 ? 120 ALA A C   1 
ATOM   697  O O   . ALA A 1 120 ? 13.081  2.362   8.224   1.00 20.00 ? 120 ALA A O   1 
ATOM   698  C CB  . ALA A 1 120 ? 11.972  3.951   5.488   1.00 20.00 ? 120 ALA A CB  1 
ATOM   699  N N   . TYR A 1 121 ? 10.863  2.096   7.891   1.00 20.00 ? 121 TYR A N   1 
ATOM   700  C CA  . TYR A 1 121 ? 10.581  2.178   9.317   1.00 20.00 ? 121 TYR A CA  1 
ATOM   701  C C   . TYR A 1 121 ? 11.595  1.693   10.422  1.00 20.00 ? 121 TYR A C   1 
ATOM   702  O O   . TYR A 1 121 ? 11.745  2.364   11.456  1.00 20.00 ? 121 TYR A O   1 
ATOM   703  C CB  . TYR A 1 121 ? 9.212   1.591   9.706   1.00 20.00 ? 121 TYR A CB  1 
ATOM   704  C CG  . TYR A 1 121 ? 8.973   1.841   11.167  1.00 20.00 ? 121 TYR A CG  1 
ATOM   705  C CD1 . TYR A 1 121 ? 8.658   3.151   11.625  1.00 20.00 ? 121 TYR A CD1 1 
ATOM   706  C CD2 . TYR A 1 121 ? 9.145   0.823   12.112  1.00 20.00 ? 121 TYR A CD2 1 
ATOM   707  C CE1 . TYR A 1 121 ? 8.473   3.413   12.986  1.00 20.00 ? 121 TYR A CE1 1 
ATOM   708  C CE2 . TYR A 1 121 ? 8.958   1.069   13.468  1.00 20.00 ? 121 TYR A CE2 1 
ATOM   709  C CZ  . TYR A 1 121 ? 8.618   2.366   13.908  1.00 20.00 ? 121 TYR A CZ  1 
ATOM   710  O OH  . TYR A 1 121 ? 8.424   2.627   15.251  1.00 20.00 ? 121 TYR A OH  1 
ATOM   711  N N   . LEU A 1 122 ? 12.229  0.521   10.270  1.00 20.00 ? 122 LEU A N   1 
ATOM   712  C CA  . LEU A 1 122 ? 11.495  -0.674  9.830   1.00 20.00 ? 122 LEU A CA  1 
ATOM   713  C C   . LEU A 1 122 ? 11.695  -1.817  10.820  1.00 20.00 ? 122 LEU A C   1 
ATOM   714  O O   . LEU A 1 122 ? 11.442  -2.963  10.501  1.00 20.00 ? 122 LEU A O   1 
ATOM   715  C CB  . LEU A 1 122 ? 12.009  -1.121  8.497   1.00 20.00 ? 122 LEU A CB  1 
ATOM   716  C CG  . LEU A 1 122 ? 13.439  -1.524  8.774   1.00 20.00 ? 122 LEU A CG  1 
ATOM   717  C CD1 . LEU A 1 122 ? 13.570  -3.068  8.688   1.00 20.00 ? 122 LEU A CD1 1 
ATOM   718  C CD2 . LEU A 1 122 ? 14.358  -0.786  7.804   1.00 20.00 ? 122 LEU A CD2 1 
ATOM   719  N N   . THR A 1 123 ? 12.201  -1.476  12.003  1.00 20.00 ? 123 THR A N   1 
ATOM   720  C CA  . THR A 1 123 ? 12.489  -2.403  13.064  1.00 20.00 ? 123 THR A CA  1 
ATOM   721  C C   . THR A 1 123 ? 12.332  -1.668  14.386  1.00 20.00 ? 123 THR A C   1 
ATOM   722  O O   . THR A 1 123 ? 12.116  -2.289  15.393  1.00 20.00 ? 123 THR A O   1 
ATOM   723  C CB  . THR A 1 123 ? 13.933  -2.906  13.011  1.00 20.00 ? 123 THR A CB  1 
ATOM   724  O OG1 . THR A 1 123 ? 14.829  -1.817  13.322  1.00 20.00 ? 123 THR A OG1 1 
ATOM   725  C CG2 . THR A 1 123 ? 14.295  -3.528  11.655  1.00 20.00 ? 123 THR A CG2 1 
ATOM   726  N N   . PRO A 1 124 ? 12.466  -0.330  14.405  1.00 20.00 ? 124 PRO A N   1 
ATOM   727  C CA  . PRO A 1 124 ? 12.146  0.395   15.662  1.00 20.00 ? 124 PRO A CA  1 
ATOM   728  C C   . PRO A 1 124 ? 10.765  0.149   16.329  1.00 20.00 ? 124 PRO A C   1 
ATOM   729  O O   . PRO A 1 124 ? 9.770   0.754   15.947  1.00 20.00 ? 124 PRO A O   1 
ATOM   730  C CB  . PRO A 1 124 ? 12.257  1.894   15.263  1.00 20.00 ? 124 PRO A CB  1 
ATOM   731  C CG  . PRO A 1 124 ? 12.251  1.908   13.782  1.00 20.00 ? 124 PRO A CG  1 
ATOM   732  C CD  . PRO A 1 124 ? 12.992  0.622   13.411  1.00 20.00 ? 124 PRO A CD  1 
ATOM   733  N N   . LEU A 1 125 ? 10.761  -0.722  17.341  1.00 20.00 ? 125 LEU A N   1 
ATOM   734  C CA  . LEU A 1 125 ? 9.645   -0.876  18.298  1.00 20.00 ? 125 LEU A CA  1 
ATOM   735  C C   . LEU A 1 125 ? 9.351   0.365   19.114  1.00 20.00 ? 125 LEU A C   1 
ATOM   736  O O   . LEU A 1 125 ? 8.263   0.450   19.725  1.00 20.00 ? 125 LEU A O   1 
ATOM   737  C CB  . LEU A 1 125 ? 9.977   -1.949  19.325  1.00 20.00 ? 125 LEU A CB  1 
ATOM   738  C CG  . LEU A 1 125 ? 10.069  -3.378  18.876  1.00 20.00 ? 125 LEU A CG  1 
ATOM   739  C CD1 . LEU A 1 125 ? 9.707   -4.146  20.145  1.00 20.00 ? 125 LEU A CD1 1 
ATOM   740  C CD2 . LEU A 1 125 ? 9.113   -3.614  17.703  1.00 20.00 ? 125 LEU A CD2 1 
ATOM   741  N N   . PRO A 1 126 ? 10.360  1.267   19.225  1.00 20.00 ? 126 PRO A N   1 
ATOM   742  C CA  . PRO A 1 126 ? 10.053  2.564   19.775  1.00 20.00 ? 126 PRO A CA  1 
ATOM   743  C C   . PRO A 1 126 ? 9.291   3.305   18.742  1.00 20.00 ? 126 PRO A C   1 
ATOM   744  O O   . PRO A 1 126 ? 9.642   3.254   17.547  1.00 20.00 ? 126 PRO A O   1 
ATOM   745  C CB  . PRO A 1 126 ? 11.426  3.228   19.907  1.00 20.00 ? 126 PRO A CB  1 
ATOM   746  C CG  . PRO A 1 126 ? 12.281  2.483   18.914  1.00 20.00 ? 126 PRO A CG  1 
ATOM   747  C CD  . PRO A 1 126 ? 11.820  1.091   19.088  1.00 20.00 ? 126 PRO A CD  1 
ATOM   748  N N   . GLN A 1 127 ? 8.233   3.950   19.209  1.00 20.00 ? 127 GLN A N   1 
ATOM   749  C CA  . GLN A 1 127 ? 7.706   5.094   18.521  1.00 20.00 ? 127 GLN A CA  1 
ATOM   750  C C   . GLN A 1 127 ? 8.897   6.066   18.500  1.00 20.00 ? 127 GLN A C   1 
ATOM   751  O O   . GLN A 1 127 ? 9.599   6.220   19.521  1.00 20.00 ? 127 GLN A O   1 
ATOM   752  C CB  . GLN A 1 127 ? 6.517   5.694   19.283  1.00 20.00 ? 127 GLN A CB  1 
ATOM   753  C CG  . GLN A 1 127 ? 5.266   4.799   19.429  1.00 20.00 ? 127 GLN A CG  1 
ATOM   754  C CD  . GLN A 1 127 ? 4.117   5.469   20.201  1.00 20.00 ? 127 GLN A CD  1 
ATOM   755  O OE1 . GLN A 1 127 ? 4.337   6.277   21.129  1.00 20.00 ? 127 GLN A OE1 1 
ATOM   756  N NE2 . GLN A 1 127 ? 2.876   5.123   19.828  1.00 20.00 ? 127 GLN A NE2 1 
ATOM   757  N N   . PRO A 1 128 ? 9.149   6.716   17.342  1.00 20.00 ? 128 PRO A N   1 
ATOM   758  C CA  . PRO A 1 128 ? 8.239   6.819   16.193  1.00 20.00 ? 128 PRO A CA  1 
ATOM   759  C C   . PRO A 1 128 ? 8.060   5.548   15.372  1.00 20.00 ? 128 PRO A C   1 
ATOM   760  O O   . PRO A 1 128 ? 8.978   4.766   15.165  1.00 20.00 ? 128 PRO A O   1 
ATOM   761  C CB  . PRO A 1 128 ? 8.897   7.885   15.322  1.00 20.00 ? 128 PRO A CB  1 
ATOM   762  C CG  . PRO A 1 128 ? 10.339  7.602   15.520  1.00 20.00 ? 128 PRO A CG  1 
ATOM   763  C CD  . PRO A 1 128 ? 10.498  7.195   16.984  1.00 20.00 ? 128 PRO A CD  1 
ATOM   764  N N   . ASN A 1 129 ? 6.826   5.400   14.927  1.00 20.00 ? 129 ASN A N   1 
ATOM   765  C CA  . ASN A 1 129 ? 6.355   4.318   14.112  1.00 20.00 ? 129 ASN A CA  1 
ATOM   766  C C   . ASN A 1 129 ? 6.098   4.955   12.769  1.00 20.00 ? 129 ASN A C   1 
ATOM   767  O O   . ASN A 1 129 ? 5.652   4.287   11.852  1.00 20.00 ? 129 ASN A O   1 
ATOM   768  C CB  . ASN A 1 129 ? 5.069   3.811   14.735  1.00 20.00 ? 129 ASN A CB  1 
ATOM   769  C CG  . ASN A 1 129 ? 5.143   3.825   16.257  1.00 20.00 ? 129 ASN A CG  1 
ATOM   770  O OD1 . ASN A 1 129 ? 6.180   3.464   16.829  1.00 20.00 ? 129 ASN A OD1 1 
ATOM   771  N ND2 . ASN A 1 129 ? 4.062   4.251   16.921  1.00 20.00 ? 129 ASN A ND2 1 
ATOM   772  N N   . ARG A 1 130 ? 6.384   6.263   12.676  1.00 20.00 ? 130 ARG A N   1 
ATOM   773  C CA  . ARG A 1 130 ? 6.170   7.041   11.461  1.00 20.00 ? 130 ARG A CA  1 
ATOM   774  C C   . ARG A 1 130 ? 7.386   7.898   11.125  1.00 20.00 ? 130 ARG A C   1 
ATOM   775  O O   . ARG A 1 130 ? 8.431   7.757   11.780  1.00 20.00 ? 130 ARG A O   1 
ATOM   776  C CB  . ARG A 1 130 ? 4.912   7.891   11.566  1.00 20.00 ? 130 ARG A CB  1 
ATOM   777  C CG  . ARG A 1 130 ? 3.672   7.007   11.583  1.00 20.00 ? 130 ARG A CG  1 
ATOM   778  C CD  . ARG A 1 130 ? 2.362   7.757   11.472  1.00 20.00 ? 130 ARG A CD  1 
ATOM   779  N NE  . ARG A 1 130 ? 1.211   6.851   11.545  1.00 20.00 ? 130 ARG A NE  1 
ATOM   780  C CZ  . ARG A 1 130 ? 0.756   6.127   10.520  1.00 20.00 ? 130 ARG A CZ  1 
ATOM   781  N NH1 . ARG A 1 130 ? 1.352   6.170   9.331   1.00 20.00 ? 130 ARG A NH1 1 
ATOM   782  N NH2 . ARG A 1 130 ? -0.306  5.360   10.696  1.00 20.00 ? 130 ARG A NH2 1 
ATOM   783  N N   . GLY A 1 131 ? 7.260   8.750   10.094  1.00 20.00 ? 131 GLY A N   1 
ATOM   784  C CA  . GLY A 1 131 ? 8.312   9.718   9.732   1.00 20.00 ? 131 GLY A CA  1 
ATOM   785  C C   . GLY A 1 131 ? 7.984   10.418  8.417   1.00 20.00 ? 131 GLY A C   1 
ATOM   786  O O   . GLY A 1 131 ? 6.829   10.352  7.952   1.00 20.00 ? 131 GLY A O   1 
ATOM   787  N N   . LEU A 1 132 ? 8.978   11.098  7.827   1.00 20.00 ? 132 LEU A N   1 
ATOM   788  C CA  . LEU A 1 132 ? 8.870   11.478  6.418   1.00 20.00 ? 132 LEU A CA  1 
ATOM   789  C C   . LEU A 1 132 ? 8.501   10.232  5.611   1.00 20.00 ? 132 LEU A C   1 
ATOM   790  O O   . LEU A 1 132 ? 7.777   10.314  4.621   1.00 20.00 ? 132 LEU A O   1 
ATOM   791  C CB  . LEU A 1 132 ? 10.176  12.086  5.876   1.00 20.00 ? 132 LEU A CB  1 
ATOM   792  C CG  . LEU A 1 132 ? 10.195  12.767  4.483   1.00 20.00 ? 132 LEU A CG  1 
ATOM   793  C CD1 . LEU A 1 132 ? 11.107  13.965  4.584   1.00 20.00 ? 132 LEU A CD1 1 
ATOM   794  C CD2 . LEU A 1 132 ? 10.615  11.890  3.306   1.00 19.88 ? 132 LEU A CD2 1 
ATOM   795  N N   . ALA A 1 133 ? 9.012   9.084   6.041   1.00 20.00 ? 133 ALA A N   1 
ATOM   796  C CA  . ALA A 1 133 ? 8.657   7.814   5.433   1.00 20.00 ? 133 ALA A CA  1 
ATOM   797  C C   . ALA A 1 133 ? 7.154   7.743   5.081   1.00 20.00 ? 133 ALA A C   1 
ATOM   798  O O   . ALA A 1 133 ? 6.814   7.462   3.918   1.00 20.00 ? 133 ALA A O   1 
ATOM   799  C CB  . ALA A 1 133 ? 9.030   6.658   6.355   1.00 20.00 ? 133 ALA A CB  1 
ATOM   800  N N   . PHE A 1 134 ? 6.265   7.994   6.064   1.00 20.00 ? 134 PHE A N   1 
ATOM   801  C CA  . PHE A 1 134 ? 4.847   7.815   5.846   1.00 20.00 ? 134 PHE A CA  1 
ATOM   802  C C   . PHE A 1 134 ? 4.287   9.114   5.467   1.00 20.00 ? 134 PHE A C   1 
ATOM   803  O O   . PHE A 1 134 ? 3.175   9.157   4.953   1.00 20.00 ? 134 PHE A O   1 
ATOM   804  C CB  . PHE A 1 134 ? 4.137   7.454   7.099   1.00 20.00 ? 134 PHE A CB  1 
ATOM   805  C CG  . PHE A 1 134 ? 4.565   6.208   7.677   1.00 20.00 ? 134 PHE A CG  1 
ATOM   806  C CD1 . PHE A 1 134 ? 5.328   6.227   8.826   1.00 20.00 ? 134 PHE A CD1 1 
ATOM   807  C CD2 . PHE A 1 134 ? 4.193   5.003   7.117   1.00 19.28 ? 134 PHE A CD2 1 
ATOM   808  C CE1 . PHE A 1 134 ? 5.730   5.060   9.420   1.00 18.83 ? 134 PHE A CE1 1 
ATOM   809  C CE2 . PHE A 1 134 ? 4.596   3.834   7.722   1.00 18.27 ? 134 PHE A CE2 1 
ATOM   810  C CZ  . PHE A 1 134 ? 5.366   3.871   8.873   1.00 17.95 ? 134 PHE A CZ  1 
ATOM   811  N N   . PHE A 1 135 ? 4.987   10.201  5.776   1.00 20.00 ? 135 PHE A N   1 
ATOM   812  C CA  . PHE A 1 135 ? 4.561   11.427  5.124   1.00 20.00 ? 135 PHE A CA  1 
ATOM   813  C C   . PHE A 1 135 ? 4.533   10.963  3.657   1.00 20.00 ? 135 PHE A C   1 
ATOM   814  O O   . PHE A 1 135 ? 3.623   11.302  2.905   1.00 20.00 ? 135 PHE A O   1 
ATOM   815  C CB  . PHE A 1 135 ? 5.400   12.707  5.461   1.00 20.00 ? 135 PHE A CB  1 
ATOM   816  C CG  . PHE A 1 135 ? 4.899   13.477  6.727   1.00 20.00 ? 135 PHE A CG  1 
ATOM   817  C CD1 . PHE A 1 135 ? 5.622   13.437  7.931   1.00 20.00 ? 135 PHE A CD1 1 
ATOM   818  C CD2 . PHE A 1 135 ? 3.686   14.244  6.714   1.00 20.00 ? 135 PHE A CD2 1 
ATOM   819  C CE1 . PHE A 1 135 ? 5.146   14.153  9.113   1.00 20.00 ? 135 PHE A CE1 1 
ATOM   820  C CE2 . PHE A 1 135 ? 3.220   14.976  7.887   1.00 20.00 ? 135 PHE A CE2 1 
ATOM   821  C CZ  . PHE A 1 135 ? 3.949   14.914  9.082   1.00 20.00 ? 135 PHE A CZ  1 
ATOM   822  N N   . VAL A 1 136 ? 5.424   10.058  3.277   1.00 20.00 ? 136 VAL A N   1 
ATOM   823  C CA  . VAL A 1 136 ? 5.222   9.509   1.945   1.00 20.00 ? 136 VAL A CA  1 
ATOM   824  C C   . VAL A 1 136 ? 4.025   8.575   1.737   1.00 20.00 ? 136 VAL A C   1 
ATOM   825  O O   . VAL A 1 136 ? 3.139   8.908   0.975   1.00 20.00 ? 136 VAL A O   1 
ATOM   826  C CB  . VAL A 1 136 ? 6.523   9.244   1.072   1.00 20.00 ? 136 VAL A CB  1 
ATOM   827  C CG1 . VAL A 1 136 ? 7.047   10.558  0.649   1.00 20.00 ? 136 VAL A CG1 1 
ATOM   828  C CG2 . VAL A 1 136 ? 7.650   8.590   1.846   1.00 20.00 ? 136 VAL A CG2 1 
ATOM   829  N N   . GLY A 1 137 ? 3.983   7.451   2.444   1.00 20.00 ? 137 GLY A N   1 
ATOM   830  C CA  . GLY A 1 137 ? 3.038   6.356   2.129   1.00 20.00 ? 137 GLY A CA  1 
ATOM   831  C C   . GLY A 1 137 ? 1.571   6.749   2.226   1.00 20.00 ? 137 GLY A C   1 
ATOM   832  O O   . GLY A 1 137 ? 0.858   6.849   1.223   1.00 20.00 ? 137 GLY A O   1 
ATOM   833  N N   . TYR A 1 138 ? 1.133   6.963   3.466   1.00 20.00 ? 138 TYR A N   1 
ATOM   834  C CA  . TYR A 1 138 ? -0.188  7.480   3.806   1.00 20.00 ? 138 TYR A CA  1 
ATOM   835  C C   . TYR A 1 138 ? -0.585  8.653   2.997   1.00 20.00 ? 138 TYR A C   1 
ATOM   836  O O   . TYR A 1 138 ? -1.747  8.740   2.617   1.00 20.00 ? 138 TYR A O   1 
ATOM   837  C CB  . TYR A 1 138 ? -0.173  7.994   5.224   1.00 20.00 ? 138 TYR A CB  1 
ATOM   838  C CG  . TYR A 1 138 ? -0.559  6.969   6.200   1.00 20.00 ? 138 TYR A CG  1 
ATOM   839  C CD1 . TYR A 1 138 ? -1.075  7.344   7.440   1.00 20.00 ? 138 TYR A CD1 1 
ATOM   840  C CD2 . TYR A 1 138 ? -0.447  5.611   5.899   1.00 19.61 ? 138 TYR A CD2 1 
ATOM   841  C CE1 . TYR A 1 138 ? -1.444  6.392   8.365   1.00 20.00 ? 138 TYR A CE1 1 
ATOM   842  C CE2 . TYR A 1 138 ? -0.812  4.674   6.805   1.00 18.59 ? 138 TYR A CE2 1 
ATOM   843  C CZ  . TYR A 1 138 ? -1.312  5.067   8.044   1.00 18.96 ? 138 TYR A CZ  1 
ATOM   844  O OH  . TYR A 1 138 ? -1.712  4.170   8.996   1.00 19.31 ? 138 TYR A OH  1 
ATOM   845  N N   . GLY A 1 139 ? 0.358   9.595   2.804   1.00 20.00 ? 139 GLY A N   1 
ATOM   846  C CA  . GLY A 1 139 ? 0.048   10.980  2.288   1.00 20.00 ? 139 GLY A CA  1 
ATOM   847  C C   . GLY A 1 139 ? -0.177  10.991  0.782   1.00 20.00 ? 139 GLY A C   1 
ATOM   848  O O   . GLY A 1 139 ? -0.877  11.886  0.255   1.00 20.00 ? 139 GLY A O   1 
ATOM   849  N N   . VAL A 1 140 ? 0.454   9.977   0.137   1.00 20.00 ? 140 VAL A N   1 
ATOM   850  C CA  . VAL A 1 140 ? 0.303   9.609   -1.302  1.00 20.00 ? 140 VAL A CA  1 
ATOM   851  C C   . VAL A 1 140 ? -0.971  8.803   -1.431  1.00 20.00 ? 140 VAL A C   1 
ATOM   852  O O   . VAL A 1 140 ? -1.813  9.113   -2.270  1.00 20.00 ? 140 VAL A O   1 
ATOM   853  C CB  . VAL A 1 140 ? 1.564   8.863   -1.929  1.00 20.00 ? 140 VAL A CB  1 
ATOM   854  C CG1 . VAL A 1 140 ? 1.911   7.633   -1.175  1.00 20.00 ? 140 VAL A CG1 1 
ATOM   855  C CG2 . VAL A 1 140 ? 1.346   8.536   -3.404  1.00 20.00 ? 140 VAL A CG2 1 
ATOM   856  N N   . THR A 1 141 ? -1.150  7.807   -0.577  1.00 20.00 ? 141 THR A N   1 
ATOM   857  C CA  . THR A 1 141 ? -2.486  7.254   -0.499  1.00 20.00 ? 141 THR A CA  1 
ATOM   858  C C   . THR A 1 141 ? -3.409  8.457   -0.531  1.00 20.00 ? 141 THR A C   1 
ATOM   859  O O   . THR A 1 141 ? -4.355  8.529   -1.286  1.00 20.00 ? 141 THR A O   1 
ATOM   860  C CB  . THR A 1 141 ? -2.758  6.494   0.817   1.00 20.00 ? 141 THR A CB  1 
ATOM   861  O OG1 . THR A 1 141 ? -1.530  5.954   1.312   1.00 20.00 ? 141 THR A OG1 1 
ATOM   862  C CG2 . THR A 1 141 ? -3.773  5.366   0.593   1.00 20.00 ? 141 THR A CG2 1 
ATOM   863  N N   . LEU A 1 142 ? -3.080  9.440   0.280   1.00 20.00 ? 142 LEU A N   1 
ATOM   864  C CA  . LEU A 1 142 ? -3.924  10.582  0.369   1.00 20.00 ? 142 LEU A CA  1 
ATOM   865  C C   . LEU A 1 142 ? -4.006  11.253  -1.008  1.00 20.00 ? 142 LEU A C   1 
ATOM   866  O O   . LEU A 1 142 ? -5.080  11.181  -1.586  1.00 20.00 ? 142 LEU A O   1 
ATOM   867  C CB  . LEU A 1 142 ? -3.561  11.452  1.573   1.00 20.00 ? 142 LEU A CB  1 
ATOM   868  C CG  . LEU A 1 142 ? -3.524  10.606  2.881   1.00 20.00 ? 142 LEU A CG  1 
ATOM   869  C CD1 . LEU A 1 142 ? -3.942  11.448  4.066   1.00 20.00 ? 142 LEU A CD1 1 
ATOM   870  C CD2 . LEU A 1 142 ? -4.325  9.239   2.921   1.00 19.88 ? 142 LEU A CD2 1 
ATOM   871  N N   . SER A 1 143 ? -2.906  11.783  -1.585  1.00 20.00 ? 143 SER A N   1 
ATOM   872  C CA  . SER A 1 143 ? -2.950  12.577  -2.897  1.00 20.00 ? 143 SER A CA  1 
ATOM   873  C C   . SER A 1 143 ? -3.564  11.890  -4.135  1.00 20.00 ? 143 SER A C   1 
ATOM   874  O O   . SER A 1 143 ? -4.538  12.393  -4.745  1.00 20.00 ? 143 SER A O   1 
ATOM   875  C CB  . SER A 1 143 ? -1.568  13.103  -3.328  1.00 20.00 ? 143 SER A CB  1 
ATOM   876  O OG  . SER A 1 143 ? -1.568  13.327  -4.741  1.00 20.00 ? 143 SER A OG  1 
ATOM   877  N N   . MET A 1 144 ? -2.896  10.795  -4.520  1.00 20.00 ? 144 MET A N   1 
ATOM   878  C CA  . MET A 1 144 ? -3.427  9.737   -5.425  1.00 20.00 ? 144 MET A CA  1 
ATOM   879  C C   . MET A 1 144 ? -4.757  9.123   -4.929  1.00 20.00 ? 144 MET A C   1 
ATOM   880  O O   . MET A 1 144 ? -5.617  8.795   -5.737  1.00 20.00 ? 144 MET A O   1 
ATOM   881  C CB  . MET A 1 144 ? -2.362  8.613   -5.682  1.00 20.00 ? 144 MET A CB  1 
ATOM   882  C CG  . MET A 1 144 ? -0.913  9.112   -6.026  1.00 20.00 ? 144 MET A CG  1 
ATOM   883  S SD  . MET A 1 144 ? -0.733  10.222  -7.482  1.00 20.00 ? 144 MET A SD  1 
ATOM   884  C CE  . MET A 1 144 ? -0.588  11.889  -6.791  1.00 20.00 ? 144 MET A CE  1 
ATOM   885  N N   . ALA A 1 145 ? -4.942  8.953   -3.621  1.00 20.00 ? 145 ALA A N   1 
ATOM   886  C CA  . ALA A 1 145 ? -6.314  8.723   -3.169  1.00 20.00 ? 145 ALA A CA  1 
ATOM   887  C C   . ALA A 1 145 ? -7.104  9.942   -3.692  1.00 20.00 ? 145 ALA A C   1 
ATOM   888  O O   . ALA A 1 145 ? -7.904  9.848   -4.641  1.00 20.00 ? 145 ALA A O   1 
ATOM   889  C CB  . ALA A 1 145 ? -6.442  8.579   -1.595  1.00 20.00 ? 145 ALA A CB  1 
ATOM   890  N N   . TYR A 1 146 ? -6.818  11.107  -3.130  1.00 20.00 ? 146 TYR A N   1 
ATOM   891  C CA  . TYR A 1 146 ? -7.736  12.164  -3.282  1.00 20.00 ? 146 TYR A CA  1 
ATOM   892  C C   . TYR A 1 146 ? -8.108  12.401  -4.740  1.00 20.00 ? 146 TYR A C   1 
ATOM   893  O O   . TYR A 1 146 ? -9.291  12.242  -5.071  1.00 20.00 ? 146 TYR A O   1 
ATOM   894  C CB  . TYR A 1 146 ? -7.202  13.397  -2.590  1.00 20.00 ? 146 TYR A CB  1 
ATOM   895  C CG  . TYR A 1 146 ? -7.288  13.283  -1.082  1.00 20.00 ? 146 TYR A CG  1 
ATOM   896  C CD1 . TYR A 1 146 ? -6.249  12.679  -0.358  1.00 20.00 ? 146 TYR A CD1 1 
ATOM   897  C CD2 . TYR A 1 146 ? -8.412  13.761  -0.373  1.00 20.00 ? 146 TYR A CD2 1 
ATOM   898  C CE1 . TYR A 1 146 ? -6.306  12.549  1.017   1.00 20.00 ? 146 TYR A CE1 1 
ATOM   899  C CE2 . TYR A 1 146 ? -8.470  13.645  1.023   1.00 20.00 ? 146 TYR A CE2 1 
ATOM   900  C CZ  . TYR A 1 146 ? -7.411  13.020  1.696   1.00 20.00 ? 146 TYR A CZ  1 
ATOM   901  O OH  . TYR A 1 146 ? -7.415  12.874  3.049   1.00 20.00 ? 146 TYR A OH  1 
ATOM   902  N N   . ARG A 1 147 ? -7.145  12.761  -5.611  1.00 20.00 ? 147 ARG A N   1 
ATOM   903  C CA  . ARG A 1 147 ? -7.494  13.128  -7.007  1.00 20.00 ? 147 ARG A CA  1 
ATOM   904  C C   . ARG A 1 147 ? -8.315  11.948  -7.703  1.00 20.00 ? 147 ARG A C   1 
ATOM   905  O O   . ARG A 1 147 ? -9.533  12.036  -7.960  1.00 20.00 ? 147 ARG A O   1 
ATOM   906  C CB  . ARG A 1 147 ? -6.240  13.598  -7.801  1.00 20.00 ? 147 ARG A CB  1 
ATOM   907  C CG  . ARG A 1 147 ? -5.056  14.138  -6.940  1.00 20.00 ? 147 ARG A CG  1 
ATOM   908  C CD  . ARG A 1 147 ? -4.848  15.689  -7.034  1.00 20.00 ? 147 ARG A CD  1 
ATOM   909  N NE  . ARG A 1 147 ? -4.210  16.310  -5.845  1.00 20.00 ? 147 ARG A NE  1 
ATOM   910  C CZ  . ARG A 1 147 ? -3.007  16.900  -5.822  1.00 20.00 ? 147 ARG A CZ  1 
ATOM   911  N NH1 . ARG A 1 147 ? -2.276  16.969  -6.932  1.00 20.00 ? 147 ARG A NH1 1 
ATOM   912  N NH2 . ARG A 1 147 ? -2.535  17.435  -4.685  1.00 20.00 ? 147 ARG A NH2 1 
ATOM   913  N N   . LEU A 1 148 ? -7.653  10.823  -7.928  1.00 20.00 ? 148 LEU A N   1 
ATOM   914  C CA  . LEU A 1 148 ? -8.202  9.753   -8.758  1.00 20.00 ? 148 LEU A CA  1 
ATOM   915  C C   . LEU A 1 148 ? -9.540  9.405   -8.172  1.00 20.00 ? 148 LEU A C   1 
ATOM   916  O O   . LEU A 1 148 ? -10.494 9.142   -8.896  1.00 20.00 ? 148 LEU A O   1 
ATOM   917  C CB  . LEU A 1 148 ? -7.319  8.510   -8.747  1.00 20.00 ? 148 LEU A CB  1 
ATOM   918  C CG  . LEU A 1 148 ? -6.027  8.799   -8.017  1.00 20.00 ? 148 LEU A CG  1 
ATOM   919  C CD1 . LEU A 1 148 ? -5.311  7.501   -7.728  1.00 20.00 ? 148 LEU A CD1 1 
ATOM   920  C CD2 . LEU A 1 148 ? -5.189  9.732   -8.832  1.00 19.02 ? 148 LEU A CD2 1 
ATOM   921  N N   . LEU A 1 149 ? -9.646  9.416   -6.860  1.00 20.00 ? 149 LEU A N   1 
ATOM   922  C CA  . LEU A 1 149 ? -10.958 9.134   -6.351  1.00 20.00 ? 149 LEU A CA  1 
ATOM   923  C C   . LEU A 1 149 ? -12.007 9.979   -7.057  1.00 20.00 ? 149 LEU A C   1 
ATOM   924  O O   . LEU A 1 149 ? -12.911 9.466   -7.771  1.00 20.00 ? 149 LEU A O   1 
ATOM   925  C CB  . LEU A 1 149 ? -11.069 9.389   -4.842  1.00 20.00 ? 149 LEU A CB  1 
ATOM   926  C CG  . LEU A 1 149 ? -10.001 8.550   -4.162  1.00 20.00 ? 149 LEU A CG  1 
ATOM   927  C CD1 . LEU A 1 149 ? -10.473 8.129   -2.813  1.00 19.44 ? 149 LEU A CD1 1 
ATOM   928  C CD2 . LEU A 1 149 ? -9.584  7.378   -5.074  1.00 20.00 ? 149 LEU A CD2 1 
ATOM   929  N N   . ARG A 1 150 ? -11.805 11.285  -6.908  1.00 20.00 ? 150 ARG A N   1 
ATOM   930  C CA  . ARG A 1 150 ? -12.787 12.258  -7.246  1.00 20.00 ? 150 ARG A CA  1 
ATOM   931  C C   . ARG A 1 150 ? -12.982 12.080  -8.770  1.00 20.00 ? 150 ARG A C   1 
ATOM   932  O O   . ARG A 1 150 ? -14.137 12.019  -9.262  1.00 20.00 ? 150 ARG A O   1 
ATOM   933  C CB  . ARG A 1 150 ? -12.265 13.637  -6.805  1.00 20.00 ? 150 ARG A CB  1 
ATOM   934  C CG  . ARG A 1 150 ? -11.929 13.735  -5.268  1.00 20.00 ? 150 ARG A CG  1 
ATOM   935  C CD  . ARG A 1 150 ? -10.670 14.625  -4.945  1.00 20.00 ? 150 ARG A CD  1 
ATOM   936  N NE  . ARG A 1 150 ? -10.914 15.433  -3.743  1.00 20.00 ? 150 ARG A NE  1 
ATOM   937  C CZ  . ARG A 1 150 ? -10.205 16.508  -3.357  1.00 20.00 ? 150 ARG A CZ  1 
ATOM   938  N NH1 . ARG A 1 150 ? -9.145  16.911  -4.052  1.00 20.00 ? 150 ARG A NH1 1 
ATOM   939  N NH2 . ARG A 1 150 ? -10.560 17.198  -2.255  1.00 20.00 ? 150 ARG A NH2 1 
ATOM   940  N N   . SER A 1 151 ? -11.847 11.879  -9.469  1.00 20.00 ? 151 SER A N   1 
ATOM   941  C CA  . SER A 1 151 ? -11.806 11.865  -10.941 1.00 20.00 ? 151 SER A CA  1 
ATOM   942  C C   . SER A 1 151 ? -12.737 10.908  -11.682 1.00 20.00 ? 151 SER A C   1 
ATOM   943  O O   . SER A 1 151 ? -13.708 11.352  -12.281 1.00 20.00 ? 151 SER A O   1 
ATOM   944  C CB  . SER A 1 151 ? -10.378 11.937  -11.529 1.00 20.00 ? 151 SER A CB  1 
ATOM   945  O OG  . SER A 1 151 ? -9.607  10.792  -11.267 1.00 20.00 ? 151 SER A OG  1 
ATOM   946  N N   . ARG A 1 152 ? -12.495 9.612   -11.657 1.00 20.00 ? 152 ARG A N   1 
ATOM   947  C CA  . ARG A 1 152 ? -13.491 8.762   -12.302 1.00 20.00 ? 152 ARG A CA  1 
ATOM   948  C C   . ARG A 1 152 ? -14.919 8.858   -11.696 1.00 20.00 ? 152 ARG A C   1 
ATOM   949  O O   . ARG A 1 152 ? -15.896 8.637   -12.415 1.00 20.00 ? 152 ARG A O   1 
ATOM   950  C CB  . ARG A 1 152 ? -13.051 7.322   -12.376 1.00 20.00 ? 152 ARG A CB  1 
ATOM   951  C CG  . ARG A 1 152 ? -11.620 7.203   -12.682 1.00 20.00 ? 152 ARG A CG  1 
ATOM   952  C CD  . ARG A 1 152 ? -11.314 7.616   -14.065 1.00 19.57 ? 152 ARG A CD  1 
ATOM   953  N NE  . ARG A 1 152 ? -9.881  7.541   -14.237 1.00 19.04 ? 152 ARG A NE  1 
ATOM   954  C CZ  . ARG A 1 152 ? -9.309  7.218   -15.389 1.00 19.73 ? 152 ARG A CZ  1 
ATOM   955  N NH1 . ARG A 1 152 ? -10.076 6.967   -16.437 1.00 18.94 ? 152 ARG A NH1 1 
ATOM   956  N NH2 . ARG A 1 152 ? -7.981  7.174   -15.508 1.00 20.00 ? 152 ARG A NH2 1 
ATOM   957  N N   . LEU A 1 153 ? -15.064 9.201   -10.412 1.00 20.00 ? 153 LEU A N   1 
ATOM   958  C CA  . LEU A 1 153 ? -16.429 9.487   -9.860  1.00 20.00 ? 153 LEU A CA  1 
ATOM   959  C C   . LEU A 1 153 ? -17.215 10.604  -10.601 1.00 20.00 ? 153 LEU A C   1 
ATOM   960  O O   . LEU A 1 153 ? -18.292 10.324  -11.174 1.00 20.00 ? 153 LEU A O   1 
ATOM   961  C CB  . LEU A 1 153 ? -16.427 9.870   -8.351  1.00 20.00 ? 153 LEU A CB  1 
ATOM   962  C CG  . LEU A 1 153 ? -15.226 9.798   -7.401  1.00 20.00 ? 153 LEU A CG  1 
ATOM   963  C CD1 . LEU A 1 153 ? -15.251 10.904  -6.354  1.00 20.00 ? 153 LEU A CD1 1 
ATOM   964  C CD2 . LEU A 1 153 ? -15.181 8.440   -6.769  1.00 20.00 ? 153 LEU A CD2 1 
ATOM   965  N N   . TYR A 1 154 ? -16.686 11.853  -10.540 1.00 20.00 ? 154 TYR A N   1 
ATOM   966  C CA  . TYR A 1 154 ? -17.405 13.055  -11.032 1.00 20.00 ? 154 TYR A CA  1 
ATOM   967  C C   . TYR A 1 154 ? -17.548 12.860  -12.538 1.00 20.00 ? 154 TYR A C   1 
ATOM   968  O O   . TYR A 1 154 ? -18.227 13.608  -13.239 1.00 20.00 ? 154 TYR A O   1 
ATOM   969  C CB  . TYR A 1 154 ? -16.697 14.404  -10.715 1.00 20.00 ? 154 TYR A CB  1 
ATOM   970  C CG  . TYR A 1 154 ? -16.234 14.693  -9.275  1.00 20.00 ? 154 TYR A CG  1 
ATOM   971  C CD1 . TYR A 1 154 ? -15.482 13.754  -8.547  1.00 19.56 ? 154 TYR A CD1 1 
ATOM   972  C CD2 . TYR A 1 154 ? -16.493 15.935  -8.656  1.00 20.00 ? 154 TYR A CD2 1 
ATOM   973  C CE1 . TYR A 1 154 ? -15.021 14.016  -7.207  1.00 19.53 ? 154 TYR A CE1 1 
ATOM   974  C CE2 . TYR A 1 154 ? -16.026 16.217  -7.302  1.00 20.00 ? 154 TYR A CE2 1 
ATOM   975  C CZ  . TYR A 1 154 ? -15.270 15.243  -6.587  1.00 19.88 ? 154 TYR A CZ  1 
ATOM   976  O OH  . TYR A 1 154 ? -14.805 15.444  -5.275  1.00 18.63 ? 154 TYR A OH  1 
ATOM   977  N N   . LEU A 1 155 ? -16.885 11.824  -13.028 1.00 20.00 ? 155 LEU A N   1 
ATOM   978  C CA  . LEU A 1 155 ? -17.078 11.370  -14.387 1.00 20.00 ? 155 LEU A CA  1 
ATOM   979  C C   . LEU A 1 155 ? -17.305 9.839   -14.384 1.00 20.00 ? 155 LEU A C   1 
ATOM   980  O O   . LEU A 1 155 ? -18.430 9.343   -14.547 1.00 20.00 ? 155 LEU A O   1 
ATOM   981  C CB  . LEU A 1 155 ? -15.888 11.790  -15.291 1.00 20.00 ? 155 LEU A CB  1 
ATOM   982  C CG  . LEU A 1 155 ? -14.433 11.278  -15.185 1.00 19.73 ? 155 LEU A CG  1 
ATOM   983  C CD1 . LEU A 1 155 ? -14.307 9.826   -15.539 1.00 17.42 ? 155 LEU A CD1 1 
ATOM   984  C CD2 . LEU A 1 155 ? -13.475 12.100  -16.067 1.00 20.00 ? 155 LEU A CD2 1 
HETATM 985  N N1  . GSH B 2 .   ? -4.739  -9.917  13.356  1.00 16.99 ? 201 GSH A N1  1 
HETATM 986  C CA1 . GSH B 2 .   ? -3.318  -10.114 13.748  1.00 18.51 ? 201 GSH A CA1 1 
HETATM 987  C C1  . GSH B 2 .   ? -2.464  -9.598  12.608  1.00 18.31 ? 201 GSH A C1  1 
HETATM 988  O O11 . GSH B 2 .   ? -3.050  -9.333  11.449  1.00 17.64 ? 201 GSH A O11 1 
HETATM 989  O O12 . GSH B 2 .   ? -1.240  -9.401  12.755  1.00 16.28 ? 201 GSH A O12 1 
HETATM 990  C CB1 . GSH B 2 .   ? -3.094  -11.620 14.032  1.00 19.26 ? 201 GSH A CB1 1 
HETATM 991  C CG1 . GSH B 2 .   ? -1.712  -11.825 14.642  1.00 20.00 ? 201 GSH A CG1 1 
HETATM 992  C CD1 . GSH B 2 .   ? -1.530  -13.187 15.269  1.00 20.00 ? 201 GSH A CD1 1 
HETATM 993  O OE1 . GSH B 2 .   ? -2.555  -13.919 15.728  1.00 20.00 ? 201 GSH A OE1 1 
HETATM 994  N N2  . GSH B 2 .   ? -0.281  -13.607 15.357  1.00 20.00 ? 201 GSH A N2  1 
HETATM 995  C CA2 . GSH B 2 .   ? 0.048   -14.985 15.723  1.00 20.00 ? 201 GSH A CA2 1 
HETATM 996  C C2  . GSH B 2 .   ? 1.014   -14.940 16.900  1.00 20.00 ? 201 GSH A C2  1 
HETATM 997  O O2  . GSH B 2 .   ? 1.805   -15.992 17.151  1.00 20.00 ? 201 GSH A O2  1 
HETATM 998  C CB2 . GSH B 2 .   ? 0.691   -15.704 14.540  1.00 20.00 ? 201 GSH A CB2 1 
HETATM 999  S SG2 . GSH B 2 .   ? -0.237  -15.593 13.015  1.00 20.00 ? 201 GSH A SG2 1 
HETATM 1000 N N3  . GSH B 2 .   ? 0.985   -13.798 17.632  1.00 20.00 ? 201 GSH A N3  1 
HETATM 1001 C CA3 . GSH B 2 .   ? 1.911   -13.548 18.754  1.00 20.00 ? 201 GSH A CA3 1 
HETATM 1002 C C3  . GSH B 2 .   ? 1.229   -13.708 20.122  1.00 20.00 ? 201 GSH A C3  1 
HETATM 1003 O O31 . GSH B 2 .   ? 0.071   -14.189 20.193  1.00 20.00 ? 201 GSH A O31 1 
HETATM 1004 O O32 . GSH B 2 .   ? 1.886   -13.364 21.199  1.00 20.00 ? 201 GSH A O32 1 
HETATM 1005 O O12 . PC1 C 3 .   ? -0.712  16.384  -21.723 1.00 20.00 ? 202 PC1 A O12 1 
HETATM 1006 P P   . PC1 C 3 .   ? 0.677   15.794  -21.964 1.00 20.00 ? 202 PC1 A P   1 
HETATM 1007 O O14 . PC1 C 3 .   ? 1.925   16.646  -21.741 1.00 20.00 ? 202 PC1 A O14 1 
HETATM 1008 O O13 . PC1 C 3 .   ? 0.668   15.208  -23.508 1.00 20.00 ? 202 PC1 A O13 1 
HETATM 1009 C C11 . PC1 C 3 .   ? -0.063  15.842  -24.609 1.00 20.00 ? 202 PC1 A C11 1 
HETATM 1010 C C12 . PC1 C 3 .   ? -0.579  14.825  -25.674 1.00 20.00 ? 202 PC1 A C12 1 
HETATM 1011 N N   . PC1 C 3 .   ? -2.039  14.884  -26.022 1.00 20.00 ? 202 PC1 A N   1 
HETATM 1012 C C13 . PC1 C 3 .   ? -2.258  14.795  -27.484 1.00 20.00 ? 202 PC1 A C13 1 
HETATM 1013 C C14 . PC1 C 3 .   ? -2.673  16.146  -25.554 1.00 20.00 ? 202 PC1 A C14 1 
HETATM 1014 C C15 . PC1 C 3 .   ? -2.738  13.699  -25.471 1.00 20.00 ? 202 PC1 A C15 1 
HETATM 1015 O O11 . PC1 C 3 .   ? 0.718   14.568  -20.879 1.00 20.00 ? 202 PC1 A O11 1 
HETATM 1016 C C1  . PC1 C 3 .   ? 0.125   14.721  -19.556 1.00 20.00 ? 202 PC1 A C1  1 
HETATM 1017 C C2  . PC1 C 3 .   ? 1.087   15.248  -18.462 1.00 20.00 ? 202 PC1 A C2  1 
HETATM 1018 O O21 . PC1 C 3 .   ? 2.421   14.741  -18.685 1.00 20.00 ? 202 PC1 A O21 1 
HETATM 1019 C C21 . PC1 C 3 .   ? 2.860   13.585  -17.905 1.00 20.00 ? 202 PC1 A C21 1 
HETATM 1020 O O22 . PC1 C 3 .   ? 2.673   13.572  -16.693 1.00 20.00 ? 202 PC1 A O22 1 
HETATM 1021 C C22 . PC1 C 3 .   ? 3.552   12.437  -18.598 1.00 19.85 ? 202 PC1 A C22 1 
HETATM 1022 C C23 . PC1 C 3 .   ? 4.275   11.739  -17.466 1.00 19.58 ? 202 PC1 A C23 1 
HETATM 1023 C C24 . PC1 C 3 .   ? 4.449   10.271  -17.815 1.00 20.00 ? 202 PC1 A C24 1 
HETATM 1024 C C25 . PC1 C 3 .   ? 5.247   9.566   -16.721 1.00 20.00 ? 202 PC1 A C25 1 
HETATM 1025 C C26 . PC1 C 3 .   ? 6.631   9.234   -17.255 1.00 20.00 ? 202 PC1 A C26 1 
HETATM 1026 C C27 . PC1 C 3 .   ? 6.634   7.811   -17.800 1.00 20.00 ? 202 PC1 A C27 1 
HETATM 1027 C C28 . PC1 C 3 .   ? 6.002   7.652   -19.187 1.00 20.00 ? 202 PC1 A C28 1 
HETATM 1028 C C29 . PC1 C 3 .   ? 6.437   6.309   -19.809 1.00 20.00 ? 202 PC1 A C29 1 
HETATM 1029 C C2A . PC1 C 3 .   ? 5.578   5.075   -19.457 1.00 20.00 ? 202 PC1 A C2A 1 
HETATM 1030 C C2B . PC1 C 3 .   ? 6.389   3.786   -19.242 1.00 20.00 ? 202 PC1 A C2B 1 
HETATM 1031 C C2C . PC1 C 3 .   ? 7.616   3.978   -18.324 1.00 20.00 ? 202 PC1 A C2C 1 
HETATM 1032 C C2D . PC1 C 3 .   ? 7.869   2.812   -17.343 1.00 20.00 ? 202 PC1 A C2D 1 
HETATM 1033 C C2E . PC1 C 3 .   ? 7.492   3.175   -15.887 1.00 20.00 ? 202 PC1 A C2E 1 
HETATM 1034 C C2F . PC1 C 3 .   ? 6.983   1.953   -15.084 1.00 20.00 ? 202 PC1 A C2F 1 
HETATM 1035 C C2G . PC1 C 3 .   ? 7.255   2.076   -13.576 1.00 20.00 ? 202 PC1 A C2G 1 
HETATM 1036 C C2H . PC1 C 3 .   ? 7.537   0.690   -12.968 1.00 20.00 ? 202 PC1 A C2H 1 
HETATM 1037 C C2I . PC1 C 3 .   ? 7.495   0.682   -11.447 1.00 20.00 ? 202 PC1 A C2I 1 
HETATM 1038 C C3  . PC1 C 3 .   ? 1.134   16.796  -18.402 1.00 20.00 ? 202 PC1 A C3  1 
HETATM 1039 O O31 . PC1 C 3 .   ? 2.138   17.278  -17.471 1.00 20.00 ? 202 PC1 A O31 1 
HETATM 1040 C C31 . PC1 C 3 .   ? 1.968   17.221  -15.984 1.00 20.00 ? 202 PC1 A C31 1 
HETATM 1041 O O32 . PC1 C 3 .   ? 0.893   17.589  -15.511 1.00 20.00 ? 202 PC1 A O32 1 
HETATM 1042 C C32 . PC1 C 3 .   ? 3.097   16.711  -15.053 1.00 20.00 ? 202 PC1 A C32 1 
HETATM 1043 C C33 . PC1 C 3 .   ? 2.705   16.492  -13.559 1.00 20.00 ? 202 PC1 A C33 1 
HETATM 1044 C C34 . PC1 C 3 .   ? 2.640   14.999  -13.101 1.00 20.00 ? 202 PC1 A C34 1 
HETATM 1045 C C35 . PC1 C 3 .   ? 3.545   14.570  -11.924 1.00 20.00 ? 202 PC1 A C35 1 
HETATM 1046 C C36 . PC1 C 3 .   ? 3.142   15.212  -10.582 1.00 20.00 ? 202 PC1 A C36 1 
HETATM 1047 C C37 . PC1 C 3 .   ? 3.551   14.433  -9.311  1.00 20.00 ? 202 PC1 A C37 1 
HETATM 1048 C C38 . PC1 C 3 .   ? 2.369   14.336  -8.284  1.00 20.00 ? 202 PC1 A C38 1 
HETATM 1049 C C39 . PC1 C 3 .   ? 2.766   13.876  -6.865  1.00 20.00 ? 202 PC1 A C39 1 
HETATM 1050 C C3A . PC1 C 3 .   ? 3.017   12.352  -6.698  1.00 20.00 ? 202 PC1 A C3A 1 
HETATM 1051 C C3B . PC1 C 3 .   ? 3.321   12.083  -5.214  1.00 20.00 ? 202 PC1 A C3B 1 
HETATM 1052 C C3C . PC1 C 3 .   ? 3.865   10.683  -4.950  1.00 20.00 ? 202 PC1 A C3C 1 
HETATM 1053 C C3D . PC1 C 3 .   ? 3.329   10.161  -3.610  1.00 20.00 ? 202 PC1 A C3D 1 
HETATM 1054 C C3E . PC1 C 3 .   ? 4.159   10.425  -2.347  1.00 20.00 ? 202 PC1 A C3E 1 
HETATM 1055 C C3F . PC1 C 3 .   ? 5.645   10.518  -2.630  1.00 20.00 ? 202 PC1 A C3F 1 
HETATM 1056 C C3G . PC1 C 3 .   ? 6.293   11.546  -1.720  1.00 20.00 ? 202 PC1 A C3G 1 
HETATM 1057 C C3H . PC1 C 3 .   ? 7.807   11.491  -1.911  1.00 20.00 ? 202 PC1 A C3H 1 
HETATM 1058 C C3I . PC1 C 3 .   ? 8.414   10.146  -1.540  1.00 20.00 ? 202 PC1 A C3I 1 
HETATM 1059 O O12 . PC1 D 3 .   ? 17.792  7.525   13.186  1.00 20.00 ? 203 PC1 A O12 1 
HETATM 1060 P P   . PC1 D 3 .   ? 16.517  7.490   12.362  1.00 20.00 ? 203 PC1 A P   1 
HETATM 1061 O O14 . PC1 D 3 .   ? 15.449  8.543   12.618  1.00 20.00 ? 203 PC1 A O14 1 
HETATM 1062 O O13 . PC1 D 3 .   ? 15.788  6.064   12.705  1.00 20.00 ? 203 PC1 A O13 1 
HETATM 1063 C C11 . PC1 D 3 .   ? 16.235  4.774   12.265  1.00 20.00 ? 203 PC1 A C11 1 
HETATM 1064 C C12 . PC1 D 3 .   ? 15.687  3.721   13.227  1.00 20.00 ? 203 PC1 A C12 1 
HETATM 1065 N N   . PC1 D 3 .   ? 16.543  3.390   14.408  1.00 20.00 ? 203 PC1 A N   1 
HETATM 1066 C C13 . PC1 D 3 .   ? 15.706  2.655   15.395  1.00 20.00 ? 203 PC1 A C13 1 
HETATM 1067 C C14 . PC1 D 3 .   ? 17.112  4.583   15.073  1.00 20.00 ? 203 PC1 A C14 1 
HETATM 1068 C C15 . PC1 D 3 .   ? 17.656  2.486   14.023  1.00 20.00 ? 203 PC1 A C15 1 
HETATM 1069 O O11 . PC1 D 3 .   ? 16.910  7.383   10.756  1.00 20.00 ? 203 PC1 A O11 1 
HETATM 1070 C C1  . PC1 D 3 .   ? 16.818  8.428   9.749   1.00 20.00 ? 203 PC1 A C1  1 
HETATM 1071 C C2  . PC1 D 3 .   ? 16.826  7.924   8.275   1.00 20.00 ? 203 PC1 A C2  1 
HETATM 1072 O O21 . PC1 D 3 .   ? 15.475  7.644   7.823   1.00 20.00 ? 203 PC1 A O21 1 
HETATM 1073 C C21 . PC1 D 3 .   ? 15.401  6.378   7.084   1.00 20.00 ? 203 PC1 A C21 1 
HETATM 1074 O O22 . PC1 D 3 .   ? 15.927  5.382   7.582   1.00 20.00 ? 203 PC1 A O22 1 
HETATM 1075 C C22 . PC1 D 3 .   ? 14.720  6.288   5.723   1.00 20.00 ? 203 PC1 A C22 1 
HETATM 1076 C C23 . PC1 D 3 .   ? 15.300  5.112   4.923   1.00 20.00 ? 203 PC1 A C23 1 
HETATM 1077 C C24 . PC1 D 3 .   ? 15.756  5.546   3.526   1.00 20.00 ? 203 PC1 A C24 1 
HETATM 1078 C C25 . PC1 D 3 .   ? 15.814  4.320   2.610   1.00 20.00 ? 203 PC1 A C25 1 
HETATM 1079 C C26 . PC1 D 3 .   ? 16.213  4.687   1.164   1.00 20.00 ? 203 PC1 A C26 1 
HETATM 1080 C C27 . PC1 D 3 .   ? 16.176  3.487   0.203   1.00 20.00 ? 203 PC1 A C27 1 
HETATM 1081 C C28 . PC1 D 3 .   ? 15.123  3.721   -0.891  1.00 20.00 ? 203 PC1 A C28 1 
HETATM 1082 C C29 . PC1 D 3 .   ? 15.537  4.774   -1.959  1.00 20.00 ? 203 PC1 A C29 1 
HETATM 1083 C C2A . PC1 D 3 .   ? 14.690  4.573   -3.232  1.00 20.00 ? 203 PC1 A C2A 1 
HETATM 1084 C C2B . PC1 D 3 .   ? 15.285  5.240   -4.479  1.00 20.00 ? 203 PC1 A C2B 1 
HETATM 1085 C C2C . PC1 D 3 .   ? 16.484  4.471   -5.051  1.00 20.00 ? 203 PC1 A C2C 1 
HETATM 1086 C C2D . PC1 D 3 .   ? 16.349  4.034   -6.523  1.00 20.00 ? 203 PC1 A C2D 1 
HETATM 1087 C C2E . PC1 D 3 .   ? 15.121  3.234   -6.993  1.00 20.00 ? 203 PC1 A C2E 1 
HETATM 1088 C C2F . PC1 D 3 .   ? 15.112  3.403   -8.512  1.00 20.00 ? 203 PC1 A C2F 1 
HETATM 1089 C C2G . PC1 D 3 .   ? 14.251  2.417   -9.285  1.00 20.00 ? 203 PC1 A C2G 1 
HETATM 1090 C C2H . PC1 D 3 .   ? 14.379  2.773   -10.773 1.00 20.00 ? 203 PC1 A C2H 1 
HETATM 1091 C C2I . PC1 D 3 .   ? 13.061  2.708   -11.527 1.00 20.00 ? 203 PC1 A C2I 1 
HETATM 1092 C C3  . PC1 D 3 .   ? 17.512  8.904   7.290   1.00 20.00 ? 203 PC1 A C3  1 
HETATM 1093 O O31 . PC1 D 3 .   ? 18.750  8.368   6.749   1.00 20.00 ? 203 PC1 A O31 1 
HETATM 1094 C C31 . PC1 D 3 .   ? 19.808  9.165   6.074   1.00 20.00 ? 203 PC1 A C31 1 
HETATM 1095 O O32 . PC1 D 3 .   ? 20.723  9.566   6.774   1.00 20.00 ? 203 PC1 A O32 1 
HETATM 1096 C C32 . PC1 D 3 .   ? 19.769  9.482   4.568   1.00 20.00 ? 203 PC1 A C32 1 
HETATM 1097 C C33 . PC1 D 3 .   ? 21.065  10.057  3.949   1.00 20.00 ? 203 PC1 A C33 1 
HETATM 1098 C C34 . PC1 D 3 .   ? 20.885  10.326  2.441   1.00 20.00 ? 203 PC1 A C34 1 
HETATM 1099 C C35 . PC1 D 3 .   ? 21.998  11.064  1.668   1.00 18.50 ? 203 PC1 A C35 1 
HETATM 1100 C C36 . PC1 D 3 .   ? 22.404  10.174  0.474   1.00 17.00 ? 203 PC1 A C36 1 
HETATM 1101 C C37 . PC1 D 3 .   ? 22.579  10.735  -0.956  1.00 16.65 ? 203 PC1 A C37 1 
HETATM 1102 C C38 . PC1 D 3 .   ? 21.600  10.200  -2.019  1.00 16.29 ? 203 PC1 A C38 1 
HETATM 1103 C C39 . PC1 D 3 .   ? 21.876  9.823   -3.363  1.00 15.94 ? 203 PC1 A C39 1 
HETATM 1104 C C3A . PC1 D 3 .   ? 20.526  9.900   -4.007  1.00 16.56 ? 203 PC1 A C3A 1 
HETATM 1105 C C3B . PC1 D 3 .   ? 20.901  9.649   -5.496  1.00 15.38 ? 203 PC1 A C3B 1 
HETATM 1106 C C3C . PC1 D 3 .   ? 19.930  10.032  -6.389  1.00 16.00 ? 203 PC1 A C3C 1 
HETATM 1107 C C3D . PC1 D 3 .   ? 20.757  10.290  -7.548  1.00 15.79 ? 203 PC1 A C3D 1 
HETATM 1108 C C3E . PC1 D 3 .   ? 19.833  9.783   -8.660  1.00 16.53 ? 203 PC1 A C3E 1 
HETATM 1109 C C3F . PC1 D 3 .   ? 19.994  10.998  -9.475  1.00 18.20 ? 203 PC1 A C3F 1 
HETATM 1110 C C3G . PC1 D 3 .   ? 19.016  10.900  -10.638 1.00 18.98 ? 203 PC1 A C3G 1 
HETATM 1111 C C3H . PC1 D 3 .   ? 17.671  10.157  -10.353 1.00 18.30 ? 203 PC1 A C3H 1 
HETATM 1112 C C3I . PC1 D 3 .   ? 17.305  8.911   -11.126 1.00 17.05 ? 203 PC1 A C3I 1 
HETATM 1113 C C1  . PLM E 4 .   ? 8.539   -1.519  10.593  1.00 20.00 ? 204 PLM A C1  1 
HETATM 1114 C C2  . PLM E 4 .   ? 9.321   -1.481  9.285   1.00 20.00 ? 204 PLM A C2  1 
HETATM 1115 C C3  . PLM E 4 .   ? 8.946   -2.673  8.407   1.00 20.00 ? 204 PLM A C3  1 
HETATM 1116 C C4  . PLM E 4 .   ? 9.654   -2.688  7.063   1.00 20.00 ? 204 PLM A C4  1 
HETATM 1117 C C5  . PLM E 4 .   ? 8.552   -2.933  6.043   1.00 20.00 ? 204 PLM A C5  1 
HETATM 1118 C C6  . PLM E 4 .   ? 9.045   -3.615  4.779   1.00 20.00 ? 204 PLM A C6  1 
HETATM 1119 C C7  . PLM E 4 .   ? 7.885   -3.693  3.772   1.00 20.00 ? 204 PLM A C7  1 
HETATM 1120 C C8  . PLM E 4 .   ? 8.342   -4.330  2.458   1.00 20.00 ? 204 PLM A C8  1 
HETATM 1121 C C9  . PLM E 4 .   ? 7.301   -4.110  1.357   1.00 20.00 ? 204 PLM A C9  1 
HETATM 1122 C CA  . PLM E 4 .   ? 7.621   -4.882  0.073   1.00 20.00 ? 204 PLM A CA  1 
HETATM 1123 C C1  . PLM F 4 .   ? -10.233 3.864   3.796   1.00 20.00 ? 205 PLM A C1  1 
HETATM 1124 C C2  . PLM F 4 .   ? -11.189 4.673   2.928   1.00 20.00 ? 205 PLM A C2  1 
HETATM 1125 C C3  . PLM F 4 .   ? -10.682 4.571   1.475   1.00 20.00 ? 205 PLM A C3  1 
HETATM 1126 C C4  . PLM F 4 .   ? -11.230 5.663   0.499   1.00 20.00 ? 205 PLM A C4  1 
HETATM 1127 C C5  . PLM F 4 .   ? -11.441 5.029   -0.915  1.00 18.83 ? 205 PLM A C5  1 
HETATM 1128 C C6  . PLM F 4 .   ? -12.471 5.766   -1.817  1.00 18.64 ? 205 PLM A C6  1 
HETATM 1129 C C7  . PLM F 4 .   ? -12.810 5.088   -3.196  1.00 17.09 ? 205 PLM A C7  1 
HETATM 1130 C C8  . PLM F 4 .   ? -14.239 5.352   -3.793  1.00 15.29 ? 205 PLM A C8  1 
HETATM 1131 C C9  . PLM F 4 .   ? -14.551 4.369   -4.929  1.00 13.87 ? 205 PLM A C9  1 
HETATM 1132 C CA  . PLM F 4 .   ? -14.946 4.952   -6.287  1.00 13.04 ? 205 PLM A CA  1 
# 
